data_1CI4
# 
_entry.id   1CI4 
# 
_audit_conform.dict_name       mmcif_pdbx.dic 
_audit_conform.dict_version    5.397 
_audit_conform.dict_location   http://mmcif.pdb.org/dictionaries/ascii/mmcif_pdbx.dic 
# 
loop_
_database_2.database_id 
_database_2.database_code 
_database_2.pdbx_database_accession 
_database_2.pdbx_DOI 
PDB   1CI4         pdb_00001ci4 10.2210/pdb1ci4/pdb 
RCSB  RCSB000807   ?            ?                   
WWPDB D_1000000807 ?            ?                   
# 
loop_
_pdbx_audit_revision_history.ordinal 
_pdbx_audit_revision_history.data_content_type 
_pdbx_audit_revision_history.major_revision 
_pdbx_audit_revision_history.minor_revision 
_pdbx_audit_revision_history.revision_date 
1 'Structure model' 1 0 2000-08-16 
2 'Structure model' 1 1 2008-04-26 
3 'Structure model' 1 2 2011-07-13 
4 'Structure model' 2 0 2019-11-27 
5 'Structure model' 2 1 2023-12-27 
6 'Structure model' 2 2 2024-10-30 
# 
_pdbx_audit_revision_details.ordinal             1 
_pdbx_audit_revision_details.revision_ordinal    1 
_pdbx_audit_revision_details.data_content_type   'Structure model' 
_pdbx_audit_revision_details.provider            repository 
_pdbx_audit_revision_details.type                'Initial release' 
_pdbx_audit_revision_details.description         ? 
_pdbx_audit_revision_details.details             ? 
# 
loop_
_pdbx_audit_revision_group.ordinal 
_pdbx_audit_revision_group.revision_ordinal 
_pdbx_audit_revision_group.data_content_type 
_pdbx_audit_revision_group.group 
1  2 'Structure model' 'Version format compliance' 
2  3 'Structure model' 'Version format compliance' 
3  4 'Structure model' 'Atomic model'              
4  4 'Structure model' 'Database references'       
5  4 'Structure model' 'Derived calculations'      
6  5 'Structure model' Advisory                    
7  5 'Structure model' 'Data collection'           
8  5 'Structure model' 'Database references'       
9  5 'Structure model' 'Derived calculations'      
10 6 'Structure model' 'Structure summary'         
# 
loop_
_pdbx_audit_revision_category.ordinal 
_pdbx_audit_revision_category.revision_ordinal 
_pdbx_audit_revision_category.data_content_type 
_pdbx_audit_revision_category.category 
1  4 'Structure model' atom_site                    
2  4 'Structure model' citation                     
3  4 'Structure model' struct_conn                  
4  4 'Structure model' struct_ref_seq_dif           
5  5 'Structure model' chem_comp_atom               
6  5 'Structure model' chem_comp_bond               
7  5 'Structure model' database_2                   
8  5 'Structure model' pdbx_struct_special_symmetry 
9  5 'Structure model' pdbx_validate_symm_contact   
10 6 'Structure model' pdbx_entry_details           
11 6 'Structure model' pdbx_modification_feature    
# 
loop_
_pdbx_audit_revision_item.ordinal 
_pdbx_audit_revision_item.revision_ordinal 
_pdbx_audit_revision_item.data_content_type 
_pdbx_audit_revision_item.item 
1 4 'Structure model' '_atom_site.occupancy'                
2 4 'Structure model' '_citation.pdbx_database_id_DOI'      
3 4 'Structure model' '_citation.pdbx_database_id_PubMed'   
4 4 'Structure model' '_citation.title'                     
5 4 'Structure model' '_struct_conn.pdbx_leaving_atom_flag' 
6 4 'Structure model' '_struct_ref_seq_dif.details'         
7 5 'Structure model' '_database_2.pdbx_DOI'                
8 5 'Structure model' '_database_2.pdbx_database_accession' 
# 
_pdbx_database_status.status_code                     REL 
_pdbx_database_status.entry_id                        1CI4 
_pdbx_database_status.recvd_initial_deposition_date   1999-04-07 
_pdbx_database_status.deposit_site                    BNL 
_pdbx_database_status.process_site                    RCSB 
_pdbx_database_status.status_code_sf                  REL 
_pdbx_database_status.SG_entry                        . 
_pdbx_database_status.pdb_format_compatible           Y 
_pdbx_database_status.status_code_mr                  ? 
_pdbx_database_status.status_code_cs                  ? 
_pdbx_database_status.methods_development_category    ? 
_pdbx_database_status.status_code_nmr_data            ? 
# 
loop_
_audit_author.name 
_audit_author.pdbx_ordinal 
'Umland, T.C.' 1 
'Wei, S.-Q.'   2 
'Craigie, R.'  3 
'Davies, D.R.' 4 
# 
loop_
_citation.id 
_citation.title 
_citation.journal_abbrev 
_citation.journal_volume 
_citation.page_first 
_citation.page_last 
_citation.year 
_citation.journal_id_ASTM 
_citation.country 
_citation.journal_id_ISSN 
_citation.journal_id_CSD 
_citation.book_publisher 
_citation.pdbx_database_id_PubMed 
_citation.pdbx_database_id_DOI 
primary 'Structural basis of DNA bridging by barrier-to-autointegration factor.'               Biochemistry           39 9130 9138 
2000 BICHAW US 0006-2960 0033 ? 10924106 10.1021/bi000572w       
1       'A previously unidentified host protein protects retroviral DNA from autointegration.' Proc.Natl.Acad.Sci.USA 95 1528 1533 
1998 PNASA6 US 0027-8424 0040 ? 9465049  10.1073/pnas.95.4.1528  
2       'Protection of retroviral DNA from autointegration: involvement of a cellular factor.' Proc.Natl.Acad.Sci.USA 91 9823 9827 
1994 PNASA6 US 0027-8424 0040 ? 7937898  10.1073/pnas.91.21.9823 
# 
loop_
_citation_author.citation_id 
_citation_author.name 
_citation_author.ordinal 
_citation_author.identifier_ORCID 
primary 'Umland, T.C.' 1 ? 
primary 'Wei, S.Q.'    2 ? 
primary 'Craigie, R.'  3 ? 
primary 'Davies, D.R.' 4 ? 
1       'Lee, M.S.'    5 ? 
1       'Craigie, R.'  6 ? 
2       'Lee, M.S.'    7 ? 
2       'Craigie, R.'  8 ? 
# 
loop_
_entity.id 
_entity.type 
_entity.src_method 
_entity.pdbx_description 
_entity.formula_weight 
_entity.pdbx_number_of_molecules 
_entity.pdbx_ec 
_entity.pdbx_mutation 
_entity.pdbx_fragment 
_entity.details 
1 polymer man 'PROTEIN (BARRIER-TO-AUTOINTEGRATION FACTOR (BAF))' 10167.377 2   ? ? ? 
'SELENOMETHIONINE (RESIDUE NAME MSE) HAS BEEN SUBSTITUTED FOR METHIONINE' 
2 water   nat water                                               18.015    228 ? ? ? ? 
# 
_entity_poly.entity_id                      1 
_entity_poly.type                           'polypeptide(L)' 
_entity_poly.nstd_linkage                   no 
_entity_poly.nstd_monomer                   yes 
_entity_poly.pdbx_seq_one_letter_code       
;(MSE)TTSQKHRDFVAEP(MSE)GEKPVGSLAGIGEVLGKKLEERGFDKAYVVLGQFLVLKKDEDLFREWLKDTCGANAK
QSRDCFGCLREWCDAFL
;
_entity_poly.pdbx_seq_one_letter_code_can   
;MTTSQKHRDFVAEPMGEKPVGSLAGIGEVLGKKLEERGFDKAYVVLGQFLVLKKDEDLFREWLKDTCGANAKQSRDCFGC
LREWCDAFL
;
_entity_poly.pdbx_strand_id                 A,B 
_entity_poly.pdbx_target_identifier         ? 
# 
_pdbx_entity_nonpoly.entity_id   2 
_pdbx_entity_nonpoly.name        water 
_pdbx_entity_nonpoly.comp_id     HOH 
# 
loop_
_entity_poly_seq.entity_id 
_entity_poly_seq.num 
_entity_poly_seq.mon_id 
_entity_poly_seq.hetero 
1 1  MSE n 
1 2  THR n 
1 3  THR n 
1 4  SER n 
1 5  GLN n 
1 6  LYS n 
1 7  HIS n 
1 8  ARG n 
1 9  ASP n 
1 10 PHE n 
1 11 VAL n 
1 12 ALA n 
1 13 GLU n 
1 14 PRO n 
1 15 MSE n 
1 16 GLY n 
1 17 GLU n 
1 18 LYS n 
1 19 PRO n 
1 20 VAL n 
1 21 GLY n 
1 22 SER n 
1 23 LEU n 
1 24 ALA n 
1 25 GLY n 
1 26 ILE n 
1 27 GLY n 
1 28 GLU n 
1 29 VAL n 
1 30 LEU n 
1 31 GLY n 
1 32 LYS n 
1 33 LYS n 
1 34 LEU n 
1 35 GLU n 
1 36 GLU n 
1 37 ARG n 
1 38 GLY n 
1 39 PHE n 
1 40 ASP n 
1 41 LYS n 
1 42 ALA n 
1 43 TYR n 
1 44 VAL n 
1 45 VAL n 
1 46 LEU n 
1 47 GLY n 
1 48 GLN n 
1 49 PHE n 
1 50 LEU n 
1 51 VAL n 
1 52 LEU n 
1 53 LYS n 
1 54 LYS n 
1 55 ASP n 
1 56 GLU n 
1 57 ASP n 
1 58 LEU n 
1 59 PHE n 
1 60 ARG n 
1 61 GLU n 
1 62 TRP n 
1 63 LEU n 
1 64 LYS n 
1 65 ASP n 
1 66 THR n 
1 67 CYS n 
1 68 GLY n 
1 69 ALA n 
1 70 ASN n 
1 71 ALA n 
1 72 LYS n 
1 73 GLN n 
1 74 SER n 
1 75 ARG n 
1 76 ASP n 
1 77 CYS n 
1 78 PHE n 
1 79 GLY n 
1 80 CYS n 
1 81 LEU n 
1 82 ARG n 
1 83 GLU n 
1 84 TRP n 
1 85 CYS n 
1 86 ASP n 
1 87 ALA n 
1 88 PHE n 
1 89 LEU n 
# 
_entity_src_gen.entity_id                          1 
_entity_src_gen.pdbx_src_id                        1 
_entity_src_gen.pdbx_alt_source_flag               sample 
_entity_src_gen.pdbx_seq_type                      ? 
_entity_src_gen.pdbx_beg_seq_num                   ? 
_entity_src_gen.pdbx_end_seq_num                   ? 
_entity_src_gen.gene_src_common_name               human 
_entity_src_gen.gene_src_genus                     Homo 
_entity_src_gen.pdbx_gene_src_gene                 ? 
_entity_src_gen.gene_src_species                   ? 
_entity_src_gen.gene_src_strain                    ? 
_entity_src_gen.gene_src_tissue                    ? 
_entity_src_gen.gene_src_tissue_fraction           ? 
_entity_src_gen.gene_src_details                   ? 
_entity_src_gen.pdbx_gene_src_fragment             ? 
_entity_src_gen.pdbx_gene_src_scientific_name      'Homo sapiens' 
_entity_src_gen.pdbx_gene_src_ncbi_taxonomy_id     9606 
_entity_src_gen.pdbx_gene_src_variant              ? 
_entity_src_gen.pdbx_gene_src_cell_line            ? 
_entity_src_gen.pdbx_gene_src_atcc                 ? 
_entity_src_gen.pdbx_gene_src_organ                ? 
_entity_src_gen.pdbx_gene_src_organelle            ? 
_entity_src_gen.pdbx_gene_src_cell                 ? 
_entity_src_gen.pdbx_gene_src_cellular_location    ? 
_entity_src_gen.host_org_common_name               ? 
_entity_src_gen.pdbx_host_org_scientific_name      'Escherichia coli' 
_entity_src_gen.pdbx_host_org_ncbi_taxonomy_id     562 
_entity_src_gen.host_org_genus                     Escherichia 
_entity_src_gen.pdbx_host_org_gene                 ? 
_entity_src_gen.pdbx_host_org_organ                ? 
_entity_src_gen.host_org_species                   ? 
_entity_src_gen.pdbx_host_org_tissue               ? 
_entity_src_gen.pdbx_host_org_tissue_fraction      ? 
_entity_src_gen.pdbx_host_org_strain               'B834(DE3)LYSS' 
_entity_src_gen.pdbx_host_org_variant              ? 
_entity_src_gen.pdbx_host_org_cell_line            ? 
_entity_src_gen.pdbx_host_org_atcc                 ? 
_entity_src_gen.pdbx_host_org_culture_collection   ? 
_entity_src_gen.pdbx_host_org_cell                 ? 
_entity_src_gen.pdbx_host_org_organelle            ? 
_entity_src_gen.pdbx_host_org_cellular_location    ? 
_entity_src_gen.pdbx_host_org_vector_type          PLASMID 
_entity_src_gen.pdbx_host_org_vector               ? 
_entity_src_gen.host_org_details                   ? 
_entity_src_gen.expression_system_id               ? 
_entity_src_gen.plasmid_name                       PET15B 
_entity_src_gen.plasmid_details                    ? 
_entity_src_gen.pdbx_description                   ? 
# 
loop_
_chem_comp.id 
_chem_comp.type 
_chem_comp.mon_nstd_flag 
_chem_comp.name 
_chem_comp.pdbx_synonyms 
_chem_comp.formula 
_chem_comp.formula_weight 
ALA 'L-peptide linking' y ALANINE          ? 'C3 H7 N O2'     89.093  
ARG 'L-peptide linking' y ARGININE         ? 'C6 H15 N4 O2 1' 175.209 
ASN 'L-peptide linking' y ASPARAGINE       ? 'C4 H8 N2 O3'    132.118 
ASP 'L-peptide linking' y 'ASPARTIC ACID'  ? 'C4 H7 N O4'     133.103 
CYS 'L-peptide linking' y CYSTEINE         ? 'C3 H7 N O2 S'   121.158 
GLN 'L-peptide linking' y GLUTAMINE        ? 'C5 H10 N2 O3'   146.144 
GLU 'L-peptide linking' y 'GLUTAMIC ACID'  ? 'C5 H9 N O4'     147.129 
GLY 'peptide linking'   y GLYCINE          ? 'C2 H5 N O2'     75.067  
HIS 'L-peptide linking' y HISTIDINE        ? 'C6 H10 N3 O2 1' 156.162 
HOH non-polymer         . WATER            ? 'H2 O'           18.015  
ILE 'L-peptide linking' y ISOLEUCINE       ? 'C6 H13 N O2'    131.173 
LEU 'L-peptide linking' y LEUCINE          ? 'C6 H13 N O2'    131.173 
LYS 'L-peptide linking' y LYSINE           ? 'C6 H15 N2 O2 1' 147.195 
MET 'L-peptide linking' y METHIONINE       ? 'C5 H11 N O2 S'  149.211 
MSE 'L-peptide linking' n SELENOMETHIONINE ? 'C5 H11 N O2 Se' 196.106 
PHE 'L-peptide linking' y PHENYLALANINE    ? 'C9 H11 N O2'    165.189 
PRO 'L-peptide linking' y PROLINE          ? 'C5 H9 N O2'     115.130 
SER 'L-peptide linking' y SERINE           ? 'C3 H7 N O3'     105.093 
THR 'L-peptide linking' y THREONINE        ? 'C4 H9 N O3'     119.119 
TRP 'L-peptide linking' y TRYPTOPHAN       ? 'C11 H12 N2 O2'  204.225 
TYR 'L-peptide linking' y TYROSINE         ? 'C9 H11 N O3'    181.189 
VAL 'L-peptide linking' y VALINE           ? 'C5 H11 N O2'    117.146 
# 
loop_
_pdbx_poly_seq_scheme.asym_id 
_pdbx_poly_seq_scheme.entity_id 
_pdbx_poly_seq_scheme.seq_id 
_pdbx_poly_seq_scheme.mon_id 
_pdbx_poly_seq_scheme.ndb_seq_num 
_pdbx_poly_seq_scheme.pdb_seq_num 
_pdbx_poly_seq_scheme.auth_seq_num 
_pdbx_poly_seq_scheme.pdb_mon_id 
_pdbx_poly_seq_scheme.auth_mon_id 
_pdbx_poly_seq_scheme.pdb_strand_id 
_pdbx_poly_seq_scheme.pdb_ins_code 
_pdbx_poly_seq_scheme.hetero 
A 1 1  MSE 1  1  1  MSE MSE A . n 
A 1 2  THR 2  2  2  THR THR A . n 
A 1 3  THR 3  3  3  THR THR A . n 
A 1 4  SER 4  4  4  SER SER A . n 
A 1 5  GLN 5  5  5  GLN GLN A . n 
A 1 6  LYS 6  6  6  LYS LYS A . n 
A 1 7  HIS 7  7  7  HIS HIS A . n 
A 1 8  ARG 8  8  8  ARG ARG A . n 
A 1 9  ASP 9  9  9  ASP ASP A . n 
A 1 10 PHE 10 10 10 PHE PHE A . n 
A 1 11 VAL 11 11 11 VAL VAL A . n 
A 1 12 ALA 12 12 12 ALA ALA A . n 
A 1 13 GLU 13 13 13 GLU GLU A . n 
A 1 14 PRO 14 14 14 PRO PRO A . n 
A 1 15 MSE 15 15 15 MSE MSE A . n 
A 1 16 GLY 16 16 16 GLY GLY A . n 
A 1 17 GLU 17 17 17 GLU GLU A . n 
A 1 18 LYS 18 18 18 LYS LYS A . n 
A 1 19 PRO 19 19 19 PRO PRO A . n 
A 1 20 VAL 20 20 20 VAL VAL A . n 
A 1 21 GLY 21 21 21 GLY GLY A . n 
A 1 22 SER 22 22 22 SER SER A . n 
A 1 23 LEU 23 23 23 LEU LEU A . n 
A 1 24 ALA 24 24 24 ALA ALA A . n 
A 1 25 GLY 25 25 25 GLY GLY A . n 
A 1 26 ILE 26 26 26 ILE ILE A . n 
A 1 27 GLY 27 27 27 GLY GLY A . n 
A 1 28 GLU 28 28 28 GLU GLU A . n 
A 1 29 VAL 29 29 29 VAL VAL A . n 
A 1 30 LEU 30 30 30 LEU LEU A . n 
A 1 31 GLY 31 31 31 GLY GLY A . n 
A 1 32 LYS 32 32 32 LYS LYS A . n 
A 1 33 LYS 33 33 33 LYS LYS A . n 
A 1 34 LEU 34 34 34 LEU LEU A . n 
A 1 35 GLU 35 35 35 GLU GLU A . n 
A 1 36 GLU 36 36 36 GLU GLU A . n 
A 1 37 ARG 37 37 37 ARG ARG A . n 
A 1 38 GLY 38 38 38 GLY GLY A . n 
A 1 39 PHE 39 39 39 PHE PHE A . n 
A 1 40 ASP 40 40 40 ASP ASP A . n 
A 1 41 LYS 41 41 41 LYS LYS A . n 
A 1 42 ALA 42 42 42 ALA ALA A . n 
A 1 43 TYR 43 43 43 TYR TYR A . n 
A 1 44 VAL 44 44 44 VAL VAL A . n 
A 1 45 VAL 45 45 45 VAL VAL A . n 
A 1 46 LEU 46 46 46 LEU LEU A . n 
A 1 47 GLY 47 47 47 GLY GLY A . n 
A 1 48 GLN 48 48 48 GLN GLN A . n 
A 1 49 PHE 49 49 49 PHE PHE A . n 
A 1 50 LEU 50 50 50 LEU LEU A . n 
A 1 51 VAL 51 51 51 VAL VAL A . n 
A 1 52 LEU 52 52 52 LEU LEU A . n 
A 1 53 LYS 53 53 53 LYS LYS A . n 
A 1 54 LYS 54 54 54 LYS LYS A . n 
A 1 55 ASP 55 55 55 ASP ASP A . n 
A 1 56 GLU 56 56 56 GLU GLU A . n 
A 1 57 ASP 57 57 57 ASP ASP A . n 
A 1 58 LEU 58 58 58 LEU LEU A . n 
A 1 59 PHE 59 59 59 PHE PHE A . n 
A 1 60 ARG 60 60 60 ARG ARG A . n 
A 1 61 GLU 61 61 61 GLU GLU A . n 
A 1 62 TRP 62 62 62 TRP TRP A . n 
A 1 63 LEU 63 63 63 LEU LEU A . n 
A 1 64 LYS 64 64 64 LYS LYS A . n 
A 1 65 ASP 65 65 65 ASP ASP A . n 
A 1 66 THR 66 66 66 THR THR A . n 
A 1 67 CYS 67 67 67 CYS CYS A . n 
A 1 68 GLY 68 68 68 GLY GLY A . n 
A 1 69 ALA 69 69 69 ALA ALA A . n 
A 1 70 ASN 70 70 70 ASN ASN A . n 
A 1 71 ALA 71 71 71 ALA ALA A . n 
A 1 72 LYS 72 72 72 LYS LYS A . n 
A 1 73 GLN 73 73 73 GLN GLN A . n 
A 1 74 SER 74 74 74 SER SER A . n 
A 1 75 ARG 75 75 75 ARG ARG A . n 
A 1 76 ASP 76 76 76 ASP ASP A . n 
A 1 77 CYS 77 77 77 CYS CYS A . n 
A 1 78 PHE 78 78 78 PHE PHE A . n 
A 1 79 GLY 79 79 79 GLY GLY A . n 
A 1 80 CYS 80 80 80 CYS CYS A . n 
A 1 81 LEU 81 81 81 LEU LEU A . n 
A 1 82 ARG 82 82 82 ARG ARG A . n 
A 1 83 GLU 83 83 83 GLU GLU A . n 
A 1 84 TRP 84 84 84 TRP TRP A . n 
A 1 85 CYS 85 85 85 CYS CYS A . n 
A 1 86 ASP 86 86 86 ASP ASP A . n 
A 1 87 ALA 87 87 87 ALA ALA A . n 
A 1 88 PHE 88 88 88 PHE PHE A . n 
A 1 89 LEU 89 89 89 LEU LEU A . n 
B 1 1  MSE 1  1  ?  ?   ?   B . n 
B 1 2  THR 2  2  2  THR THR B . n 
B 1 3  THR 3  3  3  THR THR B . n 
B 1 4  SER 4  4  4  SER SER B . n 
B 1 5  GLN 5  5  5  GLN GLN B . n 
B 1 6  LYS 6  6  6  LYS LYS B . n 
B 1 7  HIS 7  7  7  HIS HIS B . n 
B 1 8  ARG 8  8  8  ARG ARG B . n 
B 1 9  ASP 9  9  9  ASP ASP B . n 
B 1 10 PHE 10 10 10 PHE PHE B . n 
B 1 11 VAL 11 11 11 VAL VAL B . n 
B 1 12 ALA 12 12 12 ALA ALA B . n 
B 1 13 GLU 13 13 13 GLU GLU B . n 
B 1 14 PRO 14 14 14 PRO PRO B . n 
B 1 15 MSE 15 15 15 MSE MSE B . n 
B 1 16 GLY 16 16 16 GLY GLY B . n 
B 1 17 GLU 17 17 17 GLU GLU B . n 
B 1 18 LYS 18 18 18 LYS LYS B . n 
B 1 19 PRO 19 19 19 PRO PRO B . n 
B 1 20 VAL 20 20 20 VAL VAL B . n 
B 1 21 GLY 21 21 21 GLY GLY B . n 
B 1 22 SER 22 22 22 SER SER B . n 
B 1 23 LEU 23 23 23 LEU LEU B . n 
B 1 24 ALA 24 24 24 ALA ALA B . n 
B 1 25 GLY 25 25 25 GLY GLY B . n 
B 1 26 ILE 26 26 26 ILE ILE B . n 
B 1 27 GLY 27 27 27 GLY GLY B . n 
B 1 28 GLU 28 28 28 GLU GLU B . n 
B 1 29 VAL 29 29 29 VAL VAL B . n 
B 1 30 LEU 30 30 30 LEU LEU B . n 
B 1 31 GLY 31 31 31 GLY GLY B . n 
B 1 32 LYS 32 32 32 LYS LYS B . n 
B 1 33 LYS 33 33 33 LYS LYS B . n 
B 1 34 LEU 34 34 34 LEU LEU B . n 
B 1 35 GLU 35 35 35 GLU GLU B . n 
B 1 36 GLU 36 36 36 GLU GLU B . n 
B 1 37 ARG 37 37 37 ARG ARG B . n 
B 1 38 GLY 38 38 38 GLY GLY B . n 
B 1 39 PHE 39 39 39 PHE PHE B . n 
B 1 40 ASP 40 40 40 ASP ASP B . n 
B 1 41 LYS 41 41 41 LYS LYS B . n 
B 1 42 ALA 42 42 42 ALA ALA B . n 
B 1 43 TYR 43 43 43 TYR TYR B . n 
B 1 44 VAL 44 44 44 VAL VAL B . n 
B 1 45 VAL 45 45 45 VAL VAL B . n 
B 1 46 LEU 46 46 46 LEU LEU B . n 
B 1 47 GLY 47 47 47 GLY GLY B . n 
B 1 48 GLN 48 48 48 GLN GLN B . n 
B 1 49 PHE 49 49 49 PHE PHE B . n 
B 1 50 LEU 50 50 50 LEU LEU B . n 
B 1 51 VAL 51 51 51 VAL VAL B . n 
B 1 52 LEU 52 52 52 LEU LEU B . n 
B 1 53 LYS 53 53 53 LYS LYS B . n 
B 1 54 LYS 54 54 54 LYS LYS B . n 
B 1 55 ASP 55 55 55 ASP ASP B . n 
B 1 56 GLU 56 56 56 GLU GLU B . n 
B 1 57 ASP 57 57 57 ASP ASP B . n 
B 1 58 LEU 58 58 58 LEU LEU B . n 
B 1 59 PHE 59 59 59 PHE PHE B . n 
B 1 60 ARG 60 60 60 ARG ARG B . n 
B 1 61 GLU 61 61 61 GLU GLU B . n 
B 1 62 TRP 62 62 62 TRP TRP B . n 
B 1 63 LEU 63 63 63 LEU LEU B . n 
B 1 64 LYS 64 64 64 LYS LYS B . n 
B 1 65 ASP 65 65 65 ASP ASP B . n 
B 1 66 THR 66 66 66 THR THR B . n 
B 1 67 CYS 67 67 67 CYS CYS B . n 
B 1 68 GLY 68 68 68 GLY GLY B . n 
B 1 69 ALA 69 69 69 ALA ALA B . n 
B 1 70 ASN 70 70 70 ASN ASN B . n 
B 1 71 ALA 71 71 71 ALA ALA B . n 
B 1 72 LYS 72 72 72 LYS LYS B . n 
B 1 73 GLN 73 73 73 GLN GLN B . n 
B 1 74 SER 74 74 74 SER SER B . n 
B 1 75 ARG 75 75 75 ARG ARG B . n 
B 1 76 ASP 76 76 76 ASP ASP B . n 
B 1 77 CYS 77 77 77 CYS CYS B . n 
B 1 78 PHE 78 78 78 PHE PHE B . n 
B 1 79 GLY 79 79 79 GLY GLY B . n 
B 1 80 CYS 80 80 80 CYS CYS B . n 
B 1 81 LEU 81 81 81 LEU LEU B . n 
B 1 82 ARG 82 82 82 ARG ARG B . n 
B 1 83 GLU 83 83 83 GLU GLU B . n 
B 1 84 TRP 84 84 84 TRP TRP B . n 
B 1 85 CYS 85 85 85 CYS CYS B . n 
B 1 86 ASP 86 86 86 ASP ASP B . n 
B 1 87 ALA 87 87 87 ALA ALA B . n 
B 1 88 PHE 88 88 88 PHE PHE B . n 
B 1 89 LEU 89 89 89 LEU LEU B . n 
# 
loop_
_pdbx_nonpoly_scheme.asym_id 
_pdbx_nonpoly_scheme.entity_id 
_pdbx_nonpoly_scheme.mon_id 
_pdbx_nonpoly_scheme.ndb_seq_num 
_pdbx_nonpoly_scheme.pdb_seq_num 
_pdbx_nonpoly_scheme.auth_seq_num 
_pdbx_nonpoly_scheme.pdb_mon_id 
_pdbx_nonpoly_scheme.auth_mon_id 
_pdbx_nonpoly_scheme.pdb_strand_id 
_pdbx_nonpoly_scheme.pdb_ins_code 
C 2 HOH 1   90  2   HOH HOH A . 
C 2 HOH 2   91  3   HOH HOH A . 
C 2 HOH 3   92  4   HOH HOH A . 
C 2 HOH 4   93  5   HOH HOH A . 
C 2 HOH 5   94  10  HOH HOH A . 
C 2 HOH 6   95  11  HOH HOH A . 
C 2 HOH 7   96  12  HOH HOH A . 
C 2 HOH 8   97  17  HOH HOH A . 
C 2 HOH 9   98  20  HOH HOH A . 
C 2 HOH 10  99  21  HOH HOH A . 
C 2 HOH 11  100 22  HOH HOH A . 
C 2 HOH 12  101 24  HOH HOH A . 
C 2 HOH 13  102 26  HOH HOH A . 
C 2 HOH 14  103 29  HOH HOH A . 
C 2 HOH 15  104 30  HOH HOH A . 
C 2 HOH 16  105 36  HOH HOH A . 
C 2 HOH 17  106 38  HOH HOH A . 
C 2 HOH 18  107 39  HOH HOH A . 
C 2 HOH 19  108 40  HOH HOH A . 
C 2 HOH 20  109 42  HOH HOH A . 
C 2 HOH 21  110 43  HOH HOH A . 
C 2 HOH 22  111 44  HOH HOH A . 
C 2 HOH 23  112 45  HOH HOH A . 
C 2 HOH 24  113 47  HOH HOH A . 
C 2 HOH 25  114 49  HOH HOH A . 
C 2 HOH 26  115 51  HOH HOH A . 
C 2 HOH 27  116 53  HOH HOH A . 
C 2 HOH 28  117 55  HOH HOH A . 
C 2 HOH 29  118 59  HOH HOH A . 
C 2 HOH 30  119 60  HOH HOH A . 
C 2 HOH 31  120 61  HOH HOH A . 
C 2 HOH 32  121 63  HOH HOH A . 
C 2 HOH 33  122 65  HOH HOH A . 
C 2 HOH 34  123 70  HOH HOH A . 
C 2 HOH 35  124 72  HOH HOH A . 
C 2 HOH 36  125 76  HOH HOH A . 
C 2 HOH 37  126 79  HOH HOH A . 
C 2 HOH 38  127 80  HOH HOH A . 
C 2 HOH 39  128 81  HOH HOH A . 
C 2 HOH 40  129 83  HOH HOH A . 
C 2 HOH 41  130 85  HOH HOH A . 
C 2 HOH 42  131 88  HOH HOH A . 
C 2 HOH 43  132 89  HOH HOH A . 
C 2 HOH 44  133 90  HOH HOH A . 
C 2 HOH 45  134 92  HOH HOH A . 
C 2 HOH 46  135 93  HOH HOH A . 
C 2 HOH 47  136 95  HOH HOH A . 
C 2 HOH 48  137 96  HOH HOH A . 
C 2 HOH 49  138 100 HOH HOH A . 
C 2 HOH 50  139 103 HOH HOH A . 
C 2 HOH 51  140 104 HOH HOH A . 
C 2 HOH 52  141 106 HOH HOH A . 
C 2 HOH 53  142 108 HOH HOH A . 
C 2 HOH 54  143 109 HOH HOH A . 
C 2 HOH 55  144 113 HOH HOH A . 
C 2 HOH 56  145 116 HOH HOH A . 
C 2 HOH 57  146 117 HOH HOH A . 
C 2 HOH 58  147 118 HOH HOH A . 
C 2 HOH 59  148 122 HOH HOH A . 
C 2 HOH 60  149 123 HOH HOH A . 
C 2 HOH 61  150 126 HOH HOH A . 
C 2 HOH 62  151 127 HOH HOH A . 
C 2 HOH 63  152 131 HOH HOH A . 
C 2 HOH 64  153 132 HOH HOH A . 
C 2 HOH 65  154 134 HOH HOH A . 
C 2 HOH 66  155 135 HOH HOH A . 
C 2 HOH 67  156 136 HOH HOH A . 
C 2 HOH 68  157 140 HOH HOH A . 
C 2 HOH 69  158 141 HOH HOH A . 
C 2 HOH 70  159 142 HOH HOH A . 
C 2 HOH 71  160 145 HOH HOH A . 
C 2 HOH 72  161 146 HOH HOH A . 
C 2 HOH 73  162 147 HOH HOH A . 
C 2 HOH 74  163 148 HOH HOH A . 
C 2 HOH 75  164 149 HOH HOH A . 
C 2 HOH 76  165 151 HOH HOH A . 
C 2 HOH 77  166 152 HOH HOH A . 
C 2 HOH 78  167 154 HOH HOH A . 
C 2 HOH 79  168 155 HOH HOH A . 
C 2 HOH 80  169 157 HOH HOH A . 
C 2 HOH 81  170 161 HOH HOH A . 
C 2 HOH 82  171 162 HOH HOH A . 
C 2 HOH 83  172 169 HOH HOH A . 
C 2 HOH 84  173 171 HOH HOH A . 
C 2 HOH 85  174 172 HOH HOH A . 
C 2 HOH 86  175 173 HOH HOH A . 
C 2 HOH 87  176 177 HOH HOH A . 
C 2 HOH 88  177 181 HOH HOH A . 
C 2 HOH 89  178 183 HOH HOH A . 
C 2 HOH 90  179 184 HOH HOH A . 
C 2 HOH 91  180 186 HOH HOH A . 
C 2 HOH 92  181 191 HOH HOH A . 
C 2 HOH 93  182 194 HOH HOH A . 
C 2 HOH 94  183 196 HOH HOH A . 
C 2 HOH 95  184 199 HOH HOH A . 
C 2 HOH 96  185 200 HOH HOH A . 
C 2 HOH 97  186 201 HOH HOH A . 
C 2 HOH 98  187 202 HOH HOH A . 
C 2 HOH 99  188 204 HOH HOH A . 
C 2 HOH 100 189 205 HOH HOH A . 
C 2 HOH 101 190 207 HOH HOH A . 
C 2 HOH 102 191 210 HOH HOH A . 
C 2 HOH 103 192 211 HOH HOH A . 
C 2 HOH 104 193 212 HOH HOH A . 
C 2 HOH 105 194 214 HOH HOH A . 
C 2 HOH 106 195 216 HOH HOH A . 
C 2 HOH 107 196 217 HOH HOH A . 
C 2 HOH 108 197 220 HOH HOH A . 
C 2 HOH 109 198 221 HOH HOH A . 
C 2 HOH 110 199 225 HOH HOH A . 
C 2 HOH 111 200 228 HOH HOH A . 
D 2 HOH 1   90  1   HOH HOH B . 
D 2 HOH 2   91  6   HOH HOH B . 
D 2 HOH 3   92  7   HOH HOH B . 
D 2 HOH 4   93  8   HOH HOH B . 
D 2 HOH 5   94  9   HOH HOH B . 
D 2 HOH 6   95  13  HOH HOH B . 
D 2 HOH 7   96  14  HOH HOH B . 
D 2 HOH 8   97  15  HOH HOH B . 
D 2 HOH 9   98  16  HOH HOH B . 
D 2 HOH 10  99  18  HOH HOH B . 
D 2 HOH 11  100 19  HOH HOH B . 
D 2 HOH 12  101 23  HOH HOH B . 
D 2 HOH 13  102 25  HOH HOH B . 
D 2 HOH 14  103 27  HOH HOH B . 
D 2 HOH 15  104 28  HOH HOH B . 
D 2 HOH 16  105 31  HOH HOH B . 
D 2 HOH 17  106 32  HOH HOH B . 
D 2 HOH 18  107 33  HOH HOH B . 
D 2 HOH 19  108 34  HOH HOH B . 
D 2 HOH 20  109 35  HOH HOH B . 
D 2 HOH 21  110 37  HOH HOH B . 
D 2 HOH 22  111 41  HOH HOH B . 
D 2 HOH 23  112 46  HOH HOH B . 
D 2 HOH 24  113 48  HOH HOH B . 
D 2 HOH 25  114 50  HOH HOH B . 
D 2 HOH 26  115 52  HOH HOH B . 
D 2 HOH 27  116 54  HOH HOH B . 
D 2 HOH 28  117 56  HOH HOH B . 
D 2 HOH 29  118 57  HOH HOH B . 
D 2 HOH 30  119 58  HOH HOH B . 
D 2 HOH 31  120 62  HOH HOH B . 
D 2 HOH 32  121 64  HOH HOH B . 
D 2 HOH 33  122 66  HOH HOH B . 
D 2 HOH 34  123 67  HOH HOH B . 
D 2 HOH 35  124 68  HOH HOH B . 
D 2 HOH 36  125 69  HOH HOH B . 
D 2 HOH 37  126 71  HOH HOH B . 
D 2 HOH 38  127 73  HOH HOH B . 
D 2 HOH 39  128 74  HOH HOH B . 
D 2 HOH 40  129 75  HOH HOH B . 
D 2 HOH 41  130 77  HOH HOH B . 
D 2 HOH 42  131 78  HOH HOH B . 
D 2 HOH 43  132 82  HOH HOH B . 
D 2 HOH 44  133 84  HOH HOH B . 
D 2 HOH 45  134 86  HOH HOH B . 
D 2 HOH 46  135 87  HOH HOH B . 
D 2 HOH 47  136 91  HOH HOH B . 
D 2 HOH 48  137 94  HOH HOH B . 
D 2 HOH 49  138 97  HOH HOH B . 
D 2 HOH 50  139 98  HOH HOH B . 
D 2 HOH 51  140 99  HOH HOH B . 
D 2 HOH 52  141 101 HOH HOH B . 
D 2 HOH 53  142 102 HOH HOH B . 
D 2 HOH 54  143 105 HOH HOH B . 
D 2 HOH 55  144 107 HOH HOH B . 
D 2 HOH 56  145 110 HOH HOH B . 
D 2 HOH 57  146 111 HOH HOH B . 
D 2 HOH 58  147 112 HOH HOH B . 
D 2 HOH 59  148 114 HOH HOH B . 
D 2 HOH 60  149 115 HOH HOH B . 
D 2 HOH 61  150 119 HOH HOH B . 
D 2 HOH 62  151 120 HOH HOH B . 
D 2 HOH 63  152 121 HOH HOH B . 
D 2 HOH 64  153 124 HOH HOH B . 
D 2 HOH 65  154 125 HOH HOH B . 
D 2 HOH 66  155 128 HOH HOH B . 
D 2 HOH 67  156 129 HOH HOH B . 
D 2 HOH 68  157 130 HOH HOH B . 
D 2 HOH 69  158 133 HOH HOH B . 
D 2 HOH 70  159 137 HOH HOH B . 
D 2 HOH 71  160 138 HOH HOH B . 
D 2 HOH 72  161 139 HOH HOH B . 
D 2 HOH 73  162 143 HOH HOH B . 
D 2 HOH 74  163 144 HOH HOH B . 
D 2 HOH 75  164 150 HOH HOH B . 
D 2 HOH 76  165 153 HOH HOH B . 
D 2 HOH 77  166 156 HOH HOH B . 
D 2 HOH 78  167 158 HOH HOH B . 
D 2 HOH 79  168 159 HOH HOH B . 
D 2 HOH 80  169 160 HOH HOH B . 
D 2 HOH 81  170 163 HOH HOH B . 
D 2 HOH 82  171 164 HOH HOH B . 
D 2 HOH 83  172 165 HOH HOH B . 
D 2 HOH 84  173 166 HOH HOH B . 
D 2 HOH 85  174 167 HOH HOH B . 
D 2 HOH 86  175 168 HOH HOH B . 
D 2 HOH 87  176 170 HOH HOH B . 
D 2 HOH 88  177 174 HOH HOH B . 
D 2 HOH 89  178 175 HOH HOH B . 
D 2 HOH 90  179 176 HOH HOH B . 
D 2 HOH 91  180 178 HOH HOH B . 
D 2 HOH 92  181 179 HOH HOH B . 
D 2 HOH 93  182 180 HOH HOH B . 
D 2 HOH 94  183 182 HOH HOH B . 
D 2 HOH 95  184 185 HOH HOH B . 
D 2 HOH 96  185 187 HOH HOH B . 
D 2 HOH 97  186 188 HOH HOH B . 
D 2 HOH 98  187 189 HOH HOH B . 
D 2 HOH 99  188 190 HOH HOH B . 
D 2 HOH 100 189 192 HOH HOH B . 
D 2 HOH 101 190 193 HOH HOH B . 
D 2 HOH 102 191 195 HOH HOH B . 
D 2 HOH 103 192 197 HOH HOH B . 
D 2 HOH 104 193 198 HOH HOH B . 
D 2 HOH 105 194 203 HOH HOH B . 
D 2 HOH 106 195 206 HOH HOH B . 
D 2 HOH 107 196 208 HOH HOH B . 
D 2 HOH 108 197 209 HOH HOH B . 
D 2 HOH 109 198 213 HOH HOH B . 
D 2 HOH 110 199 215 HOH HOH B . 
D 2 HOH 111 200 218 HOH HOH B . 
D 2 HOH 112 201 219 HOH HOH B . 
D 2 HOH 113 202 222 HOH HOH B . 
D 2 HOH 114 203 223 HOH HOH B . 
D 2 HOH 115 204 224 HOH HOH B . 
D 2 HOH 116 205 226 HOH HOH B . 
D 2 HOH 117 206 227 HOH HOH B . 
# 
loop_
_pdbx_unobs_or_zero_occ_atoms.id 
_pdbx_unobs_or_zero_occ_atoms.PDB_model_num 
_pdbx_unobs_or_zero_occ_atoms.polymer_flag 
_pdbx_unobs_or_zero_occ_atoms.occupancy_flag 
_pdbx_unobs_or_zero_occ_atoms.auth_asym_id 
_pdbx_unobs_or_zero_occ_atoms.auth_comp_id 
_pdbx_unobs_or_zero_occ_atoms.auth_seq_id 
_pdbx_unobs_or_zero_occ_atoms.PDB_ins_code 
_pdbx_unobs_or_zero_occ_atoms.auth_atom_id 
_pdbx_unobs_or_zero_occ_atoms.label_alt_id 
_pdbx_unobs_or_zero_occ_atoms.label_asym_id 
_pdbx_unobs_or_zero_occ_atoms.label_comp_id 
_pdbx_unobs_or_zero_occ_atoms.label_seq_id 
_pdbx_unobs_or_zero_occ_atoms.label_atom_id 
1  1 Y 1 A GLU 28 ? CD  ? A GLU 28 CD  
2  1 Y 1 A GLU 28 ? OE1 ? A GLU 28 OE1 
3  1 Y 1 A GLU 28 ? OE2 ? A GLU 28 OE2 
4  1 Y 1 A LYS 32 ? CD  ? A LYS 32 CD  
5  1 Y 1 A LYS 32 ? CE  ? A LYS 32 CE  
6  1 Y 1 A LYS 32 ? NZ  ? A LYS 32 NZ  
7  1 Y 1 A ARG 37 ? CZ  ? A ARG 37 CZ  
8  1 Y 1 A ARG 37 ? NH1 ? A ARG 37 NH1 
9  1 Y 1 A ARG 37 ? NH2 ? A ARG 37 NH2 
10 1 Y 1 B LYS 32 ? CG  ? B LYS 32 CG  
11 1 Y 1 B LYS 32 ? CD  ? B LYS 32 CD  
12 1 Y 1 B LYS 32 ? CE  ? B LYS 32 CE  
13 1 Y 1 B LYS 32 ? NZ  ? B LYS 32 NZ  
# 
loop_
_software.name 
_software.classification 
_software.version 
_software.citation_id 
_software.pdbx_ordinal 
SOLVE     phasing          .       ? 1 
PHASES-95 'model building' .       ? 2 
CNS       refinement       0.4     ? 3 
DENZO     'data reduction' .       ? 4 
SCALEPACK 'data scaling'   .       ? 5 
PHASES    phasing          'V. 95' ? 6 
# 
_cell.entry_id           1CI4 
_cell.length_a           41.800 
_cell.length_b           41.800 
_cell.length_c           214.600 
_cell.angle_alpha        90.00 
_cell.angle_beta         90.00 
_cell.angle_gamma        90.00 
_cell.Z_PDB              16 
_cell.pdbx_unique_axis   ? 
# 
_symmetry.entry_id                         1CI4 
_symmetry.space_group_name_H-M             'P 43 21 2' 
_symmetry.pdbx_full_space_group_name_H-M   ? 
_symmetry.cell_setting                     ? 
_symmetry.Int_Tables_number                96 
# 
_exptl.entry_id          1CI4 
_exptl.method            'X-RAY DIFFRACTION' 
_exptl.crystals_number   1 
# 
_exptl_crystal.id                    1 
_exptl_crystal.density_meas          ? 
_exptl_crystal.density_Matthews      2.30 
_exptl_crystal.density_percent_sol   44 
_exptl_crystal.description           ? 
# 
_exptl_crystal_grow.crystal_id      1 
_exptl_crystal_grow.method          ? 
_exptl_crystal_grow.temp            ? 
_exptl_crystal_grow.temp_details    ? 
_exptl_crystal_grow.pH              6.5 
_exptl_crystal_grow.pdbx_details    
;DIALYSIS OF PROTEIN AT 8.3 MG/ML IN 20MM TRIS HCL AT PH7.0, 10%(W/V) GLYCEROL, 
150MM NACL, 10MM DTT, AND 0.1MM EDTA AGAINST 20MM IMIDAZOLE AT PH 6.5, 80MM 
NACL, AND 10MM DTT. DIALYSIS DONE AT ROOM TEMPERATURE.(ALL CONCENTRATIONS ARE IN
MILLI-MOLAR)
;
_exptl_crystal_grow.pdbx_pH_range   . 
# 
_diffrn.id                     1 
_diffrn.ambient_temp           95 
_diffrn.ambient_temp_details   ? 
_diffrn.crystal_id             1 
# 
_diffrn_detector.diffrn_id              1 
_diffrn_detector.detector               'IMAGE PLATE' 
_diffrn_detector.type                   'MAR scanner 345 mm plate' 
_diffrn_detector.pdbx_collection_date   1998-07-27 
_diffrn_detector.details                'BENT MIRRORS' 
# 
_diffrn_radiation.diffrn_id                        1 
_diffrn_radiation.wavelength_id                    1 
_diffrn_radiation.pdbx_monochromatic_or_laue_m_l   M 
_diffrn_radiation.monochromator                    'SI(111)' 
_diffrn_radiation.pdbx_diffrn_protocol             MAD 
_diffrn_radiation.pdbx_scattering_type             x-ray 
# 
loop_
_diffrn_radiation_wavelength.id 
_diffrn_radiation_wavelength.wavelength 
_diffrn_radiation_wavelength.wt 
1 0.9793 1.0 
2 0.9789 1.0 
3 0.9686 1.0 
# 
_diffrn_source.diffrn_id                   1 
_diffrn_source.source                      SYNCHROTRON 
_diffrn_source.type                        'NSLS BEAMLINE X9B' 
_diffrn_source.pdbx_synchrotron_site       NSLS 
_diffrn_source.pdbx_synchrotron_beamline   X9B 
_diffrn_source.pdbx_wavelength             ? 
_diffrn_source.pdbx_wavelength_list        0.9793,0.9789,0.9686 
# 
_reflns.entry_id                     1CI4 
_reflns.observed_criterion_sigma_I   -3 
_reflns.observed_criterion_sigma_F   ? 
_reflns.d_resolution_low             40.0 
_reflns.d_resolution_high            1.90 
_reflns.number_obs                   16011 
_reflns.number_all                   ? 
_reflns.percent_possible_obs         99.5 
_reflns.pdbx_Rmerge_I_obs            ? 
_reflns.pdbx_Rsym_value              6.1000000 
_reflns.pdbx_netI_over_sigmaI        16.0 
_reflns.B_iso_Wilson_estimate        17.3 
_reflns.pdbx_redundancy              13.7 
_reflns.R_free_details               ? 
_reflns.limit_h_max                  ? 
_reflns.limit_h_min                  ? 
_reflns.limit_k_max                  ? 
_reflns.limit_k_min                  ? 
_reflns.limit_l_max                  ? 
_reflns.limit_l_min                  ? 
_reflns.observed_criterion_F_max     ? 
_reflns.observed_criterion_F_min     ? 
_reflns.pdbx_diffrn_id               1 
_reflns.pdbx_ordinal                 1 
# 
_reflns_shell.d_res_high             1.90 
_reflns_shell.d_res_low              1.94 
_reflns_shell.percent_possible_all   100 
_reflns_shell.Rmerge_I_obs           ? 
_reflns_shell.pdbx_Rsym_value        18.4000000 
_reflns_shell.meanI_over_sigI_obs    ? 
_reflns_shell.pdbx_redundancy        ? 
_reflns_shell.percent_possible_obs   ? 
_reflns_shell.number_unique_all      ? 
_reflns_shell.pdbx_diffrn_id         ? 
_reflns_shell.pdbx_ordinal           1 
# 
_refine.entry_id                                 1CI4 
_refine.ls_number_reflns_obs                     15702 
_refine.ls_number_reflns_all                     ? 
_refine.pdbx_ls_sigma_I                          ? 
_refine.pdbx_ls_sigma_F                          0.0 
_refine.pdbx_data_cutoff_high_absF               ? 
_refine.pdbx_data_cutoff_low_absF                ? 
_refine.pdbx_data_cutoff_high_rms_absF           281646.63 
_refine.ls_d_res_low                             40.00 
_refine.ls_d_res_high                            1.90 
_refine.ls_percent_reflns_obs                    98.1 
_refine.ls_R_factor_obs                          ? 
_refine.ls_R_factor_all                          ? 
_refine.ls_R_factor_R_work                       0.2100000 
_refine.ls_R_factor_R_free                       0.2620000 
_refine.ls_R_factor_R_free_error                 0.007 
_refine.ls_R_factor_R_free_error_details         ? 
_refine.ls_percent_reflns_R_free                 10.1 
_refine.ls_number_reflns_R_free                  1588 
_refine.ls_number_parameters                     ? 
_refine.ls_number_restraints                     ? 
_refine.occupancy_min                            ? 
_refine.occupancy_max                            ? 
_refine.B_iso_mean                               24.1 
_refine.aniso_B[1][1]                            4.27 
_refine.aniso_B[2][2]                            4.27 
_refine.aniso_B[3][3]                            -8.54 
_refine.aniso_B[1][2]                            0.00 
_refine.aniso_B[1][3]                            0.00 
_refine.aniso_B[2][3]                            0.00 
_refine.solvent_model_details                    'FLAT MODEL' 
_refine.solvent_model_param_ksol                 0.351 
_refine.solvent_model_param_bsol                 36.72 
_refine.pdbx_ls_cross_valid_method               THROUGHOUT 
_refine.details                                  'REFINEMENT TARGET: MAXIMUM LIKELIHOOD TARGET USING INTENSITIES' 
_refine.pdbx_starting_model                      ? 
_refine.pdbx_method_to_determine_struct          MAD 
_refine.pdbx_isotropic_thermal_model             RESTRAINED 
_refine.pdbx_stereochemistry_target_values       MLI 
_refine.pdbx_stereochem_target_val_spec_case     ? 
_refine.pdbx_R_Free_selection_details            RANDOM 
_refine.pdbx_overall_ESU_R                       ? 
_refine.pdbx_overall_ESU_R_Free                  ? 
_refine.overall_SU_ML                            ? 
_refine.overall_SU_B                             ? 
_refine.ls_redundancy_reflns_obs                 ? 
_refine.B_iso_min                                ? 
_refine.B_iso_max                                ? 
_refine.pdbx_refine_id                           'X-RAY DIFFRACTION' 
_refine.pdbx_diffrn_id                           1 
_refine.pdbx_TLS_residual_ADP_flag               ? 
_refine.correlation_coeff_Fo_to_Fc               ? 
_refine.correlation_coeff_Fo_to_Fc_free          ? 
_refine.pdbx_solvent_vdw_probe_radii             ? 
_refine.pdbx_solvent_ion_probe_radii             ? 
_refine.pdbx_solvent_shrinkage_radii             ? 
_refine.pdbx_overall_phase_error                 ? 
_refine.overall_SU_R_Cruickshank_DPI             ? 
_refine.pdbx_overall_SU_R_free_Cruickshank_DPI   ? 
_refine.pdbx_overall_SU_R_Blow_DPI               ? 
_refine.pdbx_overall_SU_R_free_Blow_DPI          ? 
# 
_refine_analyze.entry_id                        1CI4 
_refine_analyze.Luzzati_coordinate_error_obs    0.23 
_refine_analyze.Luzzati_sigma_a_obs             0.20 
_refine_analyze.Luzzati_d_res_low_obs           5.00 
_refine_analyze.Luzzati_coordinate_error_free   0.30 
_refine_analyze.Luzzati_sigma_a_free            0.26 
_refine_analyze.Luzzati_d_res_low_free          ? 
_refine_analyze.number_disordered_residues      ? 
_refine_analyze.occupancy_sum_hydrogen          ? 
_refine_analyze.occupancy_sum_non_hydrogen      ? 
_refine_analyze.pdbx_Luzzati_d_res_high_obs     ? 
_refine_analyze.pdbx_refine_id                  'X-RAY DIFFRACTION' 
# 
_refine_hist.pdbx_refine_id                   'X-RAY DIFFRACTION' 
_refine_hist.cycle_id                         LAST 
_refine_hist.pdbx_number_atoms_protein        1389 
_refine_hist.pdbx_number_atoms_nucleic_acid   0 
_refine_hist.pdbx_number_atoms_ligand         0 
_refine_hist.number_atoms_solvent             228 
_refine_hist.number_atoms_total               1617 
_refine_hist.d_res_high                       1.90 
_refine_hist.d_res_low                        40.00 
# 
loop_
_refine_ls_restr.type 
_refine_ls_restr.dev_ideal 
_refine_ls_restr.dev_ideal_target 
_refine_ls_restr.weight 
_refine_ls_restr.number 
_refine_ls_restr.pdbx_refine_id 
_refine_ls_restr.pdbx_restraint_function 
c_bond_d                0.010 ?    ? ? 'X-RAY DIFFRACTION' ? 
c_bond_d_na             ?     ?    ? ? 'X-RAY DIFFRACTION' ? 
c_bond_d_prot           ?     ?    ? ? 'X-RAY DIFFRACTION' ? 
c_angle_d               ?     ?    ? ? 'X-RAY DIFFRACTION' ? 
c_angle_d_na            ?     ?    ? ? 'X-RAY DIFFRACTION' ? 
c_angle_d_prot          ?     ?    ? ? 'X-RAY DIFFRACTION' ? 
c_angle_deg             1.4   ?    ? ? 'X-RAY DIFFRACTION' ? 
c_angle_deg_na          ?     ?    ? ? 'X-RAY DIFFRACTION' ? 
c_angle_deg_prot        ?     ?    ? ? 'X-RAY DIFFRACTION' ? 
c_dihedral_angle_d      18.7  ?    ? ? 'X-RAY DIFFRACTION' ? 
c_dihedral_angle_d_na   ?     ?    ? ? 'X-RAY DIFFRACTION' ? 
c_dihedral_angle_d_prot ?     ?    ? ? 'X-RAY DIFFRACTION' ? 
c_improper_angle_d      0.91  ?    ? ? 'X-RAY DIFFRACTION' ? 
c_improper_angle_d_na   ?     ?    ? ? 'X-RAY DIFFRACTION' ? 
c_improper_angle_d_prot ?     ?    ? ? 'X-RAY DIFFRACTION' ? 
c_mcbond_it             2.20  1.50 ? ? 'X-RAY DIFFRACTION' ? 
c_mcangle_it            3.23  2.00 ? ? 'X-RAY DIFFRACTION' ? 
c_scbond_it             3.58  2.00 ? ? 'X-RAY DIFFRACTION' ? 
c_scangle_it            4.79  2.50 ? ? 'X-RAY DIFFRACTION' ? 
# 
loop_
_refine_ls_restr_ncs.dom_id 
_refine_ls_restr_ncs.ncs_model_details 
_refine_ls_restr_ncs.rms_dev_position 
_refine_ls_restr_ncs.weight_position 
_refine_ls_restr_ncs.rms_dev_B_iso 
_refine_ls_restr_ncs.weight_B_iso 
_refine_ls_restr_ncs.pdbx_type 
_refine_ls_restr_ncs.pdbx_auth_asym_id 
_refine_ls_restr_ncs.pdbx_ens_id 
_refine_ls_restr_ncs.pdbx_refine_id 
_refine_ls_restr_ncs.pdbx_ordinal 
_refine_ls_restr_ncs.pdbx_number 
_refine_ls_restr_ncs.pdbx_asym_id 
_refine_ls_restr_ncs.pdbx_rms 
_refine_ls_restr_ncs.pdbx_weight 
1 RESTRAINTS 0.198 20 2.16 3 . . 1 'X-RAY DIFFRACTION' 1 ? ? ? ? 
2 ?          0.364 10 2.45 3 . . 2 'X-RAY DIFFRACTION' 2 ? ? ? ? 
3 ?          1.08  5  4.36 5 . . 3 'X-RAY DIFFRACTION' 3 ? ? ? ? 
# 
_refine_ls_shell.pdbx_total_number_of_bins_used   6 
_refine_ls_shell.d_res_high                       1.90 
_refine_ls_shell.d_res_low                        2.02 
_refine_ls_shell.number_reflns_R_work             2234 
_refine_ls_shell.R_factor_R_work                  0.2600000 
_refine_ls_shell.percent_reflns_obs               97.3 
_refine_ls_shell.R_factor_R_free                  0.3180000 
_refine_ls_shell.R_factor_R_free_error            0.020 
_refine_ls_shell.percent_reflns_R_free            10.0 
_refine_ls_shell.number_reflns_R_free             248 
_refine_ls_shell.redundancy_reflns_obs            ? 
_refine_ls_shell.number_reflns_all                ? 
_refine_ls_shell.number_reflns_obs                ? 
_refine_ls_shell.pdbx_refine_id                   'X-RAY DIFFRACTION' 
_refine_ls_shell.R_factor_all                     ? 
# 
loop_
_pdbx_xplor_file.serial_no 
_pdbx_xplor_file.param_file 
_pdbx_xplor_file.topol_file 
_pdbx_xplor_file.pdbx_refine_id 
1 PROTEIN_REP.PARAM PROTEIN.TOP 'X-RAY DIFFRACTION' 
2 WATER_REP.PARAM   ?           'X-RAY DIFFRACTION' 
# 
loop_
_struct_ncs_oper.id 
_struct_ncs_oper.code 
_struct_ncs_oper.details 
_struct_ncs_oper.matrix[1][1] 
_struct_ncs_oper.matrix[1][2] 
_struct_ncs_oper.matrix[1][3] 
_struct_ncs_oper.matrix[2][1] 
_struct_ncs_oper.matrix[2][2] 
_struct_ncs_oper.matrix[2][3] 
_struct_ncs_oper.matrix[3][1] 
_struct_ncs_oper.matrix[3][2] 
_struct_ncs_oper.matrix[3][3] 
_struct_ncs_oper.vector[1] 
_struct_ncs_oper.vector[2] 
_struct_ncs_oper.vector[3] 
1 given ? -0.95740733 -0.13382031 -0.25587205 -0.16409126 -0.47698363 0.86345864 -0.23758725 0.86866460 0.43471096 0.23433 -0.20165 0.22097 
2 given ? -0.95740733 -0.16409126 -0.23758725 -0.13382031 -0.47698363 0.86866460 -0.25587205 0.86345864 0.43471096 0.24366 -0.25663 0.13807 
# 
loop_
_struct_ncs_dom.id 
_struct_ncs_dom.pdbx_ens_id 
_struct_ncs_dom.details 
1 1 ? 
2 2 ? 
3 3 ? 
# 
loop_
_struct_ncs_ens.id 
_struct_ncs_ens.details 
1 ? 
2 ? 
3 ? 
# 
_struct.entry_id                  1CI4 
_struct.title                     'THE CRYSTAL STRUCTURE OF HUMAN BARRIER-TO-AUTOINTEGRATION FACTOR (BAF)' 
_struct.pdbx_model_details        ? 
_struct.pdbx_CASP_flag            ? 
_struct.pdbx_model_type_details   ? 
# 
_struct_keywords.entry_id        1CI4 
_struct_keywords.pdbx_keywords   'DNA BINDING PROTEIN' 
_struct_keywords.text            'DNA BINDING PROTEIN, RETROVIRAL INTEGRATION, PREINTEGRATION COMPLEX' 
# 
loop_
_struct_asym.id 
_struct_asym.pdbx_blank_PDB_chainid_flag 
_struct_asym.pdbx_modified 
_struct_asym.entity_id 
_struct_asym.details 
A N N 1 ? 
B N N 1 ? 
C N N 2 ? 
D N N 2 ? 
# 
_struct_ref.id                         1 
_struct_ref.db_name                    UNP 
_struct_ref.db_code                    BAF_HUMAN 
_struct_ref.entity_id                  1 
_struct_ref.pdbx_db_accession          O75531 
_struct_ref.pdbx_align_begin           ? 
_struct_ref.pdbx_seq_one_letter_code   ? 
_struct_ref.pdbx_db_isoform            ? 
# 
loop_
_struct_ref_seq.align_id 
_struct_ref_seq.ref_id 
_struct_ref_seq.pdbx_PDB_id_code 
_struct_ref_seq.pdbx_strand_id 
_struct_ref_seq.seq_align_beg 
_struct_ref_seq.pdbx_seq_align_beg_ins_code 
_struct_ref_seq.seq_align_end 
_struct_ref_seq.pdbx_seq_align_end_ins_code 
_struct_ref_seq.pdbx_db_accession 
_struct_ref_seq.db_align_beg 
_struct_ref_seq.pdbx_db_align_beg_ins_code 
_struct_ref_seq.db_align_end 
_struct_ref_seq.pdbx_db_align_end_ins_code 
_struct_ref_seq.pdbx_auth_seq_align_beg 
_struct_ref_seq.pdbx_auth_seq_align_end 
1 1 1CI4 A 1 ? 89 ? O75531 1 ? 89 ? 1 89 
2 1 1CI4 B 1 ? 89 ? O75531 1 ? 89 ? 1 89 
# 
loop_
_struct_ref_seq_dif.align_id 
_struct_ref_seq_dif.pdbx_pdb_id_code 
_struct_ref_seq_dif.mon_id 
_struct_ref_seq_dif.pdbx_pdb_strand_id 
_struct_ref_seq_dif.seq_num 
_struct_ref_seq_dif.pdbx_pdb_ins_code 
_struct_ref_seq_dif.pdbx_seq_db_name 
_struct_ref_seq_dif.pdbx_seq_db_accession_code 
_struct_ref_seq_dif.db_mon_id 
_struct_ref_seq_dif.pdbx_seq_db_seq_num 
_struct_ref_seq_dif.details 
_struct_ref_seq_dif.pdbx_auth_seq_num 
_struct_ref_seq_dif.pdbx_ordinal 
1 1CI4 MSE A 1  ? UNP O75531 MET 1  'modified residue' 1  1 
1 1CI4 MSE A 15 ? UNP O75531 MET 15 'modified residue' 15 2 
2 1CI4 MSE B 15 ? UNP O75531 MET 15 'modified residue' 15 3 
# 
_pdbx_struct_assembly.id                   1 
_pdbx_struct_assembly.details              author_and_software_defined_assembly 
_pdbx_struct_assembly.method_details       PISA 
_pdbx_struct_assembly.oligomeric_details   dimeric 
_pdbx_struct_assembly.oligomeric_count     2 
# 
loop_
_pdbx_struct_assembly_prop.biol_id 
_pdbx_struct_assembly_prop.type 
_pdbx_struct_assembly_prop.value 
_pdbx_struct_assembly_prop.details 
1 'ABSA (A^2)' 1460 ? 
1 MORE         -9   ? 
1 'SSA (A^2)'  8520 ? 
# 
_pdbx_struct_assembly_gen.assembly_id       1 
_pdbx_struct_assembly_gen.oper_expression   1 
_pdbx_struct_assembly_gen.asym_id_list      A,B,C,D 
# 
_pdbx_struct_oper_list.id                   1 
_pdbx_struct_oper_list.type                 'identity operation' 
_pdbx_struct_oper_list.name                 1_555 
_pdbx_struct_oper_list.symmetry_operation   x,y,z 
_pdbx_struct_oper_list.matrix[1][1]         1.0000000000 
_pdbx_struct_oper_list.matrix[1][2]         0.0000000000 
_pdbx_struct_oper_list.matrix[1][3]         0.0000000000 
_pdbx_struct_oper_list.vector[1]            0.0000000000 
_pdbx_struct_oper_list.matrix[2][1]         0.0000000000 
_pdbx_struct_oper_list.matrix[2][2]         1.0000000000 
_pdbx_struct_oper_list.matrix[2][3]         0.0000000000 
_pdbx_struct_oper_list.vector[2]            0.0000000000 
_pdbx_struct_oper_list.matrix[3][1]         0.0000000000 
_pdbx_struct_oper_list.matrix[3][2]         0.0000000000 
_pdbx_struct_oper_list.matrix[3][3]         1.0000000000 
_pdbx_struct_oper_list.vector[3]            0.0000000000 
# 
_struct_biol.id   1 
# 
loop_
_struct_conf.conf_type_id 
_struct_conf.id 
_struct_conf.pdbx_PDB_helix_id 
_struct_conf.beg_label_comp_id 
_struct_conf.beg_label_asym_id 
_struct_conf.beg_label_seq_id 
_struct_conf.pdbx_beg_PDB_ins_code 
_struct_conf.end_label_comp_id 
_struct_conf.end_label_asym_id 
_struct_conf.end_label_seq_id 
_struct_conf.pdbx_end_PDB_ins_code 
_struct_conf.beg_auth_comp_id 
_struct_conf.beg_auth_asym_id 
_struct_conf.beg_auth_seq_id 
_struct_conf.end_auth_comp_id 
_struct_conf.end_auth_asym_id 
_struct_conf.end_auth_seq_id 
_struct_conf.pdbx_PDB_helix_class 
_struct_conf.details 
_struct_conf.pdbx_PDB_helix_length 
HELX_P HELX_P1  1  GLN A 5  ? VAL A 11 ? GLN A 5  VAL A 11 1 ? 7  
HELX_P HELX_P2  2  VAL A 20 ? SER A 22 ? VAL A 20 SER A 22 5 ? 3  
HELX_P HELX_P3  3  GLU A 28 ? GLU A 36 ? GLU A 28 GLU A 36 1 ? 9  
HELX_P HELX_P4  4  ALA A 42 ? VAL A 51 ? ALA A 42 VAL A 51 1 ? 10 
HELX_P HELX_P5  5  GLU A 56 ? CYS A 67 ? GLU A 56 CYS A 67 1 ? 12 
HELX_P HELX_P6  7  GLN B 5  ? VAL B 11 ? GLN B 5  VAL B 11 1 ? 7  
HELX_P HELX_P7  8  VAL B 20 ? SER B 22 ? VAL B 20 SER B 22 5 ? 3  
HELX_P HELX_P8  9  GLU B 28 ? GLU B 36 ? GLU B 28 GLU B 36 1 ? 9  
HELX_P HELX_P9  10 ALA B 42 ? VAL B 51 ? ALA B 42 VAL B 51 1 ? 10 
HELX_P HELX_P10 11 GLU B 56 ? CYS B 67 ? GLU B 56 CYS B 67 1 ? 12 
# 
_struct_conf_type.id          HELX_P 
_struct_conf_type.criteria    ? 
_struct_conf_type.reference   ? 
# 
loop_
_struct_conn.id 
_struct_conn.conn_type_id 
_struct_conn.pdbx_leaving_atom_flag 
_struct_conn.pdbx_PDB_id 
_struct_conn.ptnr1_label_asym_id 
_struct_conn.ptnr1_label_comp_id 
_struct_conn.ptnr1_label_seq_id 
_struct_conn.ptnr1_label_atom_id 
_struct_conn.pdbx_ptnr1_label_alt_id 
_struct_conn.pdbx_ptnr1_PDB_ins_code 
_struct_conn.pdbx_ptnr1_standard_comp_id 
_struct_conn.ptnr1_symmetry 
_struct_conn.ptnr2_label_asym_id 
_struct_conn.ptnr2_label_comp_id 
_struct_conn.ptnr2_label_seq_id 
_struct_conn.ptnr2_label_atom_id 
_struct_conn.pdbx_ptnr2_label_alt_id 
_struct_conn.pdbx_ptnr2_PDB_ins_code 
_struct_conn.ptnr1_auth_asym_id 
_struct_conn.ptnr1_auth_comp_id 
_struct_conn.ptnr1_auth_seq_id 
_struct_conn.ptnr2_auth_asym_id 
_struct_conn.ptnr2_auth_comp_id 
_struct_conn.ptnr2_auth_seq_id 
_struct_conn.ptnr2_symmetry 
_struct_conn.pdbx_ptnr3_label_atom_id 
_struct_conn.pdbx_ptnr3_label_seq_id 
_struct_conn.pdbx_ptnr3_label_comp_id 
_struct_conn.pdbx_ptnr3_label_asym_id 
_struct_conn.pdbx_ptnr3_label_alt_id 
_struct_conn.pdbx_ptnr3_PDB_ins_code 
_struct_conn.details 
_struct_conn.pdbx_dist_value 
_struct_conn.pdbx_value_order 
_struct_conn.pdbx_role 
covale1 covale both ? A MSE 1  C ? ? ? 1_555 A THR 2  N ? ? A MSE 1  A THR 2  1_555 ? ? ? ? ? ? ? 1.328 ? ? 
covale2 covale both ? A PRO 14 C ? ? ? 1_555 A MSE 15 N ? ? A PRO 14 A MSE 15 1_555 ? ? ? ? ? ? ? 1.325 ? ? 
covale3 covale both ? A MSE 15 C ? ? ? 1_555 A GLY 16 N ? ? A MSE 15 A GLY 16 1_555 ? ? ? ? ? ? ? 1.327 ? ? 
covale4 covale both ? B PRO 14 C ? ? ? 1_555 B MSE 15 N ? ? B PRO 14 B MSE 15 1_555 ? ? ? ? ? ? ? 1.335 ? ? 
covale5 covale both ? B MSE 15 C ? ? ? 1_555 B GLY 16 N ? ? B MSE 15 B GLY 16 1_555 ? ? ? ? ? ? ? 1.330 ? ? 
# 
_struct_conn_type.id          covale 
_struct_conn_type.criteria    ? 
_struct_conn_type.reference   ? 
# 
loop_
_pdbx_modification_feature.ordinal 
_pdbx_modification_feature.label_comp_id 
_pdbx_modification_feature.label_asym_id 
_pdbx_modification_feature.label_seq_id 
_pdbx_modification_feature.label_alt_id 
_pdbx_modification_feature.modified_residue_label_comp_id 
_pdbx_modification_feature.modified_residue_label_asym_id 
_pdbx_modification_feature.modified_residue_label_seq_id 
_pdbx_modification_feature.modified_residue_label_alt_id 
_pdbx_modification_feature.auth_comp_id 
_pdbx_modification_feature.auth_asym_id 
_pdbx_modification_feature.auth_seq_id 
_pdbx_modification_feature.PDB_ins_code 
_pdbx_modification_feature.symmetry 
_pdbx_modification_feature.modified_residue_auth_comp_id 
_pdbx_modification_feature.modified_residue_auth_asym_id 
_pdbx_modification_feature.modified_residue_auth_seq_id 
_pdbx_modification_feature.modified_residue_PDB_ins_code 
_pdbx_modification_feature.modified_residue_symmetry 
_pdbx_modification_feature.comp_id_linking_atom 
_pdbx_modification_feature.modified_residue_id_linking_atom 
_pdbx_modification_feature.modified_residue_id 
_pdbx_modification_feature.ref_pcm_id 
_pdbx_modification_feature.ref_comp_id 
_pdbx_modification_feature.type 
_pdbx_modification_feature.category 
1 MSE A 1  ? . . . . MSE A 1  ? 1_555 . . . . . . . MET 1 MSE Selenomethionine 'Named protein modification' 
2 MSE A 15 ? . . . . MSE A 15 ? 1_555 . . . . . . . MET 1 MSE Selenomethionine 'Named protein modification' 
3 MSE B 15 ? . . . . MSE B 15 ? 1_555 . . . . . . . MET 1 MSE Selenomethionine 'Named protein modification' 
# 
_pdbx_entry_details.entry_id                   1CI4 
_pdbx_entry_details.compound_details           ? 
_pdbx_entry_details.source_details             ? 
_pdbx_entry_details.nonpolymer_details         ? 
_pdbx_entry_details.sequence_details           ? 
_pdbx_entry_details.has_ligand_of_interest     ? 
_pdbx_entry_details.has_protein_modification   Y 
# 
_pdbx_validate_torsion.id              1 
_pdbx_validate_torsion.PDB_model_num   1 
_pdbx_validate_torsion.auth_comp_id    LYS 
_pdbx_validate_torsion.auth_asym_id    A 
_pdbx_validate_torsion.auth_seq_id     54 
_pdbx_validate_torsion.PDB_ins_code    ? 
_pdbx_validate_torsion.label_alt_id    ? 
_pdbx_validate_torsion.phi             54.91 
_pdbx_validate_torsion.psi             19.10 
# 
loop_
_pdbx_struct_mod_residue.id 
_pdbx_struct_mod_residue.label_asym_id 
_pdbx_struct_mod_residue.label_comp_id 
_pdbx_struct_mod_residue.label_seq_id 
_pdbx_struct_mod_residue.auth_asym_id 
_pdbx_struct_mod_residue.auth_comp_id 
_pdbx_struct_mod_residue.auth_seq_id 
_pdbx_struct_mod_residue.PDB_ins_code 
_pdbx_struct_mod_residue.parent_comp_id 
_pdbx_struct_mod_residue.details 
1 A MSE 1  A MSE 1  ? MET SELENOMETHIONINE 
2 A MSE 15 A MSE 15 ? MET SELENOMETHIONINE 
3 B MSE 15 B MSE 15 ? MET SELENOMETHIONINE 
# 
_pdbx_struct_special_symmetry.id              1 
_pdbx_struct_special_symmetry.PDB_model_num   1 
_pdbx_struct_special_symmetry.auth_asym_id    A 
_pdbx_struct_special_symmetry.auth_comp_id    HOH 
_pdbx_struct_special_symmetry.auth_seq_id     199 
_pdbx_struct_special_symmetry.PDB_ins_code    ? 
_pdbx_struct_special_symmetry.label_asym_id   C 
_pdbx_struct_special_symmetry.label_comp_id   HOH 
_pdbx_struct_special_symmetry.label_seq_id    . 
# 
_pdbx_unobs_or_zero_occ_residues.id               1 
_pdbx_unobs_or_zero_occ_residues.PDB_model_num    1 
_pdbx_unobs_or_zero_occ_residues.polymer_flag     Y 
_pdbx_unobs_or_zero_occ_residues.occupancy_flag   1 
_pdbx_unobs_or_zero_occ_residues.auth_asym_id     B 
_pdbx_unobs_or_zero_occ_residues.auth_comp_id     MSE 
_pdbx_unobs_or_zero_occ_residues.auth_seq_id      1 
_pdbx_unobs_or_zero_occ_residues.PDB_ins_code     ? 
_pdbx_unobs_or_zero_occ_residues.label_asym_id    B 
_pdbx_unobs_or_zero_occ_residues.label_comp_id    MSE 
_pdbx_unobs_or_zero_occ_residues.label_seq_id     1 
# 
loop_
_chem_comp_atom.comp_id 
_chem_comp_atom.atom_id 
_chem_comp_atom.type_symbol 
_chem_comp_atom.pdbx_aromatic_flag 
_chem_comp_atom.pdbx_stereo_config 
_chem_comp_atom.pdbx_ordinal 
ALA N    N  N N 1   
ALA CA   C  N S 2   
ALA C    C  N N 3   
ALA O    O  N N 4   
ALA CB   C  N N 5   
ALA OXT  O  N N 6   
ALA H    H  N N 7   
ALA H2   H  N N 8   
ALA HA   H  N N 9   
ALA HB1  H  N N 10  
ALA HB2  H  N N 11  
ALA HB3  H  N N 12  
ALA HXT  H  N N 13  
ARG N    N  N N 14  
ARG CA   C  N S 15  
ARG C    C  N N 16  
ARG O    O  N N 17  
ARG CB   C  N N 18  
ARG CG   C  N N 19  
ARG CD   C  N N 20  
ARG NE   N  N N 21  
ARG CZ   C  N N 22  
ARG NH1  N  N N 23  
ARG NH2  N  N N 24  
ARG OXT  O  N N 25  
ARG H    H  N N 26  
ARG H2   H  N N 27  
ARG HA   H  N N 28  
ARG HB2  H  N N 29  
ARG HB3  H  N N 30  
ARG HG2  H  N N 31  
ARG HG3  H  N N 32  
ARG HD2  H  N N 33  
ARG HD3  H  N N 34  
ARG HE   H  N N 35  
ARG HH11 H  N N 36  
ARG HH12 H  N N 37  
ARG HH21 H  N N 38  
ARG HH22 H  N N 39  
ARG HXT  H  N N 40  
ASN N    N  N N 41  
ASN CA   C  N S 42  
ASN C    C  N N 43  
ASN O    O  N N 44  
ASN CB   C  N N 45  
ASN CG   C  N N 46  
ASN OD1  O  N N 47  
ASN ND2  N  N N 48  
ASN OXT  O  N N 49  
ASN H    H  N N 50  
ASN H2   H  N N 51  
ASN HA   H  N N 52  
ASN HB2  H  N N 53  
ASN HB3  H  N N 54  
ASN HD21 H  N N 55  
ASN HD22 H  N N 56  
ASN HXT  H  N N 57  
ASP N    N  N N 58  
ASP CA   C  N S 59  
ASP C    C  N N 60  
ASP O    O  N N 61  
ASP CB   C  N N 62  
ASP CG   C  N N 63  
ASP OD1  O  N N 64  
ASP OD2  O  N N 65  
ASP OXT  O  N N 66  
ASP H    H  N N 67  
ASP H2   H  N N 68  
ASP HA   H  N N 69  
ASP HB2  H  N N 70  
ASP HB3  H  N N 71  
ASP HD2  H  N N 72  
ASP HXT  H  N N 73  
CYS N    N  N N 74  
CYS CA   C  N R 75  
CYS C    C  N N 76  
CYS O    O  N N 77  
CYS CB   C  N N 78  
CYS SG   S  N N 79  
CYS OXT  O  N N 80  
CYS H    H  N N 81  
CYS H2   H  N N 82  
CYS HA   H  N N 83  
CYS HB2  H  N N 84  
CYS HB3  H  N N 85  
CYS HG   H  N N 86  
CYS HXT  H  N N 87  
GLN N    N  N N 88  
GLN CA   C  N S 89  
GLN C    C  N N 90  
GLN O    O  N N 91  
GLN CB   C  N N 92  
GLN CG   C  N N 93  
GLN CD   C  N N 94  
GLN OE1  O  N N 95  
GLN NE2  N  N N 96  
GLN OXT  O  N N 97  
GLN H    H  N N 98  
GLN H2   H  N N 99  
GLN HA   H  N N 100 
GLN HB2  H  N N 101 
GLN HB3  H  N N 102 
GLN HG2  H  N N 103 
GLN HG3  H  N N 104 
GLN HE21 H  N N 105 
GLN HE22 H  N N 106 
GLN HXT  H  N N 107 
GLU N    N  N N 108 
GLU CA   C  N S 109 
GLU C    C  N N 110 
GLU O    O  N N 111 
GLU CB   C  N N 112 
GLU CG   C  N N 113 
GLU CD   C  N N 114 
GLU OE1  O  N N 115 
GLU OE2  O  N N 116 
GLU OXT  O  N N 117 
GLU H    H  N N 118 
GLU H2   H  N N 119 
GLU HA   H  N N 120 
GLU HB2  H  N N 121 
GLU HB3  H  N N 122 
GLU HG2  H  N N 123 
GLU HG3  H  N N 124 
GLU HE2  H  N N 125 
GLU HXT  H  N N 126 
GLY N    N  N N 127 
GLY CA   C  N N 128 
GLY C    C  N N 129 
GLY O    O  N N 130 
GLY OXT  O  N N 131 
GLY H    H  N N 132 
GLY H2   H  N N 133 
GLY HA2  H  N N 134 
GLY HA3  H  N N 135 
GLY HXT  H  N N 136 
HIS N    N  N N 137 
HIS CA   C  N S 138 
HIS C    C  N N 139 
HIS O    O  N N 140 
HIS CB   C  N N 141 
HIS CG   C  Y N 142 
HIS ND1  N  Y N 143 
HIS CD2  C  Y N 144 
HIS CE1  C  Y N 145 
HIS NE2  N  Y N 146 
HIS OXT  O  N N 147 
HIS H    H  N N 148 
HIS H2   H  N N 149 
HIS HA   H  N N 150 
HIS HB2  H  N N 151 
HIS HB3  H  N N 152 
HIS HD1  H  N N 153 
HIS HD2  H  N N 154 
HIS HE1  H  N N 155 
HIS HE2  H  N N 156 
HIS HXT  H  N N 157 
HOH O    O  N N 158 
HOH H1   H  N N 159 
HOH H2   H  N N 160 
ILE N    N  N N 161 
ILE CA   C  N S 162 
ILE C    C  N N 163 
ILE O    O  N N 164 
ILE CB   C  N S 165 
ILE CG1  C  N N 166 
ILE CG2  C  N N 167 
ILE CD1  C  N N 168 
ILE OXT  O  N N 169 
ILE H    H  N N 170 
ILE H2   H  N N 171 
ILE HA   H  N N 172 
ILE HB   H  N N 173 
ILE HG12 H  N N 174 
ILE HG13 H  N N 175 
ILE HG21 H  N N 176 
ILE HG22 H  N N 177 
ILE HG23 H  N N 178 
ILE HD11 H  N N 179 
ILE HD12 H  N N 180 
ILE HD13 H  N N 181 
ILE HXT  H  N N 182 
LEU N    N  N N 183 
LEU CA   C  N S 184 
LEU C    C  N N 185 
LEU O    O  N N 186 
LEU CB   C  N N 187 
LEU CG   C  N N 188 
LEU CD1  C  N N 189 
LEU CD2  C  N N 190 
LEU OXT  O  N N 191 
LEU H    H  N N 192 
LEU H2   H  N N 193 
LEU HA   H  N N 194 
LEU HB2  H  N N 195 
LEU HB3  H  N N 196 
LEU HG   H  N N 197 
LEU HD11 H  N N 198 
LEU HD12 H  N N 199 
LEU HD13 H  N N 200 
LEU HD21 H  N N 201 
LEU HD22 H  N N 202 
LEU HD23 H  N N 203 
LEU HXT  H  N N 204 
LYS N    N  N N 205 
LYS CA   C  N S 206 
LYS C    C  N N 207 
LYS O    O  N N 208 
LYS CB   C  N N 209 
LYS CG   C  N N 210 
LYS CD   C  N N 211 
LYS CE   C  N N 212 
LYS NZ   N  N N 213 
LYS OXT  O  N N 214 
LYS H    H  N N 215 
LYS H2   H  N N 216 
LYS HA   H  N N 217 
LYS HB2  H  N N 218 
LYS HB3  H  N N 219 
LYS HG2  H  N N 220 
LYS HG3  H  N N 221 
LYS HD2  H  N N 222 
LYS HD3  H  N N 223 
LYS HE2  H  N N 224 
LYS HE3  H  N N 225 
LYS HZ1  H  N N 226 
LYS HZ2  H  N N 227 
LYS HZ3  H  N N 228 
LYS HXT  H  N N 229 
MET N    N  N N 230 
MET CA   C  N S 231 
MET C    C  N N 232 
MET O    O  N N 233 
MET CB   C  N N 234 
MET CG   C  N N 235 
MET SD   S  N N 236 
MET CE   C  N N 237 
MET OXT  O  N N 238 
MET H    H  N N 239 
MET H2   H  N N 240 
MET HA   H  N N 241 
MET HB2  H  N N 242 
MET HB3  H  N N 243 
MET HG2  H  N N 244 
MET HG3  H  N N 245 
MET HE1  H  N N 246 
MET HE2  H  N N 247 
MET HE3  H  N N 248 
MET HXT  H  N N 249 
MSE N    N  N N 250 
MSE CA   C  N S 251 
MSE C    C  N N 252 
MSE O    O  N N 253 
MSE OXT  O  N N 254 
MSE CB   C  N N 255 
MSE CG   C  N N 256 
MSE SE   SE N N 257 
MSE CE   C  N N 258 
MSE H    H  N N 259 
MSE H2   H  N N 260 
MSE HA   H  N N 261 
MSE HXT  H  N N 262 
MSE HB2  H  N N 263 
MSE HB3  H  N N 264 
MSE HG2  H  N N 265 
MSE HG3  H  N N 266 
MSE HE1  H  N N 267 
MSE HE2  H  N N 268 
MSE HE3  H  N N 269 
PHE N    N  N N 270 
PHE CA   C  N S 271 
PHE C    C  N N 272 
PHE O    O  N N 273 
PHE CB   C  N N 274 
PHE CG   C  Y N 275 
PHE CD1  C  Y N 276 
PHE CD2  C  Y N 277 
PHE CE1  C  Y N 278 
PHE CE2  C  Y N 279 
PHE CZ   C  Y N 280 
PHE OXT  O  N N 281 
PHE H    H  N N 282 
PHE H2   H  N N 283 
PHE HA   H  N N 284 
PHE HB2  H  N N 285 
PHE HB3  H  N N 286 
PHE HD1  H  N N 287 
PHE HD2  H  N N 288 
PHE HE1  H  N N 289 
PHE HE2  H  N N 290 
PHE HZ   H  N N 291 
PHE HXT  H  N N 292 
PRO N    N  N N 293 
PRO CA   C  N S 294 
PRO C    C  N N 295 
PRO O    O  N N 296 
PRO CB   C  N N 297 
PRO CG   C  N N 298 
PRO CD   C  N N 299 
PRO OXT  O  N N 300 
PRO H    H  N N 301 
PRO HA   H  N N 302 
PRO HB2  H  N N 303 
PRO HB3  H  N N 304 
PRO HG2  H  N N 305 
PRO HG3  H  N N 306 
PRO HD2  H  N N 307 
PRO HD3  H  N N 308 
PRO HXT  H  N N 309 
SER N    N  N N 310 
SER CA   C  N S 311 
SER C    C  N N 312 
SER O    O  N N 313 
SER CB   C  N N 314 
SER OG   O  N N 315 
SER OXT  O  N N 316 
SER H    H  N N 317 
SER H2   H  N N 318 
SER HA   H  N N 319 
SER HB2  H  N N 320 
SER HB3  H  N N 321 
SER HG   H  N N 322 
SER HXT  H  N N 323 
THR N    N  N N 324 
THR CA   C  N S 325 
THR C    C  N N 326 
THR O    O  N N 327 
THR CB   C  N R 328 
THR OG1  O  N N 329 
THR CG2  C  N N 330 
THR OXT  O  N N 331 
THR H    H  N N 332 
THR H2   H  N N 333 
THR HA   H  N N 334 
THR HB   H  N N 335 
THR HG1  H  N N 336 
THR HG21 H  N N 337 
THR HG22 H  N N 338 
THR HG23 H  N N 339 
THR HXT  H  N N 340 
TRP N    N  N N 341 
TRP CA   C  N S 342 
TRP C    C  N N 343 
TRP O    O  N N 344 
TRP CB   C  N N 345 
TRP CG   C  Y N 346 
TRP CD1  C  Y N 347 
TRP CD2  C  Y N 348 
TRP NE1  N  Y N 349 
TRP CE2  C  Y N 350 
TRP CE3  C  Y N 351 
TRP CZ2  C  Y N 352 
TRP CZ3  C  Y N 353 
TRP CH2  C  Y N 354 
TRP OXT  O  N N 355 
TRP H    H  N N 356 
TRP H2   H  N N 357 
TRP HA   H  N N 358 
TRP HB2  H  N N 359 
TRP HB3  H  N N 360 
TRP HD1  H  N N 361 
TRP HE1  H  N N 362 
TRP HE3  H  N N 363 
TRP HZ2  H  N N 364 
TRP HZ3  H  N N 365 
TRP HH2  H  N N 366 
TRP HXT  H  N N 367 
TYR N    N  N N 368 
TYR CA   C  N S 369 
TYR C    C  N N 370 
TYR O    O  N N 371 
TYR CB   C  N N 372 
TYR CG   C  Y N 373 
TYR CD1  C  Y N 374 
TYR CD2  C  Y N 375 
TYR CE1  C  Y N 376 
TYR CE2  C  Y N 377 
TYR CZ   C  Y N 378 
TYR OH   O  N N 379 
TYR OXT  O  N N 380 
TYR H    H  N N 381 
TYR H2   H  N N 382 
TYR HA   H  N N 383 
TYR HB2  H  N N 384 
TYR HB3  H  N N 385 
TYR HD1  H  N N 386 
TYR HD2  H  N N 387 
TYR HE1  H  N N 388 
TYR HE2  H  N N 389 
TYR HH   H  N N 390 
TYR HXT  H  N N 391 
VAL N    N  N N 392 
VAL CA   C  N S 393 
VAL C    C  N N 394 
VAL O    O  N N 395 
VAL CB   C  N N 396 
VAL CG1  C  N N 397 
VAL CG2  C  N N 398 
VAL OXT  O  N N 399 
VAL H    H  N N 400 
VAL H2   H  N N 401 
VAL HA   H  N N 402 
VAL HB   H  N N 403 
VAL HG11 H  N N 404 
VAL HG12 H  N N 405 
VAL HG13 H  N N 406 
VAL HG21 H  N N 407 
VAL HG22 H  N N 408 
VAL HG23 H  N N 409 
VAL HXT  H  N N 410 
# 
loop_
_chem_comp_bond.comp_id 
_chem_comp_bond.atom_id_1 
_chem_comp_bond.atom_id_2 
_chem_comp_bond.value_order 
_chem_comp_bond.pdbx_aromatic_flag 
_chem_comp_bond.pdbx_stereo_config 
_chem_comp_bond.pdbx_ordinal 
ALA N   CA   sing N N 1   
ALA N   H    sing N N 2   
ALA N   H2   sing N N 3   
ALA CA  C    sing N N 4   
ALA CA  CB   sing N N 5   
ALA CA  HA   sing N N 6   
ALA C   O    doub N N 7   
ALA C   OXT  sing N N 8   
ALA CB  HB1  sing N N 9   
ALA CB  HB2  sing N N 10  
ALA CB  HB3  sing N N 11  
ALA OXT HXT  sing N N 12  
ARG N   CA   sing N N 13  
ARG N   H    sing N N 14  
ARG N   H2   sing N N 15  
ARG CA  C    sing N N 16  
ARG CA  CB   sing N N 17  
ARG CA  HA   sing N N 18  
ARG C   O    doub N N 19  
ARG C   OXT  sing N N 20  
ARG CB  CG   sing N N 21  
ARG CB  HB2  sing N N 22  
ARG CB  HB3  sing N N 23  
ARG CG  CD   sing N N 24  
ARG CG  HG2  sing N N 25  
ARG CG  HG3  sing N N 26  
ARG CD  NE   sing N N 27  
ARG CD  HD2  sing N N 28  
ARG CD  HD3  sing N N 29  
ARG NE  CZ   sing N N 30  
ARG NE  HE   sing N N 31  
ARG CZ  NH1  sing N N 32  
ARG CZ  NH2  doub N N 33  
ARG NH1 HH11 sing N N 34  
ARG NH1 HH12 sing N N 35  
ARG NH2 HH21 sing N N 36  
ARG NH2 HH22 sing N N 37  
ARG OXT HXT  sing N N 38  
ASN N   CA   sing N N 39  
ASN N   H    sing N N 40  
ASN N   H2   sing N N 41  
ASN CA  C    sing N N 42  
ASN CA  CB   sing N N 43  
ASN CA  HA   sing N N 44  
ASN C   O    doub N N 45  
ASN C   OXT  sing N N 46  
ASN CB  CG   sing N N 47  
ASN CB  HB2  sing N N 48  
ASN CB  HB3  sing N N 49  
ASN CG  OD1  doub N N 50  
ASN CG  ND2  sing N N 51  
ASN ND2 HD21 sing N N 52  
ASN ND2 HD22 sing N N 53  
ASN OXT HXT  sing N N 54  
ASP N   CA   sing N N 55  
ASP N   H    sing N N 56  
ASP N   H2   sing N N 57  
ASP CA  C    sing N N 58  
ASP CA  CB   sing N N 59  
ASP CA  HA   sing N N 60  
ASP C   O    doub N N 61  
ASP C   OXT  sing N N 62  
ASP CB  CG   sing N N 63  
ASP CB  HB2  sing N N 64  
ASP CB  HB3  sing N N 65  
ASP CG  OD1  doub N N 66  
ASP CG  OD2  sing N N 67  
ASP OD2 HD2  sing N N 68  
ASP OXT HXT  sing N N 69  
CYS N   CA   sing N N 70  
CYS N   H    sing N N 71  
CYS N   H2   sing N N 72  
CYS CA  C    sing N N 73  
CYS CA  CB   sing N N 74  
CYS CA  HA   sing N N 75  
CYS C   O    doub N N 76  
CYS C   OXT  sing N N 77  
CYS CB  SG   sing N N 78  
CYS CB  HB2  sing N N 79  
CYS CB  HB3  sing N N 80  
CYS SG  HG   sing N N 81  
CYS OXT HXT  sing N N 82  
GLN N   CA   sing N N 83  
GLN N   H    sing N N 84  
GLN N   H2   sing N N 85  
GLN CA  C    sing N N 86  
GLN CA  CB   sing N N 87  
GLN CA  HA   sing N N 88  
GLN C   O    doub N N 89  
GLN C   OXT  sing N N 90  
GLN CB  CG   sing N N 91  
GLN CB  HB2  sing N N 92  
GLN CB  HB3  sing N N 93  
GLN CG  CD   sing N N 94  
GLN CG  HG2  sing N N 95  
GLN CG  HG3  sing N N 96  
GLN CD  OE1  doub N N 97  
GLN CD  NE2  sing N N 98  
GLN NE2 HE21 sing N N 99  
GLN NE2 HE22 sing N N 100 
GLN OXT HXT  sing N N 101 
GLU N   CA   sing N N 102 
GLU N   H    sing N N 103 
GLU N   H2   sing N N 104 
GLU CA  C    sing N N 105 
GLU CA  CB   sing N N 106 
GLU CA  HA   sing N N 107 
GLU C   O    doub N N 108 
GLU C   OXT  sing N N 109 
GLU CB  CG   sing N N 110 
GLU CB  HB2  sing N N 111 
GLU CB  HB3  sing N N 112 
GLU CG  CD   sing N N 113 
GLU CG  HG2  sing N N 114 
GLU CG  HG3  sing N N 115 
GLU CD  OE1  doub N N 116 
GLU CD  OE2  sing N N 117 
GLU OE2 HE2  sing N N 118 
GLU OXT HXT  sing N N 119 
GLY N   CA   sing N N 120 
GLY N   H    sing N N 121 
GLY N   H2   sing N N 122 
GLY CA  C    sing N N 123 
GLY CA  HA2  sing N N 124 
GLY CA  HA3  sing N N 125 
GLY C   O    doub N N 126 
GLY C   OXT  sing N N 127 
GLY OXT HXT  sing N N 128 
HIS N   CA   sing N N 129 
HIS N   H    sing N N 130 
HIS N   H2   sing N N 131 
HIS CA  C    sing N N 132 
HIS CA  CB   sing N N 133 
HIS CA  HA   sing N N 134 
HIS C   O    doub N N 135 
HIS C   OXT  sing N N 136 
HIS CB  CG   sing N N 137 
HIS CB  HB2  sing N N 138 
HIS CB  HB3  sing N N 139 
HIS CG  ND1  sing Y N 140 
HIS CG  CD2  doub Y N 141 
HIS ND1 CE1  doub Y N 142 
HIS ND1 HD1  sing N N 143 
HIS CD2 NE2  sing Y N 144 
HIS CD2 HD2  sing N N 145 
HIS CE1 NE2  sing Y N 146 
HIS CE1 HE1  sing N N 147 
HIS NE2 HE2  sing N N 148 
HIS OXT HXT  sing N N 149 
HOH O   H1   sing N N 150 
HOH O   H2   sing N N 151 
ILE N   CA   sing N N 152 
ILE N   H    sing N N 153 
ILE N   H2   sing N N 154 
ILE CA  C    sing N N 155 
ILE CA  CB   sing N N 156 
ILE CA  HA   sing N N 157 
ILE C   O    doub N N 158 
ILE C   OXT  sing N N 159 
ILE CB  CG1  sing N N 160 
ILE CB  CG2  sing N N 161 
ILE CB  HB   sing N N 162 
ILE CG1 CD1  sing N N 163 
ILE CG1 HG12 sing N N 164 
ILE CG1 HG13 sing N N 165 
ILE CG2 HG21 sing N N 166 
ILE CG2 HG22 sing N N 167 
ILE CG2 HG23 sing N N 168 
ILE CD1 HD11 sing N N 169 
ILE CD1 HD12 sing N N 170 
ILE CD1 HD13 sing N N 171 
ILE OXT HXT  sing N N 172 
LEU N   CA   sing N N 173 
LEU N   H    sing N N 174 
LEU N   H2   sing N N 175 
LEU CA  C    sing N N 176 
LEU CA  CB   sing N N 177 
LEU CA  HA   sing N N 178 
LEU C   O    doub N N 179 
LEU C   OXT  sing N N 180 
LEU CB  CG   sing N N 181 
LEU CB  HB2  sing N N 182 
LEU CB  HB3  sing N N 183 
LEU CG  CD1  sing N N 184 
LEU CG  CD2  sing N N 185 
LEU CG  HG   sing N N 186 
LEU CD1 HD11 sing N N 187 
LEU CD1 HD12 sing N N 188 
LEU CD1 HD13 sing N N 189 
LEU CD2 HD21 sing N N 190 
LEU CD2 HD22 sing N N 191 
LEU CD2 HD23 sing N N 192 
LEU OXT HXT  sing N N 193 
LYS N   CA   sing N N 194 
LYS N   H    sing N N 195 
LYS N   H2   sing N N 196 
LYS CA  C    sing N N 197 
LYS CA  CB   sing N N 198 
LYS CA  HA   sing N N 199 
LYS C   O    doub N N 200 
LYS C   OXT  sing N N 201 
LYS CB  CG   sing N N 202 
LYS CB  HB2  sing N N 203 
LYS CB  HB3  sing N N 204 
LYS CG  CD   sing N N 205 
LYS CG  HG2  sing N N 206 
LYS CG  HG3  sing N N 207 
LYS CD  CE   sing N N 208 
LYS CD  HD2  sing N N 209 
LYS CD  HD3  sing N N 210 
LYS CE  NZ   sing N N 211 
LYS CE  HE2  sing N N 212 
LYS CE  HE3  sing N N 213 
LYS NZ  HZ1  sing N N 214 
LYS NZ  HZ2  sing N N 215 
LYS NZ  HZ3  sing N N 216 
LYS OXT HXT  sing N N 217 
MET N   CA   sing N N 218 
MET N   H    sing N N 219 
MET N   H2   sing N N 220 
MET CA  C    sing N N 221 
MET CA  CB   sing N N 222 
MET CA  HA   sing N N 223 
MET C   O    doub N N 224 
MET C   OXT  sing N N 225 
MET CB  CG   sing N N 226 
MET CB  HB2  sing N N 227 
MET CB  HB3  sing N N 228 
MET CG  SD   sing N N 229 
MET CG  HG2  sing N N 230 
MET CG  HG3  sing N N 231 
MET SD  CE   sing N N 232 
MET CE  HE1  sing N N 233 
MET CE  HE2  sing N N 234 
MET CE  HE3  sing N N 235 
MET OXT HXT  sing N N 236 
MSE N   CA   sing N N 237 
MSE N   H    sing N N 238 
MSE N   H2   sing N N 239 
MSE CA  C    sing N N 240 
MSE CA  CB   sing N N 241 
MSE CA  HA   sing N N 242 
MSE C   O    doub N N 243 
MSE C   OXT  sing N N 244 
MSE OXT HXT  sing N N 245 
MSE CB  CG   sing N N 246 
MSE CB  HB2  sing N N 247 
MSE CB  HB3  sing N N 248 
MSE CG  SE   sing N N 249 
MSE CG  HG2  sing N N 250 
MSE CG  HG3  sing N N 251 
MSE SE  CE   sing N N 252 
MSE CE  HE1  sing N N 253 
MSE CE  HE2  sing N N 254 
MSE CE  HE3  sing N N 255 
PHE N   CA   sing N N 256 
PHE N   H    sing N N 257 
PHE N   H2   sing N N 258 
PHE CA  C    sing N N 259 
PHE CA  CB   sing N N 260 
PHE CA  HA   sing N N 261 
PHE C   O    doub N N 262 
PHE C   OXT  sing N N 263 
PHE CB  CG   sing N N 264 
PHE CB  HB2  sing N N 265 
PHE CB  HB3  sing N N 266 
PHE CG  CD1  doub Y N 267 
PHE CG  CD2  sing Y N 268 
PHE CD1 CE1  sing Y N 269 
PHE CD1 HD1  sing N N 270 
PHE CD2 CE2  doub Y N 271 
PHE CD2 HD2  sing N N 272 
PHE CE1 CZ   doub Y N 273 
PHE CE1 HE1  sing N N 274 
PHE CE2 CZ   sing Y N 275 
PHE CE2 HE2  sing N N 276 
PHE CZ  HZ   sing N N 277 
PHE OXT HXT  sing N N 278 
PRO N   CA   sing N N 279 
PRO N   CD   sing N N 280 
PRO N   H    sing N N 281 
PRO CA  C    sing N N 282 
PRO CA  CB   sing N N 283 
PRO CA  HA   sing N N 284 
PRO C   O    doub N N 285 
PRO C   OXT  sing N N 286 
PRO CB  CG   sing N N 287 
PRO CB  HB2  sing N N 288 
PRO CB  HB3  sing N N 289 
PRO CG  CD   sing N N 290 
PRO CG  HG2  sing N N 291 
PRO CG  HG3  sing N N 292 
PRO CD  HD2  sing N N 293 
PRO CD  HD3  sing N N 294 
PRO OXT HXT  sing N N 295 
SER N   CA   sing N N 296 
SER N   H    sing N N 297 
SER N   H2   sing N N 298 
SER CA  C    sing N N 299 
SER CA  CB   sing N N 300 
SER CA  HA   sing N N 301 
SER C   O    doub N N 302 
SER C   OXT  sing N N 303 
SER CB  OG   sing N N 304 
SER CB  HB2  sing N N 305 
SER CB  HB3  sing N N 306 
SER OG  HG   sing N N 307 
SER OXT HXT  sing N N 308 
THR N   CA   sing N N 309 
THR N   H    sing N N 310 
THR N   H2   sing N N 311 
THR CA  C    sing N N 312 
THR CA  CB   sing N N 313 
THR CA  HA   sing N N 314 
THR C   O    doub N N 315 
THR C   OXT  sing N N 316 
THR CB  OG1  sing N N 317 
THR CB  CG2  sing N N 318 
THR CB  HB   sing N N 319 
THR OG1 HG1  sing N N 320 
THR CG2 HG21 sing N N 321 
THR CG2 HG22 sing N N 322 
THR CG2 HG23 sing N N 323 
THR OXT HXT  sing N N 324 
TRP N   CA   sing N N 325 
TRP N   H    sing N N 326 
TRP N   H2   sing N N 327 
TRP CA  C    sing N N 328 
TRP CA  CB   sing N N 329 
TRP CA  HA   sing N N 330 
TRP C   O    doub N N 331 
TRP C   OXT  sing N N 332 
TRP CB  CG   sing N N 333 
TRP CB  HB2  sing N N 334 
TRP CB  HB3  sing N N 335 
TRP CG  CD1  doub Y N 336 
TRP CG  CD2  sing Y N 337 
TRP CD1 NE1  sing Y N 338 
TRP CD1 HD1  sing N N 339 
TRP CD2 CE2  doub Y N 340 
TRP CD2 CE3  sing Y N 341 
TRP NE1 CE2  sing Y N 342 
TRP NE1 HE1  sing N N 343 
TRP CE2 CZ2  sing Y N 344 
TRP CE3 CZ3  doub Y N 345 
TRP CE3 HE3  sing N N 346 
TRP CZ2 CH2  doub Y N 347 
TRP CZ2 HZ2  sing N N 348 
TRP CZ3 CH2  sing Y N 349 
TRP CZ3 HZ3  sing N N 350 
TRP CH2 HH2  sing N N 351 
TRP OXT HXT  sing N N 352 
TYR N   CA   sing N N 353 
TYR N   H    sing N N 354 
TYR N   H2   sing N N 355 
TYR CA  C    sing N N 356 
TYR CA  CB   sing N N 357 
TYR CA  HA   sing N N 358 
TYR C   O    doub N N 359 
TYR C   OXT  sing N N 360 
TYR CB  CG   sing N N 361 
TYR CB  HB2  sing N N 362 
TYR CB  HB3  sing N N 363 
TYR CG  CD1  doub Y N 364 
TYR CG  CD2  sing Y N 365 
TYR CD1 CE1  sing Y N 366 
TYR CD1 HD1  sing N N 367 
TYR CD2 CE2  doub Y N 368 
TYR CD2 HD2  sing N N 369 
TYR CE1 CZ   doub Y N 370 
TYR CE1 HE1  sing N N 371 
TYR CE2 CZ   sing Y N 372 
TYR CE2 HE2  sing N N 373 
TYR CZ  OH   sing N N 374 
TYR OH  HH   sing N N 375 
TYR OXT HXT  sing N N 376 
VAL N   CA   sing N N 377 
VAL N   H    sing N N 378 
VAL N   H2   sing N N 379 
VAL CA  C    sing N N 380 
VAL CA  CB   sing N N 381 
VAL CA  HA   sing N N 382 
VAL C   O    doub N N 383 
VAL C   OXT  sing N N 384 
VAL CB  CG1  sing N N 385 
VAL CB  CG2  sing N N 386 
VAL CB  HB   sing N N 387 
VAL CG1 HG11 sing N N 388 
VAL CG1 HG12 sing N N 389 
VAL CG1 HG13 sing N N 390 
VAL CG2 HG21 sing N N 391 
VAL CG2 HG22 sing N N 392 
VAL CG2 HG23 sing N N 393 
VAL OXT HXT  sing N N 394 
# 
_atom_sites.entry_id                    1CI4 
_atom_sites.fract_transf_matrix[1][1]   0.01294538 
_atom_sites.fract_transf_matrix[1][2]   0.01996402 
_atom_sites.fract_transf_matrix[1][3]   -0.00248295 
_atom_sites.fract_transf_matrix[2][1]   0.00815389 
_atom_sites.fract_transf_matrix[2][2]   -0.00250754 
_atom_sites.fract_transf_matrix[2][3]   0.02235031 
_atom_sites.fract_transf_matrix[3][1]   0.00358248 
_atom_sites.fract_transf_matrix[3][2]   -0.00252073 
_atom_sites.fract_transf_matrix[3][3]   -0.00158977 
_atom_sites.fract_transf_vector[1]      0.542304 
_atom_sites.fract_transf_vector[2]      -0.004550 
_atom_sites.fract_transf_vector[3]      0.060022 
# 
loop_
_atom_type.symbol 
C  
N  
O  
S  
SE 
# 
loop_
_atom_site.group_PDB 
_atom_site.id 
_atom_site.type_symbol 
_atom_site.label_atom_id 
_atom_site.label_alt_id 
_atom_site.label_comp_id 
_atom_site.label_asym_id 
_atom_site.label_entity_id 
_atom_site.label_seq_id 
_atom_site.pdbx_PDB_ins_code 
_atom_site.Cartn_x 
_atom_site.Cartn_y 
_atom_site.Cartn_z 
_atom_site.occupancy 
_atom_site.B_iso_or_equiv 
_atom_site.pdbx_formal_charge 
_atom_site.auth_seq_id 
_atom_site.auth_comp_id 
_atom_site.auth_asym_id 
_atom_site.auth_atom_id 
_atom_site.pdbx_PDB_model_num 
HETATM 1    N  N   . MSE A 1 1  ? -22.882 15.262  4.643   1.00 30.54 ? 1   MSE A N   1 
HETATM 2    C  CA  . MSE A 1 1  ? -22.154 14.027  4.216   1.00 31.02 ? 1   MSE A CA  1 
HETATM 3    C  C   . MSE A 1 1  ? -22.991 13.226  3.216   1.00 29.74 ? 1   MSE A C   1 
HETATM 4    O  O   . MSE A 1 1  ? -24.170 12.991  3.447   1.00 27.93 ? 1   MSE A O   1 
HETATM 5    C  CB  . MSE A 1 1  ? -21.847 13.138  5.428   1.00 35.09 ? 1   MSE A CB  1 
HETATM 6    C  CG  . MSE A 1 1  ? -20.924 13.746  6.493   1.00 41.49 ? 1   MSE A CG  1 
HETATM 7    SE SE  . MSE A 1 1  ? -20.543 12.558  7.834   1.00 50.33 ? 1   MSE A SE  1 
HETATM 8    C  CE  . MSE A 1 1  ? -19.133 11.770  7.237   1.00 42.44 ? 1   MSE A CE  1 
ATOM   9    N  N   . THR A 1 2  ? -22.371 12.795  2.124   1.00 28.24 ? 2   THR A N   1 
ATOM   10   C  CA  . THR A 1 2  ? -23.070 12.018  1.094   1.00 27.99 ? 2   THR A CA  1 
ATOM   11   C  C   . THR A 1 2  ? -22.378 10.677  0.890   1.00 26.81 ? 2   THR A C   1 
ATOM   12   O  O   . THR A 1 2  ? -22.629 9.967   -0.092  1.00 24.01 ? 2   THR A O   1 
ATOM   13   C  CB  . THR A 1 2  ? -23.094 12.768  -0.258  1.00 28.03 ? 2   THR A CB  1 
ATOM   14   O  OG1 . THR A 1 2  ? -21.755 13.110  -0.636  1.00 29.92 ? 2   THR A OG1 1 
ATOM   15   C  CG2 . THR A 1 2  ? -23.919 14.036  -0.155  1.00 29.16 ? 2   THR A CG2 1 
ATOM   16   N  N   . THR A 1 3  ? -21.503 10.338  1.832   1.00 23.50 ? 3   THR A N   1 
ATOM   17   C  CA  . THR A 1 3  ? -20.747 9.094   1.802   1.00 20.98 ? 3   THR A CA  1 
ATOM   18   C  C   . THR A 1 3  ? -21.509 7.926   2.439   1.00 20.33 ? 3   THR A C   1 
ATOM   19   O  O   . THR A 1 3  ? -22.468 8.125   3.171   1.00 21.97 ? 3   THR A O   1 
ATOM   20   C  CB  . THR A 1 3  ? -19.418 9.274   2.557   1.00 22.30 ? 3   THR A CB  1 
ATOM   21   O  OG1 . THR A 1 3  ? -19.695 9.774   3.876   1.00 18.90 ? 3   THR A OG1 1 
ATOM   22   C  CG2 . THR A 1 3  ? -18.527 10.259  1.820   1.00 20.54 ? 3   THR A CG2 1 
ATOM   23   N  N   . SER A 1 4  ? -21.076 6.709   2.154   1.00 21.81 ? 4   SER A N   1 
ATOM   24   C  CA  . SER A 1 4  ? -21.712 5.543   2.744   1.00 23.41 ? 4   SER A CA  1 
ATOM   25   C  C   . SER A 1 4  ? -21.226 5.365   4.191   1.00 27.74 ? 4   SER A C   1 
ATOM   26   O  O   . SER A 1 4  ? -20.130 5.827   4.559   1.00 27.64 ? 4   SER A O   1 
ATOM   27   C  CB  . SER A 1 4  ? -21.370 4.299   1.940   1.00 22.37 ? 4   SER A CB  1 
ATOM   28   O  OG  . SER A 1 4  ? -20.005 3.968   2.075   1.00 20.15 ? 4   SER A OG  1 
ATOM   29   N  N   . GLN A 1 5  ? -22.029 4.696   5.013   1.00 26.59 ? 5   GLN A N   1 
ATOM   30   C  CA  . GLN A 1 5  ? -21.640 4.481   6.405   1.00 28.78 ? 5   GLN A CA  1 
ATOM   31   C  C   . GLN A 1 5  ? -20.320 3.735   6.388   1.00 27.88 ? 5   GLN A C   1 
ATOM   32   O  O   . GLN A 1 5  ? -19.426 3.975   7.207   1.00 31.15 ? 5   GLN A O   1 
ATOM   33   C  CB  . GLN A 1 5  ? -22.703 3.655   7.131   1.00 29.50 ? 5   GLN A CB  1 
ATOM   34   C  CG  . GLN A 1 5  ? -22.649 3.768   8.643   1.00 33.94 ? 5   GLN A CG  1 
ATOM   35   C  CD  . GLN A 1 5  ? -22.637 5.206   9.132   1.00 34.25 ? 5   GLN A CD  1 
ATOM   36   O  OE1 . GLN A 1 5  ? -23.358 6.054   8.624   1.00 37.47 ? 5   GLN A OE1 1 
ATOM   37   N  NE2 . GLN A 1 5  ? -21.811 5.481   10.136  1.00 38.20 ? 5   GLN A NE2 1 
ATOM   38   N  N   . LYS A 1 6  ? -20.194 2.835   5.423   1.00 26.32 ? 6   LYS A N   1 
ATOM   39   C  CA  . LYS A 1 6  ? -18.992 2.036   5.268   1.00 25.04 ? 6   LYS A CA  1 
ATOM   40   C  C   . LYS A 1 6  ? -17.764 2.919   5.085   1.00 24.26 ? 6   LYS A C   1 
ATOM   41   O  O   . LYS A 1 6  ? -16.697 2.646   5.640   1.00 22.93 ? 6   LYS A O   1 
ATOM   42   C  CB  . LYS A 1 6  ? -19.120 1.130   4.050   1.00 24.82 ? 6   LYS A CB  1 
ATOM   43   C  CG  . LYS A 1 6  ? -19.278 -0.323  4.352   1.00 26.84 ? 6   LYS A CG  1 
ATOM   44   C  CD  . LYS A 1 6  ? -19.317 -1.092  3.045   1.00 27.88 ? 6   LYS A CD  1 
ATOM   45   C  CE  . LYS A 1 6  ? -19.035 -2.552  3.262   1.00 31.53 ? 6   LYS A CE  1 
ATOM   46   N  NZ  . LYS A 1 6  ? -19.193 -3.347  2.005   1.00 31.22 ? 6   LYS A NZ  1 
ATOM   47   N  N   . HIS A 1 7  ? -17.928 3.955   4.272   1.00 22.02 ? 7   HIS A N   1 
ATOM   48   C  CA  . HIS A 1 7  ? -16.866 4.905   3.981   1.00 20.77 ? 7   HIS A CA  1 
ATOM   49   C  C   . HIS A 1 7  ? -16.460 5.624   5.267   1.00 19.76 ? 7   HIS A C   1 
ATOM   50   O  O   . HIS A 1 7  ? -15.280 5.687   5.597   1.00 17.77 ? 7   HIS A O   1 
ATOM   51   C  CB  . HIS A 1 7  ? -17.371 5.942   2.978   1.00 21.09 ? 7   HIS A CB  1 
ATOM   52   C  CG  . HIS A 1 7  ? -16.412 7.064   2.731   1.00 21.66 ? 7   HIS A CG  1 
ATOM   53   N  ND1 . HIS A 1 7  ? -15.544 7.077   1.661   1.00 17.88 ? 7   HIS A ND1 1 
ATOM   54   C  CD2 . HIS A 1 7  ? -16.189 8.213   3.412   1.00 21.40 ? 7   HIS A CD2 1 
ATOM   55   C  CE1 . HIS A 1 7  ? -14.827 8.190   1.693   1.00 21.02 ? 7   HIS A CE1 1 
ATOM   56   N  NE2 . HIS A 1 7  ? -15.200 8.893   2.745   1.00 19.85 ? 7   HIS A NE2 1 
ATOM   57   N  N   . ARG A 1 8  ? -17.447 6.160   5.972   1.00 19.92 ? 8   ARG A N   1 
ATOM   58   C  CA  . ARG A 1 8  ? -17.184 6.900   7.206   1.00 20.84 ? 8   ARG A CA  1 
ATOM   59   C  C   . ARG A 1 8  ? -16.455 6.033   8.217   1.00 21.20 ? 8   ARG A C   1 
ATOM   60   O  O   . ARG A 1 8  ? -15.470 6.463   8.824   1.00 20.09 ? 8   ARG A O   1 
ATOM   61   C  CB  . ARG A 1 8  ? -18.482 7.416   7.807   1.00 19.56 ? 8   ARG A CB  1 
ATOM   62   C  CG  . ARG A 1 8  ? -19.245 8.315   6.873   1.00 21.34 ? 8   ARG A CG  1 
ATOM   63   C  CD  . ARG A 1 8  ? -20.600 8.673   7.422   1.00 22.38 ? 8   ARG A CD  1 
ATOM   64   N  NE  . ARG A 1 8  ? -21.467 9.089   6.327   1.00 24.37 ? 8   ARG A NE  1 
ATOM   65   C  CZ  . ARG A 1 8  ? -22.745 9.416   6.444   1.00 22.82 ? 8   ARG A CZ  1 
ATOM   66   N  NH1 . ARG A 1 8  ? -23.351 9.389   7.623   1.00 23.53 ? 8   ARG A NH1 1 
ATOM   67   N  NH2 . ARG A 1 8  ? -23.426 9.753   5.356   1.00 26.12 ? 8   ARG A NH2 1 
ATOM   68   N  N   . ASP A 1 9  ? -16.928 4.804   8.397   1.00 20.98 ? 9   ASP A N   1 
ATOM   69   C  CA  . ASP A 1 9  ? -16.294 3.897   9.345   1.00 21.99 ? 9   ASP A CA  1 
ATOM   70   C  C   . ASP A 1 9  ? -14.874 3.498   8.926   1.00 20.92 ? 9   ASP A C   1 
ATOM   71   O  O   . ASP A 1 9  ? -14.003 3.340   9.784   1.00 20.99 ? 9   ASP A O   1 
ATOM   72   C  CB  . ASP A 1 9  ? -17.128 2.619   9.546   1.00 23.44 ? 9   ASP A CB  1 
ATOM   73   C  CG  . ASP A 1 9  ? -18.466 2.884   10.205  1.00 26.42 ? 9   ASP A CG  1 
ATOM   74   O  OD1 . ASP A 1 9  ? -18.647 3.968   10.797  1.00 24.25 ? 9   ASP A OD1 1 
ATOM   75   O  OD2 . ASP A 1 9  ? -19.344 1.992   10.140  1.00 26.21 ? 9   ASP A OD2 1 
ATOM   76   N  N   . PHE A 1 10 ? -14.621 3.344   7.626   1.00 17.46 ? 10  PHE A N   1 
ATOM   77   C  CA  . PHE A 1 10 ? -13.300 2.945   7.181   1.00 17.11 ? 10  PHE A CA  1 
ATOM   78   C  C   . PHE A 1 10 ? -12.264 4.074   7.233   1.00 17.10 ? 10  PHE A C   1 
ATOM   79   O  O   . PHE A 1 10 ? -11.091 3.825   7.489   1.00 17.52 ? 10  PHE A O   1 
ATOM   80   C  CB  . PHE A 1 10 ? -13.330 2.441   5.747   1.00 14.83 ? 10  PHE A CB  1 
ATOM   81   C  CG  . PHE A 1 10 ? -12.070 1.770   5.308   1.00 16.29 ? 10  PHE A CG  1 
ATOM   82   C  CD1 . PHE A 1 10 ? -11.872 0.413   5.539   1.00 15.53 ? 10  PHE A CD1 1 
ATOM   83   C  CD2 . PHE A 1 10 ? -11.063 2.488   4.665   1.00 15.20 ? 10  PHE A CD2 1 
ATOM   84   C  CE1 . PHE A 1 10 ? -10.704 -0.218  5.145   1.00 17.07 ? 10  PHE A CE1 1 
ATOM   85   C  CE2 . PHE A 1 10 ? -9.894  1.871   4.265   1.00 15.17 ? 10  PHE A CE2 1 
ATOM   86   C  CZ  . PHE A 1 10 ? -9.708  0.509   4.504   1.00 18.33 ? 10  PHE A CZ  1 
ATOM   87   N  N   . VAL A 1 11 ? -12.703 5.288   6.936   1.00 17.20 ? 11  VAL A N   1 
ATOM   88   C  CA  . VAL A 1 11 ? -11.821 6.448   6.910   1.00 20.68 ? 11  VAL A CA  1 
ATOM   89   C  C   . VAL A 1 11 ? -11.540 7.019   8.307   1.00 21.89 ? 11  VAL A C   1 
ATOM   90   O  O   . VAL A 1 11 ? -10.627 7.836   8.488   1.00 22.16 ? 11  VAL A O   1 
ATOM   91   C  CB  . VAL A 1 11 ? -12.448 7.527   5.994   1.00 21.64 ? 11  VAL A CB  1 
ATOM   92   C  CG1 . VAL A 1 11 ? -11.714 8.832   6.107   1.00 22.84 ? 11  VAL A CG1 1 
ATOM   93   C  CG2 . VAL A 1 11 ? -12.434 7.020   4.550   1.00 19.57 ? 11  VAL A CG2 1 
ATOM   94   N  N   . ALA A 1 12 ? -12.303 6.573   9.293   1.00 21.65 ? 12  ALA A N   1 
ATOM   95   C  CA  . ALA A 1 12 ? -12.158 7.068   10.670  1.00 21.67 ? 12  ALA A CA  1 
ATOM   96   C  C   . ALA A 1 12 ? -11.044 6.469   11.507  1.00 22.01 ? 12  ALA A C   1 
ATOM   97   O  O   . ALA A 1 12 ? -10.742 6.993   12.576  1.00 21.31 ? 12  ALA A O   1 
ATOM   98   C  CB  . ALA A 1 12 ? -13.460 6.883   11.421  1.00 17.87 ? 12  ALA A CB  1 
ATOM   99   N  N   . GLU A 1 13 ? -10.444 5.383   11.047  1.00 21.53 ? 13  GLU A N   1 
ATOM   100  C  CA  . GLU A 1 13 ? -9.420  4.707   11.823  1.00 22.32 ? 13  GLU A CA  1 
ATOM   101  C  C   . GLU A 1 13 ? -8.475  3.875   10.983  1.00 21.65 ? 13  GLU A C   1 
ATOM   102  O  O   . GLU A 1 13 ? -8.749  3.584   9.822   1.00 22.90 ? 13  GLU A O   1 
ATOM   103  C  CB  . GLU A 1 13 ? -10.106 3.763   12.814  1.00 23.90 ? 13  GLU A CB  1 
ATOM   104  C  CG  . GLU A 1 13 ? -11.087 2.811   12.132  1.00 24.91 ? 13  GLU A CG  1 
ATOM   105  C  CD  . GLU A 1 13 ? -11.777 1.853   13.092  1.00 27.79 ? 13  GLU A CD  1 
ATOM   106  O  OE1 . GLU A 1 13 ? -11.764 2.106   14.313  1.00 26.66 ? 13  GLU A OE1 1 
ATOM   107  O  OE2 . GLU A 1 13 ? -12.348 0.847   12.623  1.00 27.09 ? 13  GLU A OE2 1 
ATOM   108  N  N   . PRO A 1 14 ? -7.343  3.462   11.572  1.00 20.16 ? 14  PRO A N   1 
ATOM   109  C  CA  . PRO A 1 14 ? -6.394  2.634   10.832  1.00 20.07 ? 14  PRO A CA  1 
ATOM   110  C  C   . PRO A 1 14 ? -7.192  1.393   10.403  1.00 19.79 ? 14  PRO A C   1 
ATOM   111  O  O   . PRO A 1 14 ? -8.158  1.037   11.067  1.00 21.20 ? 14  PRO A O   1 
ATOM   112  C  CB  . PRO A 1 14 ? -5.326  2.334   11.869  1.00 19.33 ? 14  PRO A CB  1 
ATOM   113  C  CG  . PRO A 1 14 ? -5.287  3.632   12.649  1.00 18.96 ? 14  PRO A CG  1 
ATOM   114  C  CD  . PRO A 1 14 ? -6.748  3.960   12.831  1.00 20.91 ? 14  PRO A CD  1 
HETATM 115  N  N   . MSE A 1 15 ? -6.798  0.760   9.308   1.00 20.12 ? 15  MSE A N   1 
HETATM 116  C  CA  . MSE A 1 15 ? -7.547  -0.388  8.796   1.00 22.15 ? 15  MSE A CA  1 
HETATM 117  C  C   . MSE A 1 15 ? -7.120  -1.726  9.354   1.00 22.04 ? 15  MSE A C   1 
HETATM 118  O  O   . MSE A 1 15 ? -7.930  -2.673  9.409   1.00 23.90 ? 15  MSE A O   1 
HETATM 119  C  CB  . MSE A 1 15 ? -7.494  -0.433  7.256   1.00 20.57 ? 15  MSE A CB  1 
HETATM 120  C  CG  . MSE A 1 15 ? -6.132  -0.758  6.634   1.00 21.63 ? 15  MSE A CG  1 
HETATM 121  SE SE  . MSE A 1 15 ? -6.116  -0.731  4.769   1.00 22.60 ? 15  MSE A SE  1 
HETATM 122  C  CE  . MSE A 1 15 ? -6.509  1.021   4.415   1.00 17.65 ? 15  MSE A CE  1 
ATOM   123  N  N   . GLY A 1 16 ? -5.863  -1.819  9.771   1.00 20.93 ? 16  GLY A N   1 
ATOM   124  C  CA  . GLY A 1 16 ? -5.370  -3.062  10.328  1.00 22.83 ? 16  GLY A CA  1 
ATOM   125  C  C   . GLY A 1 16 ? -5.671  -4.298  9.502   1.00 22.20 ? 16  GLY A C   1 
ATOM   126  O  O   . GLY A 1 16 ? -5.372  -4.341  8.308   1.00 21.20 ? 16  GLY A O   1 
ATOM   127  N  N   . GLU A 1 17 ? -6.279  -5.288  10.155  1.00 21.36 ? 17  GLU A N   1 
ATOM   128  C  CA  . GLU A 1 17 ? -6.624  -6.558  9.518   1.00 22.62 ? 17  GLU A CA  1 
ATOM   129  C  C   . GLU A 1 17 ? -8.038  -6.638  8.917   1.00 22.74 ? 17  GLU A C   1 
ATOM   130  O  O   . GLU A 1 17 ? -8.528  -7.740  8.672   1.00 23.51 ? 17  GLU A O   1 
ATOM   131  C  CB  . GLU A 1 17 ? -6.471  -7.701  10.527  1.00 25.33 ? 17  GLU A CB  1 
ATOM   132  C  CG  . GLU A 1 17 ? -5.048  -7.956  11.016  1.00 25.89 ? 17  GLU A CG  1 
ATOM   133  C  CD  . GLU A 1 17 ? -4.124  -8.449  9.918   1.00 29.23 ? 17  GLU A CD  1 
ATOM   134  O  OE1 . GLU A 1 17 ? -4.585  -9.144  8.992   1.00 29.03 ? 17  GLU A OE1 1 
ATOM   135  O  OE2 . GLU A 1 17 ? -2.918  -8.156  9.980   1.00 32.68 ? 17  GLU A OE2 1 
ATOM   136  N  N   . LYS A 1 18 ? -8.684  -5.499  8.681   1.00 21.57 ? 18  LYS A N   1 
ATOM   137  C  CA  . LYS A 1 18 ? -10.045 -5.479  8.110   1.00 20.06 ? 18  LYS A CA  1 
ATOM   138  C  C   . LYS A 1 18 ? -10.135 -6.254  6.785   1.00 18.02 ? 18  LYS A C   1 
ATOM   139  O  O   . LYS A 1 18 ? -9.212  -6.243  5.986   1.00 16.74 ? 18  LYS A O   1 
ATOM   140  C  CB  . LYS A 1 18 ? -10.512 -4.030  7.913   1.00 18.68 ? 18  LYS A CB  1 
ATOM   141  C  CG  . LYS A 1 18 ? -10.965 -3.333  9.201   1.00 18.85 ? 18  LYS A CG  1 
ATOM   142  C  CD  . LYS A 1 18 ? -11.363 -1.884  8.936   1.00 17.67 ? 18  LYS A CD  1 
ATOM   143  C  CE  . LYS A 1 18 ? -11.719 -1.169  10.214  1.00 18.10 ? 18  LYS A CE  1 
ATOM   144  N  NZ  . LYS A 1 18 ? -12.240 0.213   10.012  1.00 19.50 ? 18  LYS A NZ  1 
ATOM   145  N  N   . PRO A 1 19 ? -11.247 -6.979  6.560   1.00 19.08 ? 19  PRO A N   1 
ATOM   146  C  CA  . PRO A 1 19 ? -11.379 -7.737  5.310   1.00 18.51 ? 19  PRO A CA  1 
ATOM   147  C  C   . PRO A 1 19 ? -11.663 -6.753  4.177   1.00 17.01 ? 19  PRO A C   1 
ATOM   148  O  O   . PRO A 1 19 ? -12.006 -5.606  4.432   1.00 16.63 ? 19  PRO A O   1 
ATOM   149  C  CB  . PRO A 1 19 ? -12.573 -8.646  5.599   1.00 20.34 ? 19  PRO A CB  1 
ATOM   150  C  CG  . PRO A 1 19 ? -13.481 -7.707  6.343   1.00 21.02 ? 19  PRO A CG  1 
ATOM   151  C  CD  . PRO A 1 19 ? -12.508 -7.007  7.324   1.00 18.87 ? 19  PRO A CD  1 
ATOM   152  N  N   . VAL A 1 20 ? -11.542 -7.196  2.934   1.00 16.78 ? 20  VAL A N   1 
ATOM   153  C  CA  . VAL A 1 20 ? -11.778 -6.316  1.796   1.00 18.86 ? 20  VAL A CA  1 
ATOM   154  C  C   . VAL A 1 20 ? -13.199 -5.744  1.804   1.00 18.92 ? 20  VAL A C   1 
ATOM   155  O  O   . VAL A 1 20 ? -13.467 -4.643  1.280   1.00 17.97 ? 20  VAL A O   1 
ATOM   156  C  CB  . VAL A 1 20 ? -11.462 -7.082  0.481   1.00 22.85 ? 20  VAL A CB  1 
ATOM   157  C  CG1 . VAL A 1 20 ? -12.512 -8.132  0.210   1.00 23.99 ? 20  VAL A CG1 1 
ATOM   158  C  CG2 . VAL A 1 20 ? -11.338 -6.128  -0.658  1.00 25.59 ? 20  VAL A CG2 1 
ATOM   159  N  N   . GLY A 1 21 ? -14.095 -6.462  2.477   1.00 16.59 ? 21  GLY A N   1 
ATOM   160  C  CA  . GLY A 1 21 ? -15.484 -6.063  2.572   1.00 17.12 ? 21  GLY A CA  1 
ATOM   161  C  C   . GLY A 1 21 ? -15.765 -4.808  3.367   1.00 17.73 ? 21  GLY A C   1 
ATOM   162  O  O   . GLY A 1 21 ? -16.871 -4.280  3.332   1.00 19.13 ? 21  GLY A O   1 
ATOM   163  N  N   . SER A 1 22 ? -14.777 -4.322  4.115   1.00 17.10 ? 22  SER A N   1 
ATOM   164  C  CA  . SER A 1 22 ? -14.993 -3.103  4.869   1.00 16.01 ? 22  SER A CA  1 
ATOM   165  C  C   . SER A 1 22 ? -14.888 -1.883  3.950   1.00 15.27 ? 22  SER A C   1 
ATOM   166  O  O   . SER A 1 22 ? -15.356 -0.795  4.296   1.00 17.40 ? 22  SER A O   1 
ATOM   167  C  CB  . SER A 1 22 ? -13.958 -3.007  5.996   1.00 17.78 ? 22  SER A CB  1 
ATOM   168  O  OG  . SER A 1 22 ? -14.148 -4.074  6.902   1.00 20.95 ? 22  SER A OG  1 
ATOM   169  N  N   . LEU A 1 23 ? -14.272 -2.065  2.786   1.00 15.55 ? 23  LEU A N   1 
ATOM   170  C  CA  . LEU A 1 23 ? -14.132 -0.957  1.838   1.00 14.72 ? 23  LEU A CA  1 
ATOM   171  C  C   . LEU A 1 23 ? -15.455 -0.483  1.263   1.00 17.26 ? 23  LEU A C   1 
ATOM   172  O  O   . LEU A 1 23 ? -16.298 -1.296  0.874   1.00 17.26 ? 23  LEU A O   1 
ATOM   173  C  CB  . LEU A 1 23 ? -13.216 -1.358  0.689   1.00 15.08 ? 23  LEU A CB  1 
ATOM   174  C  CG  . LEU A 1 23 ? -11.735 -1.492  1.060   1.00 15.91 ? 23  LEU A CG  1 
ATOM   175  C  CD1 . LEU A 1 23 ? -10.950 -2.213  -0.015  1.00 13.23 ? 23  LEU A CD1 1 
ATOM   176  C  CD2 . LEU A 1 23 ? -11.172 -0.103  1.282   1.00 17.81 ? 23  LEU A CD2 1 
ATOM   177  N  N   . ALA A 1 24 ? -15.631 0.833   1.172   1.00 17.15 ? 24  ALA A N   1 
ATOM   178  C  CA  . ALA A 1 24 ? -16.849 1.365   0.586   1.00 17.57 ? 24  ALA A CA  1 
ATOM   179  C  C   . ALA A 1 24 ? -16.919 0.810   -0.837  1.00 16.62 ? 24  ALA A C   1 
ATOM   180  O  O   . ALA A 1 24 ? -15.894 0.596   -1.482  1.00 15.19 ? 24  ALA A O   1 
ATOM   181  C  CB  . ALA A 1 24 ? -16.817 2.884   0.547   1.00 17.70 ? 24  ALA A CB  1 
ATOM   182  N  N   . GLY A 1 25 ? -18.135 0.579   -1.321  1.00 18.77 ? 25  GLY A N   1 
ATOM   183  C  CA  . GLY A 1 25 ? -18.288 0.053   -2.661  1.00 18.63 ? 25  GLY A CA  1 
ATOM   184  C  C   . GLY A 1 25 ? -18.054 -1.438  -2.801  1.00 20.71 ? 25  GLY A C   1 
ATOM   185  O  O   . GLY A 1 25 ? -18.411 -2.027  -3.829  1.00 20.65 ? 25  GLY A O   1 
ATOM   186  N  N   . ILE A 1 26 ? -17.481 -2.080  -1.795  1.00 19.09 ? 26  ILE A N   1 
ATOM   187  C  CA  . ILE A 1 26 ? -17.234 -3.515  -1.913  1.00 20.67 ? 26  ILE A CA  1 
ATOM   188  C  C   . ILE A 1 26 ? -18.231 -4.402  -1.155  1.00 21.52 ? 26  ILE A C   1 
ATOM   189  O  O   . ILE A 1 26 ? -18.003 -4.791  -0.010  1.00 21.88 ? 26  ILE A O   1 
ATOM   190  C  CB  . ILE A 1 26 ? -15.793 -3.868  -1.473  1.00 20.08 ? 26  ILE A CB  1 
ATOM   191  C  CG1 . ILE A 1 26 ? -14.799 -2.967  -2.204  1.00 20.79 ? 26  ILE A CG1 1 
ATOM   192  C  CG2 . ILE A 1 26 ? -15.468 -5.319  -1.814  1.00 18.99 ? 26  ILE A CG2 1 
ATOM   193  C  CD1 . ILE A 1 26 ? -14.801 -3.123  -3.710  1.00 19.18 ? 26  ILE A CD1 1 
ATOM   194  N  N   . GLY A 1 27 ? -19.355 -4.709  -1.809  1.00 22.71 ? 27  GLY A N   1 
ATOM   195  C  CA  . GLY A 1 27 ? -20.352 -5.574  -1.207  1.00 20.80 ? 27  GLY A CA  1 
ATOM   196  C  C   . GLY A 1 27 ? -19.894 -7.022  -1.264  1.00 20.57 ? 27  GLY A C   1 
ATOM   197  O  O   . GLY A 1 27 ? -18.809 -7.310  -1.768  1.00 20.00 ? 27  GLY A O   1 
ATOM   198  N  N   . GLU A 1 28 ? -20.726 -7.939  -0.770  1.00 23.21 ? 28  GLU A N   1 
ATOM   199  C  CA  . GLU A 1 28 ? -20.382 -9.367  -0.741  1.00 25.24 ? 28  GLU A CA  1 
ATOM   200  C  C   . GLU A 1 28 ? -19.975 -9.946  -2.095  1.00 22.28 ? 28  GLU A C   1 
ATOM   201  O  O   . GLU A 1 28 ? -19.025 -10.722 -2.188  1.00 21.18 ? 28  GLU A O   1 
ATOM   202  C  CB  . GLU A 1 28 ? -21.550 -10.179 -0.185  1.00 27.79 ? 28  GLU A CB  1 
ATOM   203  C  CG  . GLU A 1 28 ? -22.060 -9.705  1.169   1.00 33.59 ? 28  GLU A CG  1 
ATOM   204  N  N   . VAL A 1 29 ? -20.684 -9.566  -3.152  1.00 22.15 ? 29  VAL A N   1 
ATOM   205  C  CA  . VAL A 1 29 ? -20.354 -10.087 -4.475  1.00 21.00 ? 29  VAL A CA  1 
ATOM   206  C  C   . VAL A 1 29 ? -18.967 -9.666  -4.941  1.00 19.69 ? 29  VAL A C   1 
ATOM   207  O  O   . VAL A 1 29 ? -18.150 -10.499 -5.322  1.00 17.71 ? 29  VAL A O   1 
ATOM   208  C  CB  . VAL A 1 29 ? -21.417 -9.660  -5.505  1.00 20.57 ? 29  VAL A CB  1 
ATOM   209  C  CG1 . VAL A 1 29 ? -20.943 -9.950  -6.901  1.00 18.22 ? 29  VAL A CG1 1 
ATOM   210  C  CG2 . VAL A 1 29 ? -22.713 -10.393 -5.201  1.00 21.96 ? 29  VAL A CG2 1 
ATOM   211  N  N   . LEU A 1 30 ? -18.678 -8.372  -4.923  1.00 22.46 ? 30  LEU A N   1 
ATOM   212  C  CA  . LEU A 1 30 ? -17.338 -7.955  -5.338  1.00 21.91 ? 30  LEU A CA  1 
ATOM   213  C  C   . LEU A 1 30 ? -16.304 -8.523  -4.358  1.00 21.80 ? 30  LEU A C   1 
ATOM   214  O  O   . LEU A 1 30 ? -15.229 -8.954  -4.757  1.00 23.54 ? 30  LEU A O   1 
ATOM   215  C  CB  . LEU A 1 30 ? -17.233 -6.424  -5.373  1.00 21.97 ? 30  LEU A CB  1 
ATOM   216  C  CG  . LEU A 1 30 ? -18.189 -5.653  -6.279  1.00 21.83 ? 30  LEU A CG  1 
ATOM   217  C  CD1 . LEU A 1 30 ? -17.708 -4.201  -6.391  1.00 20.29 ? 30  LEU A CD1 1 
ATOM   218  C  CD2 . LEU A 1 30 ? -18.224 -6.298  -7.663  1.00 21.16 ? 30  LEU A CD2 1 
ATOM   219  N  N   . GLY A 1 31 ? -16.646 -8.528  -3.073  1.00 24.73 ? 31  GLY A N   1 
ATOM   220  C  CA  . GLY A 1 31 ? -15.738 -9.037  -2.059  1.00 24.73 ? 31  GLY A CA  1 
ATOM   221  C  C   . GLY A 1 31 ? -15.279 -10.457 -2.317  1.00 25.46 ? 31  GLY A C   1 
ATOM   222  O  O   . GLY A 1 31 ? -14.079 -10.757 -2.285  1.00 24.15 ? 31  GLY A O   1 
ATOM   223  N  N   . LYS A 1 32 ? -16.234 -11.346 -2.572  1.00 26.31 ? 32  LYS A N   1 
ATOM   224  C  CA  . LYS A 1 32 ? -15.902 -12.738 -2.844  1.00 26.07 ? 32  LYS A CA  1 
ATOM   225  C  C   . LYS A 1 32 ? -14.965 -12.829 -4.041  1.00 24.02 ? 32  LYS A C   1 
ATOM   226  O  O   . LYS A 1 32 ? -14.008 -13.603 -4.037  1.00 27.30 ? 32  LYS A O   1 
ATOM   227  C  CB  . LYS A 1 32 ? -17.180 -13.545 -3.119  1.00 29.07 ? 32  LYS A CB  1 
ATOM   228  C  CG  . LYS A 1 32 ? -16.927 -15.027 -3.364  1.00 31.69 ? 32  LYS A CG  1 
ATOM   229  N  N   . LYS A 1 33 ? -15.213 -12.026 -5.064  1.00 22.02 ? 33  LYS A N   1 
ATOM   230  C  CA  . LYS A 1 33 ? -14.365 -12.091 -6.233  1.00 21.73 ? 33  LYS A CA  1 
ATOM   231  C  C   . LYS A 1 33 ? -12.965 -11.647 -5.925  1.00 21.77 ? 33  LYS A C   1 
ATOM   232  O  O   . LYS A 1 33 ? -11.990 -12.288 -6.339  1.00 21.27 ? 33  LYS A O   1 
ATOM   233  C  CB  . LYS A 1 33 ? -14.953 -11.263 -7.374  1.00 24.16 ? 33  LYS A CB  1 
ATOM   234  C  CG  . LYS A 1 33 ? -16.193 -11.918 -7.981  1.00 25.83 ? 33  LYS A CG  1 
ATOM   235  C  CD  . LYS A 1 33 ? -16.693 -11.207 -9.237  1.00 27.97 ? 33  LYS A CD  1 
ATOM   236  C  CE  . LYS A 1 33 ? -17.998 -11.838 -9.717  1.00 29.62 ? 33  LYS A CE  1 
ATOM   237  N  NZ  . LYS A 1 33 ? -18.614 -11.078 -10.840 1.00 32.32 ? 33  LYS A NZ  1 
ATOM   238  N  N   . LEU A 1 34 ? -12.862 -10.544 -5.188  1.00 22.35 ? 34  LEU A N   1 
ATOM   239  C  CA  . LEU A 1 34 ? -11.557 -10.025 -4.812  1.00 22.24 ? 34  LEU A CA  1 
ATOM   240  C  C   . LEU A 1 34 ? -10.803 -11.108 -4.055  1.00 22.99 ? 34  LEU A C   1 
ATOM   241  O  O   . LEU A 1 34 ? -9.692  -11.461 -4.423  1.00 26.32 ? 34  LEU A O   1 
ATOM   242  C  CB  . LEU A 1 34 ? -11.723 -8.776  -3.945  1.00 19.37 ? 34  LEU A CB  1 
ATOM   243  C  CG  . LEU A 1 34 ? -12.083 -7.539  -4.771  1.00 20.52 ? 34  LEU A CG  1 
ATOM   244  C  CD1 . LEU A 1 34 ? -12.371 -6.340  -3.871  1.00 21.35 ? 34  LEU A CD1 1 
ATOM   245  C  CD2 . LEU A 1 34 ? -10.931 -7.253  -5.706  1.00 20.54 ? 34  LEU A CD2 1 
ATOM   246  N  N   . GLU A 1 35 ? -11.413 -11.646 -3.006  1.00 25.52 ? 35  GLU A N   1 
ATOM   247  C  CA  . GLU A 1 35 ? -10.760 -12.678 -2.210  1.00 28.47 ? 35  GLU A CA  1 
ATOM   248  C  C   . GLU A 1 35 ? -10.241 -13.837 -3.049  1.00 31.19 ? 35  GLU A C   1 
ATOM   249  O  O   . GLU A 1 35 ? -9.100  -14.270 -2.880  1.00 30.85 ? 35  GLU A O   1 
ATOM   250  C  CB  . GLU A 1 35 ? -11.711 -13.188 -1.118  1.00 29.58 ? 35  GLU A CB  1 
ATOM   251  C  CG  . GLU A 1 35 ? -12.277 -12.057 -0.258  1.00 31.80 ? 35  GLU A CG  1 
ATOM   252  C  CD  . GLU A 1 35 ? -13.287 -12.507 0.789   1.00 33.79 ? 35  GLU A CD  1 
ATOM   253  O  OE1 . GLU A 1 35 ? -14.041 -13.463 0.526   1.00 35.72 ? 35  GLU A OE1 1 
ATOM   254  O  OE2 . GLU A 1 35 ? -13.352 -11.882 1.871   1.00 33.29 ? 35  GLU A OE2 1 
ATOM   255  N  N   . GLU A 1 36 ? -11.065 -14.331 -3.974  1.00 33.29 ? 36  GLU A N   1 
ATOM   256  C  CA  . GLU A 1 36 ? -10.669 -15.454 -4.820  1.00 34.63 ? 36  GLU A CA  1 
ATOM   257  C  C   . GLU A 1 36 ? -9.458  -15.132 -5.693  1.00 33.98 ? 36  GLU A C   1 
ATOM   258  O  O   . GLU A 1 36 ? -8.725  -16.035 -6.095  1.00 33.74 ? 36  GLU A O   1 
ATOM   259  C  CB  . GLU A 1 36 ? -11.865 -15.902 -5.674  1.00 36.67 ? 36  GLU A CB  1 
ATOM   260  C  CG  . GLU A 1 36 ? -13.090 -16.235 -4.831  1.00 41.52 ? 36  GLU A CG  1 
ATOM   261  C  CD  . GLU A 1 36 ? -14.260 -16.790 -5.635  1.00 44.40 ? 36  GLU A CD  1 
ATOM   262  O  OE1 . GLU A 1 36 ? -14.670 -16.149 -6.633  1.00 45.48 ? 36  GLU A OE1 1 
ATOM   263  O  OE2 . GLU A 1 36 ? -14.773 -17.864 -5.252  1.00 46.12 ? 36  GLU A OE2 1 
ATOM   264  N  N   . ARG A 1 37 ? -9.255  -13.846 -5.972  1.00 35.24 ? 37  ARG A N   1 
ATOM   265  C  CA  . ARG A 1 37 ? -8.121  -13.360 -6.770  1.00 35.72 ? 37  ARG A CA  1 
ATOM   266  C  C   . ARG A 1 37 ? -6.917  -13.048 -5.869  1.00 35.77 ? 37  ARG A C   1 
ATOM   267  O  O   . ARG A 1 37 ? -5.920  -12.481 -6.315  1.00 34.92 ? 37  ARG A O   1 
ATOM   268  C  CB  . ARG A 1 37 ? -8.507  -12.086 -7.525  1.00 37.99 ? 37  ARG A CB  1 
ATOM   269  C  CG  . ARG A 1 37 ? -9.601  -12.255 -8.569  1.00 42.24 ? 37  ARG A CG  1 
ATOM   270  C  CD  . ARG A 1 37 ? -9.056  -12.790 -9.875  1.00 45.06 ? 37  ARG A CD  1 
ATOM   271  N  NE  . ARG A 1 37 ? -10.112 -12.958 -10.870 1.00 47.39 ? 37  ARG A NE  1 
ATOM   272  N  N   . GLY A 1 38 ? -7.023  -13.403 -4.595  1.00 34.65 ? 38  GLY A N   1 
ATOM   273  C  CA  . GLY A 1 38 ? -5.929  -13.169 -3.672  1.00 34.55 ? 38  GLY A CA  1 
ATOM   274  C  C   . GLY A 1 38 ? -5.988  -11.895 -2.842  1.00 34.85 ? 38  GLY A C   1 
ATOM   275  O  O   . GLY A 1 38 ? -5.168  -11.725 -1.933  1.00 33.86 ? 38  GLY A O   1 
ATOM   276  N  N   . PHE A 1 39 ? -6.936  -11.004 -3.138  1.00 32.46 ? 39  PHE A N   1 
ATOM   277  C  CA  . PHE A 1 39 ? -7.070  -9.756  -2.387  1.00 31.74 ? 39  PHE A CA  1 
ATOM   278  C  C   . PHE A 1 39 ? -8.004  -10.006 -1.230  1.00 31.51 ? 39  PHE A C   1 
ATOM   279  O  O   . PHE A 1 39 ? -9.190  -9.673  -1.266  1.00 32.83 ? 39  PHE A O   1 
ATOM   280  C  CB  . PHE A 1 39 ? -7.579  -8.646  -3.293  1.00 31.88 ? 39  PHE A CB  1 
ATOM   281  C  CG  . PHE A 1 39 ? -6.663  -8.367  -4.435  1.00 33.25 ? 39  PHE A CG  1 
ATOM   282  C  CD1 . PHE A 1 39 ? -6.663  -9.192  -5.555  1.00 34.64 ? 39  PHE A CD1 1 
ATOM   283  C  CD2 . PHE A 1 39 ? -5.712  -7.351  -4.351  1.00 34.04 ? 39  PHE A CD2 1 
ATOM   284  C  CE1 . PHE A 1 39 ? -5.729  -9.023  -6.574  1.00 34.05 ? 39  PHE A CE1 1 
ATOM   285  C  CE2 . PHE A 1 39 ? -4.769  -7.175  -5.362  1.00 34.47 ? 39  PHE A CE2 1 
ATOM   286  C  CZ  . PHE A 1 39 ? -4.778  -8.022  -6.476  1.00 35.15 ? 39  PHE A CZ  1 
ATOM   287  N  N   . ASP A 1 40 ? -7.437  -10.570 -0.171  1.00 31.19 ? 40  ASP A N   1 
ATOM   288  C  CA  . ASP A 1 40 ? -8.163  -10.985 1.022   1.00 30.26 ? 40  ASP A CA  1 
ATOM   289  C  C   . ASP A 1 40 ? -8.229  -10.032 2.215   1.00 29.20 ? 40  ASP A C   1 
ATOM   290  O  O   . ASP A 1 40 ? -8.841  -10.367 3.221   1.00 30.63 ? 40  ASP A O   1 
ATOM   291  C  CB  . ASP A 1 40 ? -7.621  -12.341 1.503   1.00 34.24 ? 40  ASP A CB  1 
ATOM   292  C  CG  . ASP A 1 40 ? -6.156  -12.241 1.930   1.00 36.53 ? 40  ASP A CG  1 
ATOM   293  O  OD1 . ASP A 1 40 ? -5.470  -11.269 1.548   1.00 36.17 ? 40  ASP A OD1 1 
ATOM   294  O  OD2 . ASP A 1 40 ? -5.693  -13.164 2.639   1.00 38.48 ? 40  ASP A OD2 1 
ATOM   295  N  N   . LYS A 1 41 ? -7.586  -8.874  2.135   1.00 25.54 ? 41  LYS A N   1 
ATOM   296  C  CA  . LYS A 1 41 ? -7.633  -7.915  3.230   1.00 21.74 ? 41  LYS A CA  1 
ATOM   297  C  C   . LYS A 1 41 ? -7.699  -6.550  2.607   1.00 19.02 ? 41  LYS A C   1 
ATOM   298  O  O   . LYS A 1 41 ? -7.205  -6.375  1.505   1.00 18.05 ? 41  LYS A O   1 
ATOM   299  C  CB  . LYS A 1 41 ? -6.378  -8.024  4.077   1.00 23.14 ? 41  LYS A CB  1 
ATOM   300  C  CG  . LYS A 1 41 ? -6.221  -9.312  4.890   1.00 25.10 ? 41  LYS A CG  1 
ATOM   301  C  CD  . LYS A 1 41 ? -7.320  -9.406  5.907   1.00 26.35 ? 41  LYS A CD  1 
ATOM   302  C  CE  . LYS A 1 41 ? -6.974  -10.454 6.961   1.00 28.05 ? 41  LYS A CE  1 
ATOM   303  N  NZ  . LYS A 1 41 ? -7.975  -10.361 8.044   1.00 31.76 ? 41  LYS A NZ  1 
ATOM   304  N  N   . ALA A 1 42 ? -8.315  -5.597  3.293   1.00 17.18 ? 42  ALA A N   1 
ATOM   305  C  CA  . ALA A 1 42 ? -8.376  -4.269  2.732   1.00 16.53 ? 42  ALA A CA  1 
ATOM   306  C  C   . ALA A 1 42 ? -6.973  -3.732  2.460   1.00 16.59 ? 42  ALA A C   1 
ATOM   307  O  O   . ALA A 1 42 ? -6.741  -3.038  1.465   1.00 14.52 ? 42  ALA A O   1 
ATOM   308  C  CB  . ALA A 1 42 ? -9.157  -3.333  3.662   1.00 13.93 ? 42  ALA A CB  1 
ATOM   309  N  N   . TYR A 1 43 ? -6.009  -4.063  3.319   1.00 16.23 ? 43  TYR A N   1 
ATOM   310  C  CA  . TYR A 1 43 ? -4.663  -3.544  3.084   1.00 15.25 ? 43  TYR A CA  1 
ATOM   311  C  C   . TYR A 1 43 ? -4.011  -4.036  1.775   1.00 17.28 ? 43  TYR A C   1 
ATOM   312  O  O   . TYR A 1 43 ? -3.107  -3.384  1.238   1.00 14.68 ? 43  TYR A O   1 
ATOM   313  C  CB  . TYR A 1 43 ? -3.759  -3.811  4.316   1.00 13.46 ? 43  TYR A CB  1 
ATOM   314  C  CG  . TYR A 1 43 ? -3.254  -5.206  4.477   1.00 13.02 ? 43  TYR A CG  1 
ATOM   315  C  CD1 . TYR A 1 43 ? -2.425  -5.772  3.519   1.00 15.02 ? 43  TYR A CD1 1 
ATOM   316  C  CD2 . TYR A 1 43 ? -3.618  -5.984  5.580   1.00 14.70 ? 43  TYR A CD2 1 
ATOM   317  C  CE1 . TYR A 1 43 ? -1.952  -7.055  3.646   1.00 15.22 ? 43  TYR A CE1 1 
ATOM   318  C  CE2 . TYR A 1 43 ? -3.146  -7.290  5.719   1.00 15.54 ? 43  TYR A CE2 1 
ATOM   319  C  CZ  . TYR A 1 43 ? -2.326  -7.819  4.748   1.00 15.95 ? 43  TYR A CZ  1 
ATOM   320  O  OH  . TYR A 1 43 ? -1.806  -9.084  4.874   1.00 20.39 ? 43  TYR A OH  1 
ATOM   321  N  N   . VAL A 1 44 ? -4.454  -5.183  1.235   1.00 14.69 ? 44  VAL A N   1 
ATOM   322  C  CA  . VAL A 1 44 ? -3.851  -5.675  0.005   1.00 13.79 ? 44  VAL A CA  1 
ATOM   323  C  C   . VAL A 1 44 ? -4.331  -4.782  -1.141  1.00 12.84 ? 44  VAL A C   1 
ATOM   324  O  O   . VAL A 1 44 ? -3.582  -4.505  -2.092  1.00 13.47 ? 44  VAL A O   1 
ATOM   325  C  CB  . VAL A 1 44 ? -4.226  -7.171  -0.295  1.00 14.65 ? 44  VAL A CB  1 
ATOM   326  C  CG1 . VAL A 1 44 ? -3.489  -7.653  -1.533  1.00 12.63 ? 44  VAL A CG1 1 
ATOM   327  C  CG2 . VAL A 1 44 ? -3.852  -8.060  0.897   1.00 15.66 ? 44  VAL A CG2 1 
ATOM   328  N  N   . VAL A 1 45 ? -5.585  -4.344  -1.039  1.00 13.37 ? 45  VAL A N   1 
ATOM   329  C  CA  . VAL A 1 45 ? -6.183  -3.450  -2.022  1.00 15.96 ? 45  VAL A CA  1 
ATOM   330  C  C   . VAL A 1 45 ? -5.517  -2.071  -1.854  1.00 14.94 ? 45  VAL A C   1 
ATOM   331  O  O   . VAL A 1 45 ? -5.182  -1.425  -2.836  1.00 17.02 ? 45  VAL A O   1 
ATOM   332  C  CB  . VAL A 1 45 ? -7.707  -3.370  -1.832  1.00 16.24 ? 45  VAL A CB  1 
ATOM   333  C  CG1 . VAL A 1 45 ? -8.318  -2.383  -2.833  1.00 16.58 ? 45  VAL A CG1 1 
ATOM   334  C  CG2 . VAL A 1 45 ? -8.324  -4.788  -2.063  1.00 12.60 ? 45  VAL A CG2 1 
ATOM   335  N  N   . LEU A 1 46 ? -5.323  -1.639  -0.607  1.00 13.97 ? 46  LEU A N   1 
ATOM   336  C  CA  . LEU A 1 46 ? -4.621  -0.370  -0.357  1.00 15.96 ? 46  LEU A CA  1 
ATOM   337  C  C   . LEU A 1 46 ? -3.305  -0.490  -1.097  1.00 13.45 ? 46  LEU A C   1 
ATOM   338  O  O   . LEU A 1 46 ? -2.853  0.442   -1.776  1.00 15.98 ? 46  LEU A O   1 
ATOM   339  C  CB  . LEU A 1 46 ? -4.356  -0.183  1.137   1.00 13.97 ? 46  LEU A CB  1 
ATOM   340  C  CG  . LEU A 1 46 ? -3.304  0.895   1.452   1.00 16.62 ? 46  LEU A CG  1 
ATOM   341  C  CD1 . LEU A 1 46 ? -3.806  2.287   1.053   1.00 12.68 ? 46  LEU A CD1 1 
ATOM   342  C  CD2 . LEU A 1 46 ? -3.035  0.852   2.956   1.00 13.60 ? 46  LEU A CD2 1 
ATOM   343  N  N   . GLY A 1 47 ? -2.693  -1.665  -0.982  1.00 14.72 ? 47  GLY A N   1 
ATOM   344  C  CA  . GLY A 1 47 ? -1.435  -1.914  -1.661  1.00 16.87 ? 47  GLY A CA  1 
ATOM   345  C  C   . GLY A 1 47 ? -1.468  -1.661  -3.159  1.00 19.17 ? 47  GLY A C   1 
ATOM   346  O  O   . GLY A 1 47 ? -0.578  -1.002  -3.696  1.00 17.91 ? 47  GLY A O   1 
ATOM   347  N  N   . GLN A 1 48 ? -2.503  -2.164  -3.840  1.00 17.92 ? 48  GLN A N   1 
ATOM   348  C  CA  . GLN A 1 48 ? -2.635  -1.980  -5.286  1.00 16.83 ? 48  GLN A CA  1 
ATOM   349  C  C   . GLN A 1 48 ? -2.833  -0.481  -5.591  1.00 12.67 ? 48  GLN A C   1 
ATOM   350  O  O   . GLN A 1 48 ? -2.256  0.051   -6.545  1.00 17.55 ? 48  GLN A O   1 
ATOM   351  C  CB  . GLN A 1 48 ? -3.839  -2.800  -5.787  1.00 19.53 ? 48  GLN A CB  1 
ATOM   352  C  CG  . GLN A 1 48 ? -3.969  -2.911  -7.291  1.00 22.82 ? 48  GLN A CG  1 
ATOM   353  C  CD  . GLN A 1 48 ? -2.760  -3.540  -7.921  1.00 25.21 ? 48  GLN A CD  1 
ATOM   354  O  OE1 . GLN A 1 48 ? -2.105  -4.383  -7.313  1.00 28.53 ? 48  GLN A OE1 1 
ATOM   355  N  NE2 . GLN A 1 48 ? -2.457  -3.149  -9.162  1.00 26.73 ? 48  GLN A NE2 1 
ATOM   356  N  N   . PHE A 1 49 ? -3.658  0.175   -4.787  1.00 13.24 ? 49  PHE A N   1 
ATOM   357  C  CA  . PHE A 1 49 ? -3.929  1.607   -4.903  1.00 15.92 ? 49  PHE A CA  1 
ATOM   358  C  C   . PHE A 1 49 ? -2.599  2.419   -4.886  1.00 17.87 ? 49  PHE A C   1 
ATOM   359  O  O   . PHE A 1 49 ? -2.402  3.359   -5.673  1.00 15.10 ? 49  PHE A O   1 
ATOM   360  C  CB  . PHE A 1 49 ? -4.821  2.013   -3.725  1.00 16.44 ? 49  PHE A CB  1 
ATOM   361  C  CG  . PHE A 1 49 ? -5.117  3.491   -3.630  1.00 17.98 ? 49  PHE A CG  1 
ATOM   362  C  CD1 . PHE A 1 49 ? -6.025  4.101   -4.491  1.00 18.50 ? 49  PHE A CD1 1 
ATOM   363  C  CD2 . PHE A 1 49 ? -4.537  4.262   -2.630  1.00 18.31 ? 49  PHE A CD2 1 
ATOM   364  C  CE1 . PHE A 1 49 ? -6.356  5.446   -4.349  1.00 20.56 ? 49  PHE A CE1 1 
ATOM   365  C  CE2 . PHE A 1 49 ? -4.861  5.615   -2.479  1.00 17.89 ? 49  PHE A CE2 1 
ATOM   366  C  CZ  . PHE A 1 49 ? -5.769  6.209   -3.332  1.00 20.30 ? 49  PHE A CZ  1 
ATOM   367  N  N   . LEU A 1 50 ? -1.691  2.044   -3.991  1.00 16.80 ? 50  LEU A N   1 
ATOM   368  C  CA  . LEU A 1 50 ? -0.405  2.737   -3.870  1.00 16.86 ? 50  LEU A CA  1 
ATOM   369  C  C   . LEU A 1 50 ? 0.552   2.360   -4.980  1.00 18.11 ? 50  LEU A C   1 
ATOM   370  O  O   . LEU A 1 50 ? 1.294   3.207   -5.490  1.00 19.99 ? 50  LEU A O   1 
ATOM   371  C  CB  . LEU A 1 50 ? 0.225   2.439   -2.503  1.00 17.46 ? 50  LEU A CB  1 
ATOM   372  C  CG  . LEU A 1 50 ? -0.635  2.829   -1.301  1.00 16.44 ? 50  LEU A CG  1 
ATOM   373  C  CD1 . LEU A 1 50 ? 0.079   2.395   -0.006  1.00 13.51 ? 50  LEU A CD1 1 
ATOM   374  C  CD2 . LEU A 1 50 ? -0.885  4.339   -1.307  1.00 17.09 ? 50  LEU A CD2 1 
ATOM   375  N  N   . VAL A 1 51 ? 0.544   1.092   -5.370  1.00 16.96 ? 51  VAL A N   1 
ATOM   376  C  CA  . VAL A 1 51 ? 1.413   0.654   -6.443  1.00 18.28 ? 51  VAL A CA  1 
ATOM   377  C  C   . VAL A 1 51 ? 1.007   1.422   -7.688  1.00 17.61 ? 51  VAL A C   1 
ATOM   378  O  O   . VAL A 1 51 ? 1.841   1.675   -8.558  1.00 17.23 ? 51  VAL A O   1 
ATOM   379  C  CB  . VAL A 1 51 ? 1.280   -0.866  -6.698  1.00 19.78 ? 51  VAL A CB  1 
ATOM   380  C  CG1 . VAL A 1 51 ? 1.751   -1.214  -8.090  1.00 24.26 ? 51  VAL A CG1 1 
ATOM   381  C  CG2 . VAL A 1 51 ? 2.125   -1.636  -5.700  1.00 22.67 ? 51  VAL A CG2 1 
ATOM   382  N  N   . LEU A 1 52 ? -0.269  1.810   -7.760  1.00 17.78 ? 52  LEU A N   1 
ATOM   383  C  CA  . LEU A 1 52 ? -0.773  2.541   -8.933  1.00 21.67 ? 52  LEU A CA  1 
ATOM   384  C  C   . LEU A 1 52 ? -0.712  4.034   -8.707  1.00 21.74 ? 52  LEU A C   1 
ATOM   385  O  O   . LEU A 1 52 ? -1.363  4.817   -9.404  1.00 23.83 ? 52  LEU A O   1 
ATOM   386  C  CB  . LEU A 1 52 ? -2.213  2.104   -9.281  1.00 19.36 ? 52  LEU A CB  1 
ATOM   387  C  CG  . LEU A 1 52 ? -2.350  0.678   -9.843  1.00 20.53 ? 52  LEU A CG  1 
ATOM   388  C  CD1 . LEU A 1 52 ? -3.826  0.358   -10.094 1.00 20.81 ? 52  LEU A CD1 1 
ATOM   389  C  CD2 . LEU A 1 52 ? -1.547  0.538   -11.127 1.00 20.26 ? 52  LEU A CD2 1 
ATOM   390  N  N   . LYS A 1 53 ? 0.098   4.420   -7.725  1.00 23.39 ? 53  LYS A N   1 
ATOM   391  C  CA  . LYS A 1 53 ? 0.294   5.817   -7.372  1.00 22.81 ? 53  LYS A CA  1 
ATOM   392  C  C   . LYS A 1 53 ? -0.980  6.591   -7.143  1.00 22.10 ? 53  LYS A C   1 
ATOM   393  O  O   . LYS A 1 53 ? -1.086  7.753   -7.535  1.00 21.41 ? 53  LYS A O   1 
ATOM   394  C  CB  . LYS A 1 53 ? 1.133   6.498   -8.442  1.00 24.93 ? 53  LYS A CB  1 
ATOM   395  C  CG  . LYS A 1 53 ? 2.515   5.904   -8.561  1.00 26.87 ? 53  LYS A CG  1 
ATOM   396  C  CD  . LYS A 1 53 ? 3.293   6.552   -9.674  1.00 30.07 ? 53  LYS A CD  1 
ATOM   397  C  CE  . LYS A 1 53 ? 4.700   6.021   -9.735  1.00 31.39 ? 53  LYS A CE  1 
ATOM   398  N  NZ  . LYS A 1 53 ? 5.518   6.749   -10.758 1.00 32.97 ? 53  LYS A NZ  1 
ATOM   399  N  N   . LYS A 1 54 ? -1.947  5.952   -6.494  1.00 18.70 ? 54  LYS A N   1 
ATOM   400  C  CA  . LYS A 1 54 ? -3.223  6.588   -6.185  1.00 20.04 ? 54  LYS A CA  1 
ATOM   401  C  C   . LYS A 1 54 ? -3.953  7.171   -7.400  1.00 19.96 ? 54  LYS A C   1 
ATOM   402  O  O   . LYS A 1 54 ? -4.831  8.016   -7.246  1.00 18.29 ? 54  LYS A O   1 
ATOM   403  C  CB  . LYS A 1 54 ? -3.028  7.708   -5.164  1.00 22.86 ? 54  LYS A CB  1 
ATOM   404  C  CG  . LYS A 1 54 ? -2.111  7.351   -4.008  1.00 22.86 ? 54  LYS A CG  1 
ATOM   405  C  CD  . LYS A 1 54 ? -1.931  8.566   -3.108  1.00 26.71 ? 54  LYS A CD  1 
ATOM   406  C  CE  . LYS A 1 54 ? -0.865  8.354   -2.061  1.00 26.46 ? 54  LYS A CE  1 
ATOM   407  N  NZ  . LYS A 1 54 ? -0.691  9.632   -1.304  1.00 28.62 ? 54  LYS A NZ  1 
ATOM   408  N  N   . ASP A 1 55 ? -3.595  6.727   -8.595  1.00 22.47 ? 55  ASP A N   1 
ATOM   409  C  CA  . ASP A 1 55 ? -4.248  7.233   -9.808  1.00 23.43 ? 55  ASP A CA  1 
ATOM   410  C  C   . ASP A 1 55 ? -5.689  6.717   -9.922  1.00 23.44 ? 55  ASP A C   1 
ATOM   411  O  O   . ASP A 1 55 ? -5.927  5.515   -9.958  1.00 23.17 ? 55  ASP A O   1 
ATOM   412  C  CB  . ASP A 1 55 ? -3.458  6.817   -11.040 1.00 26.30 ? 55  ASP A CB  1 
ATOM   413  C  CG  . ASP A 1 55 ? -4.071  7.349   -12.308 1.00 28.35 ? 55  ASP A CG  1 
ATOM   414  O  OD1 . ASP A 1 55 ? -3.852  8.535   -12.619 1.00 31.84 ? 55  ASP A OD1 1 
ATOM   415  O  OD2 . ASP A 1 55 ? -4.791  6.584   -12.974 1.00 29.20 ? 55  ASP A OD2 1 
ATOM   416  N  N   . GLU A 1 56 ? -6.648  7.631   -9.993  1.00 22.33 ? 56  GLU A N   1 
ATOM   417  C  CA  . GLU A 1 56 ? -8.052  7.247   -10.051 1.00 23.65 ? 56  GLU A CA  1 
ATOM   418  C  C   . GLU A 1 56 ? -8.413  6.342   -11.217 1.00 23.87 ? 56  GLU A C   1 
ATOM   419  O  O   . GLU A 1 56 ? -8.978  5.273   -11.023 1.00 23.53 ? 56  GLU A O   1 
ATOM   420  C  CB  . GLU A 1 56 ? -8.940  8.474   -10.079 1.00 23.15 ? 56  GLU A CB  1 
ATOM   421  C  CG  . GLU A 1 56 ? -10.413 8.145   -10.069 1.00 24.93 ? 56  GLU A CG  1 
ATOM   422  C  CD  . GLU A 1 56 ? -11.270 9.375   -9.961  1.00 25.21 ? 56  GLU A CD  1 
ATOM   423  O  OE1 . GLU A 1 56 ? -10.705 10.465  -9.764  1.00 31.05 ? 56  GLU A OE1 1 
ATOM   424  O  OE2 . GLU A 1 56 ? -12.510 9.267   -10.057 1.00 26.72 ? 56  GLU A OE2 1 
ATOM   425  N  N   . ASP A 1 57 ? -8.074  6.764   -12.426 1.00 25.79 ? 57  ASP A N   1 
ATOM   426  C  CA  . ASP A 1 57 ? -8.397  5.960   -13.597 1.00 27.13 ? 57  ASP A CA  1 
ATOM   427  C  C   . ASP A 1 57 ? -7.814  4.556   -13.580 1.00 26.65 ? 57  ASP A C   1 
ATOM   428  O  O   . ASP A 1 57 ? -8.510  3.606   -13.894 1.00 28.12 ? 57  ASP A O   1 
ATOM   429  C  CB  . ASP A 1 57 ? -7.966  6.688   -14.868 1.00 28.53 ? 57  ASP A CB  1 
ATOM   430  C  CG  . ASP A 1 57 ? -8.726  7.981   -15.072 1.00 30.10 ? 57  ASP A CG  1 
ATOM   431  O  OD1 . ASP A 1 57 ? -9.762  8.168   -14.403 1.00 31.61 ? 57  ASP A OD1 1 
ATOM   432  O  OD2 . ASP A 1 57 ? -8.300  8.804   -15.898 1.00 31.59 ? 57  ASP A OD2 1 
ATOM   433  N  N   . LEU A 1 58 ? -6.546  4.410   -13.212 1.00 25.44 ? 58  LEU A N   1 
ATOM   434  C  CA  . LEU A 1 58 ? -5.936  3.086   -13.189 1.00 24.86 ? 58  LEU A CA  1 
ATOM   435  C  C   . LEU A 1 58 ? -6.491  2.197   -12.088 1.00 24.57 ? 58  LEU A C   1 
ATOM   436  O  O   . LEU A 1 58 ? -6.690  1.004   -12.298 1.00 25.60 ? 58  LEU A O   1 
ATOM   437  C  CB  . LEU A 1 58 ? -4.413  3.184   -13.035 1.00 25.48 ? 58  LEU A CB  1 
ATOM   438  C  CG  . LEU A 1 58 ? -3.657  3.861   -14.181 1.00 26.33 ? 58  LEU A CG  1 
ATOM   439  C  CD1 . LEU A 1 58 ? -2.176  3.913   -13.844 1.00 27.05 ? 58  LEU A CD1 1 
ATOM   440  C  CD2 . LEU A 1 58 ? -3.866  3.082   -15.482 1.00 24.45 ? 58  LEU A CD2 1 
ATOM   441  N  N   . PHE A 1 59 ? -6.733  2.761   -10.913 1.00 23.65 ? 59  PHE A N   1 
ATOM   442  C  CA  . PHE A 1 59 ? -7.258  1.963   -9.820  1.00 23.64 ? 59  PHE A CA  1 
ATOM   443  C  C   . PHE A 1 59 ? -8.689  1.497   -10.097 1.00 24.85 ? 59  PHE A C   1 
ATOM   444  O  O   . PHE A 1 59 ? -9.024  0.327   -9.888  1.00 25.64 ? 59  PHE A O   1 
ATOM   445  C  CB  . PHE A 1 59 ? -7.235  2.753   -8.509  1.00 22.31 ? 59  PHE A CB  1 
ATOM   446  C  CG  . PHE A 1 59 ? -7.789  1.983   -7.345  1.00 16.78 ? 59  PHE A CG  1 
ATOM   447  C  CD1 . PHE A 1 59 ? -7.098  0.896   -6.827  1.00 19.74 ? 59  PHE A CD1 1 
ATOM   448  C  CD2 . PHE A 1 59 ? -9.028  2.297   -6.820  1.00 18.64 ? 59  PHE A CD2 1 
ATOM   449  C  CE1 . PHE A 1 59 ? -7.649  0.127   -5.808  1.00 13.81 ? 59  PHE A CE1 1 
ATOM   450  C  CE2 . PHE A 1 59 ? -9.584  1.529   -5.799  1.00 18.02 ? 59  PHE A CE2 1 
ATOM   451  C  CZ  . PHE A 1 59 ? -8.878  0.441   -5.298  1.00 14.54 ? 59  PHE A CZ  1 
ATOM   452  N  N   . ARG A 1 60 ? -9.528  2.415   -10.546 1.00 26.61 ? 60  ARG A N   1 
ATOM   453  C  CA  . ARG A 1 60 ? -10.917 2.078   -10.837 1.00 27.42 ? 60  ARG A CA  1 
ATOM   454  C  C   . ARG A 1 60 ? -10.967 1.075   -11.990 1.00 28.16 ? 60  ARG A C   1 
ATOM   455  O  O   . ARG A 1 60 ? -11.810 0.187   -12.014 1.00 26.39 ? 60  ARG A O   1 
ATOM   456  C  CB  . ARG A 1 60 ? -11.708 3.350   -11.155 1.00 28.16 ? 60  ARG A CB  1 
ATOM   457  C  CG  . ARG A 1 60 ? -11.821 4.296   -9.951  1.00 27.72 ? 60  ARG A CG  1 
ATOM   458  C  CD  . ARG A 1 60 ? -12.612 5.566   -10.260 1.00 27.71 ? 60  ARG A CD  1 
ATOM   459  N  NE  . ARG A 1 60 ? -13.978 5.258   -10.670 1.00 27.45 ? 60  ARG A NE  1 
ATOM   460  C  CZ  . ARG A 1 60 ? -14.875 6.152   -11.076 1.00 27.45 ? 60  ARG A CZ  1 
ATOM   461  N  NH1 . ARG A 1 60 ? -14.569 7.443   -11.121 1.00 27.97 ? 60  ARG A NH1 1 
ATOM   462  N  NH2 . ARG A 1 60 ? -16.073 5.745   -11.482 1.00 26.78 ? 60  ARG A NH2 1 
ATOM   463  N  N   . GLU A 1 61 ? -10.051 1.213   -12.938 1.00 28.21 ? 61  GLU A N   1 
ATOM   464  C  CA  . GLU A 1 61 ? -9.995  0.289   -14.057 1.00 30.24 ? 61  GLU A CA  1 
ATOM   465  C  C   . GLU A 1 61 ? -9.549  -1.072  -13.530 1.00 29.24 ? 61  GLU A C   1 
ATOM   466  O  O   . GLU A 1 61 ? -10.092 -2.108  -13.911 1.00 27.27 ? 61  GLU A O   1 
ATOM   467  C  CB  . GLU A 1 61 ? -8.990  0.779   -15.096 1.00 34.43 ? 61  GLU A CB  1 
ATOM   468  C  CG  . GLU A 1 61 ? -8.826  -0.143  -16.280 1.00 40.45 ? 61  GLU A CG  1 
ATOM   469  C  CD  . GLU A 1 61 ? -7.427  -0.084  -16.860 1.00 44.44 ? 61  GLU A CD  1 
ATOM   470  O  OE1 . GLU A 1 61 ? -6.875  1.032   -17.002 1.00 48.46 ? 61  GLU A OE1 1 
ATOM   471  O  OE2 . GLU A 1 61 ? -6.872  -1.154  -17.180 1.00 48.69 ? 61  GLU A OE2 1 
ATOM   472  N  N   . TRP A 1 62 ? -8.550  -1.066  -12.649 1.00 26.16 ? 62  TRP A N   1 
ATOM   473  C  CA  . TRP A 1 62 ? -8.041  -2.300  -12.078 1.00 23.28 ? 62  TRP A CA  1 
ATOM   474  C  C   . TRP A 1 62 ? -9.157  -3.018  -11.344 1.00 23.64 ? 62  TRP A C   1 
ATOM   475  O  O   . TRP A 1 62 ? -9.242  -4.243  -11.378 1.00 24.99 ? 62  TRP A O   1 
ATOM   476  C  CB  . TRP A 1 62 ? -6.889  -2.015  -11.089 1.00 21.99 ? 62  TRP A CB  1 
ATOM   477  C  CG  . TRP A 1 62 ? -6.512  -3.225  -10.274 1.00 18.10 ? 62  TRP A CG  1 
ATOM   478  C  CD1 . TRP A 1 62 ? -5.758  -4.278  -10.682 1.00 16.96 ? 62  TRP A CD1 1 
ATOM   479  C  CD2 . TRP A 1 62 ? -6.981  -3.549  -8.960  1.00 16.92 ? 62  TRP A CD2 1 
ATOM   480  N  NE1 . TRP A 1 62 ? -5.737  -5.261  -9.700  1.00 16.88 ? 62  TRP A NE1 1 
ATOM   481  C  CE2 . TRP A 1 62 ? -6.483  -4.832  -8.641  1.00 16.36 ? 62  TRP A CE2 1 
ATOM   482  C  CE3 . TRP A 1 62 ? -7.779  -2.881  -8.021  1.00 17.83 ? 62  TRP A CE3 1 
ATOM   483  C  CZ2 . TRP A 1 62 ? -6.762  -5.468  -7.421  1.00 14.94 ? 62  TRP A CZ2 1 
ATOM   484  C  CZ3 . TRP A 1 62 ? -8.055  -3.521  -6.799  1.00 17.67 ? 62  TRP A CZ3 1 
ATOM   485  C  CH2 . TRP A 1 62 ? -7.545  -4.792  -6.523  1.00 15.74 ? 62  TRP A CH2 1 
ATOM   486  N  N   . LEU A 1 63 ? -10.008 -2.255  -10.666 1.00 23.61 ? 63  LEU A N   1 
ATOM   487  C  CA  . LEU A 1 63 ? -11.091 -2.840  -9.898  1.00 24.32 ? 63  LEU A CA  1 
ATOM   488  C  C   . LEU A 1 63 ? -12.118 -3.470  -10.846 1.00 25.27 ? 63  LEU A C   1 
ATOM   489  O  O   . LEU A 1 63 ? -12.558 -4.598  -10.640 1.00 25.24 ? 63  LEU A O   1 
ATOM   490  C  CB  . LEU A 1 63 ? -11.729 -1.759  -9.032  1.00 24.06 ? 63  LEU A CB  1 
ATOM   491  C  CG  . LEU A 1 63 ? -12.536 -2.167  -7.808  1.00 26.33 ? 63  LEU A CG  1 
ATOM   492  C  CD1 . LEU A 1 63 ? -11.664 -2.918  -6.789  1.00 24.78 ? 63  LEU A CD1 1 
ATOM   493  C  CD2 . LEU A 1 63 ? -13.095 -0.901  -7.183  1.00 27.59 ? 63  LEU A CD2 1 
ATOM   494  N  N   . LYS A 1 64 ? -12.491 -2.740  -11.886 1.00 26.70 ? 64  LYS A N   1 
ATOM   495  C  CA  . LYS A 1 64 ? -13.436 -3.263  -12.859 1.00 27.98 ? 64  LYS A CA  1 
ATOM   496  C  C   . LYS A 1 64 ? -12.889 -4.571  -13.417 1.00 27.10 ? 64  LYS A C   1 
ATOM   497  O  O   . LYS A 1 64 ? -13.580 -5.577  -13.411 1.00 29.45 ? 64  LYS A O   1 
ATOM   498  C  CB  . LYS A 1 64 ? -13.650 -2.274  -14.002 1.00 30.02 ? 64  LYS A CB  1 
ATOM   499  C  CG  . LYS A 1 64 ? -14.566 -2.837  -15.104 1.00 32.76 ? 64  LYS A CG  1 
ATOM   500  C  CD  . LYS A 1 64 ? -14.693 -1.860  -16.250 1.00 36.35 ? 64  LYS A CD  1 
ATOM   501  C  CE  . LYS A 1 64 ? -15.532 -2.455  -17.368 1.00 39.93 ? 64  LYS A CE  1 
ATOM   502  N  NZ  . LYS A 1 64 ? -15.705 -1.460  -18.456 1.00 42.11 ? 64  LYS A NZ  1 
ATOM   503  N  N   . ASP A 1 65 ? -11.638 -4.547  -13.874 1.00 27.78 ? 65  ASP A N   1 
ATOM   504  C  CA  . ASP A 1 65 ? -10.978 -5.722  -14.449 1.00 28.26 ? 65  ASP A CA  1 
ATOM   505  C  C   . ASP A 1 65 ? -10.838 -6.896  -13.497 1.00 27.97 ? 65  ASP A C   1 
ATOM   506  O  O   . ASP A 1 65 ? -10.879 -8.059  -13.911 1.00 27.32 ? 65  ASP A O   1 
ATOM   507  C  CB  . ASP A 1 65 ? -9.566  -5.374  -14.916 1.00 29.33 ? 65  ASP A CB  1 
ATOM   508  C  CG  . ASP A 1 65 ? -9.541  -4.505  -16.147 1.00 32.88 ? 65  ASP A CG  1 
ATOM   509  O  OD1 . ASP A 1 65 ? -10.576 -3.890  -16.485 1.00 34.54 ? 65  ASP A OD1 1 
ATOM   510  O  OD2 . ASP A 1 65 ? -8.462  -4.430  -16.774 1.00 35.42 ? 65  ASP A OD2 1 
ATOM   511  N  N   . THR A 1 66 ? -10.652 -6.599  -12.219 1.00 25.98 ? 66  THR A N   1 
ATOM   512  C  CA  . THR A 1 66 ? -10.439 -7.658  -11.243 1.00 24.80 ? 66  THR A CA  1 
ATOM   513  C  C   . THR A 1 66 ? -11.685 -8.282  -10.619 1.00 23.95 ? 66  THR A C   1 
ATOM   514  O  O   . THR A 1 66 ? -11.706 -9.485  -10.354 1.00 23.59 ? 66  THR A O   1 
ATOM   515  C  CB  . THR A 1 66 ? -9.515  -7.163  -10.092 1.00 24.07 ? 66  THR A CB  1 
ATOM   516  O  OG1 . THR A 1 66 ? -8.291  -6.652  -10.641 1.00 23.48 ? 66  THR A OG1 1 
ATOM   517  C  CG2 . THR A 1 66 ? -9.191  -8.298  -9.156  1.00 23.26 ? 66  THR A CG2 1 
ATOM   518  N  N   . CYS A 1 67 ? -12.708 -7.478  -10.358 1.00 23.43 ? 67  CYS A N   1 
ATOM   519  C  CA  . CYS A 1 67 ? -13.915 -8.010  -9.758  1.00 23.88 ? 67  CYS A CA  1 
ATOM   520  C  C   . CYS A 1 67 ? -15.185 -7.488  -10.425 1.00 22.68 ? 67  CYS A C   1 
ATOM   521  O  O   . CYS A 1 67 ? -16.277 -7.652  -9.902  1.00 24.68 ? 67  CYS A O   1 
ATOM   522  C  CB  . CYS A 1 67 ? -13.939 -7.713  -8.247  1.00 23.90 ? 67  CYS A CB  1 
ATOM   523  S  SG  . CYS A 1 67 ? -14.101 -5.968  -7.806  1.00 25.77 ? 67  CYS A SG  1 
ATOM   524  N  N   . GLY A 1 68 ? -15.035 -6.857  -11.584 1.00 26.13 ? 68  GLY A N   1 
ATOM   525  C  CA  . GLY A 1 68 ? -16.183 -6.339  -12.316 1.00 24.86 ? 68  GLY A CA  1 
ATOM   526  C  C   . GLY A 1 68 ? -17.017 -5.272  -11.641 1.00 25.36 ? 68  GLY A C   1 
ATOM   527  O  O   . GLY A 1 68 ? -18.242 -5.196  -11.822 1.00 22.97 ? 68  GLY A O   1 
ATOM   528  N  N   . ALA A 1 69 ? -16.361 -4.424  -10.856 1.00 25.34 ? 69  ALA A N   1 
ATOM   529  C  CA  . ALA A 1 69 ? -17.063 -3.359  -10.171 1.00 25.11 ? 69  ALA A CA  1 
ATOM   530  C  C   . ALA A 1 69 ? -17.596 -2.377  -11.203 1.00 23.78 ? 69  ALA A C   1 
ATOM   531  O  O   . ALA A 1 69 ? -16.990 -2.208  -12.249 1.00 24.47 ? 69  ALA A O   1 
ATOM   532  C  CB  . ALA A 1 69 ? -16.107 -2.653  -9.221  1.00 23.43 ? 69  ALA A CB  1 
ATOM   533  N  N   . ASN A 1 70 ? -18.717 -1.729  -10.915 1.00 24.62 ? 70  ASN A N   1 
ATOM   534  C  CA  . ASN A 1 70 ? -19.265 -0.750  -11.850 1.00 25.46 ? 70  ASN A CA  1 
ATOM   535  C  C   . ASN A 1 70 ? -18.722 0.627   -11.483 1.00 26.95 ? 70  ASN A C   1 
ATOM   536  O  O   . ASN A 1 70 ? -17.937 0.744   -10.539 1.00 24.59 ? 70  ASN A O   1 
ATOM   537  C  CB  . ASN A 1 70 ? -20.803 -0.744  -11.824 1.00 27.35 ? 70  ASN A CB  1 
ATOM   538  C  CG  . ASN A 1 70 ? -21.370 -0.505  -10.435 1.00 30.72 ? 70  ASN A CG  1 
ATOM   539  O  OD1 . ASN A 1 70 ? -20.785 0.219   -9.625  1.00 29.51 ? 70  ASN A OD1 1 
ATOM   540  N  ND2 . ASN A 1 70 ? -22.533 -1.092  -10.159 1.00 29.80 ? 70  ASN A ND2 1 
ATOM   541  N  N   . ALA A 1 71 ? -19.130 1.654   -12.224 1.00 24.70 ? 71  ALA A N   1 
ATOM   542  C  CA  . ALA A 1 71 ? -18.669 3.012   -11.995 1.00 25.33 ? 71  ALA A CA  1 
ATOM   543  C  C   . ALA A 1 71 ? -18.865 3.513   -10.573 1.00 24.52 ? 71  ALA A C   1 
ATOM   544  O  O   . ALA A 1 71 ? -17.951 4.079   -9.984  1.00 23.67 ? 71  ALA A O   1 
ATOM   545  C  CB  . ALA A 1 71 ? -19.350 3.978   -12.974 1.00 24.55 ? 71  ALA A CB  1 
ATOM   546  N  N   . LYS A 1 72 ? -20.063 3.322   -10.034 1.00 22.56 ? 72  LYS A N   1 
ATOM   547  C  CA  . LYS A 1 72 ? -20.353 3.784   -8.692  1.00 21.91 ? 72  LYS A CA  1 
ATOM   548  C  C   . LYS A 1 72 ? -19.527 3.033   -7.637  1.00 21.26 ? 72  LYS A C   1 
ATOM   549  O  O   . LYS A 1 72 ? -18.967 3.652   -6.715  1.00 19.05 ? 72  LYS A O   1 
ATOM   550  C  CB  . LYS A 1 72 ? -21.847 3.634   -8.415  1.00 23.29 ? 72  LYS A CB  1 
ATOM   551  C  CG  . LYS A 1 72 ? -22.290 4.000   -7.019  1.00 24.18 ? 72  LYS A CG  1 
ATOM   552  C  CD  . LYS A 1 72 ? -22.037 5.458   -6.706  1.00 24.19 ? 72  LYS A CD  1 
ATOM   553  C  CE  . LYS A 1 72 ? -22.835 5.849   -5.480  1.00 26.81 ? 72  LYS A CE  1 
ATOM   554  N  NZ  . LYS A 1 72 ? -22.064 6.748   -4.574  1.00 30.35 ? 72  LYS A NZ  1 
ATOM   555  N  N   . GLN A 1 73 ? -19.423 1.718   -7.789  1.00 17.36 ? 73  GLN A N   1 
ATOM   556  C  CA  . GLN A 1 73 ? -18.682 0.886   -6.842  1.00 18.89 ? 73  GLN A CA  1 
ATOM   557  C  C   . GLN A 1 73 ? -17.191 1.213   -6.841  1.00 19.02 ? 73  GLN A C   1 
ATOM   558  O  O   . GLN A 1 73 ? -16.575 1.316   -5.780  1.00 17.45 ? 73  GLN A O   1 
ATOM   559  C  CB  . GLN A 1 73 ? -18.868 -0.604  -7.167  1.00 15.85 ? 73  GLN A CB  1 
ATOM   560  C  CG  . GLN A 1 73 ? -20.307 -1.102  -7.098  1.00 20.63 ? 73  GLN A CG  1 
ATOM   561  C  CD  . GLN A 1 73 ? -20.431 -2.514  -7.682  1.00 17.38 ? 73  GLN A CD  1 
ATOM   562  O  OE1 . GLN A 1 73 ? -19.858 -2.800  -8.730  1.00 17.45 ? 73  GLN A OE1 1 
ATOM   563  N  NE2 . GLN A 1 73 ? -21.149 -3.389  -6.994  1.00 17.09 ? 73  GLN A NE2 1 
ATOM   564  N  N   . SER A 1 74 ? -16.605 1.375   -8.018  1.00 19.59 ? 74  SER A N   1 
ATOM   565  C  CA  . SER A 1 74 ? -15.179 1.685   -8.092  1.00 21.67 ? 74  SER A CA  1 
ATOM   566  C  C   . SER A 1 74 ? -14.926 3.109   -7.598  1.00 21.24 ? 74  SER A C   1 
ATOM   567  O  O   . SER A 1 74 ? -13.888 3.381   -6.992  1.00 19.68 ? 74  SER A O   1 
ATOM   568  C  CB  . SER A 1 74 ? -14.655 1.507   -9.526  1.00 22.63 ? 74  SER A CB  1 
ATOM   569  O  OG  . SER A 1 74 ? -15.149 2.526   -10.365 1.00 23.54 ? 74  SER A OG  1 
ATOM   570  N  N   . ARG A 1 75 ? -15.872 4.011   -7.844  1.00 21.08 ? 75  ARG A N   1 
ATOM   571  C  CA  . ARG A 1 75 ? -15.728 5.392   -7.388  1.00 23.37 ? 75  ARG A CA  1 
ATOM   572  C  C   . ARG A 1 75 ? -15.769 5.427   -5.856  1.00 23.23 ? 75  ARG A C   1 
ATOM   573  O  O   . ARG A 1 75 ? -14.977 6.123   -5.224  1.00 22.02 ? 75  ARG A O   1 
ATOM   574  C  CB  . ARG A 1 75 ? -16.837 6.268   -7.988  1.00 25.65 ? 75  ARG A CB  1 
ATOM   575  C  CG  . ARG A 1 75 ? -16.796 7.752   -7.637  1.00 29.22 ? 75  ARG A CG  1 
ATOM   576  C  CD  . ARG A 1 75 ? -17.628 8.031   -6.403  1.00 35.82 ? 75  ARG A CD  1 
ATOM   577  N  NE  . ARG A 1 75 ? -17.999 9.440   -6.247  1.00 39.27 ? 75  ARG A NE  1 
ATOM   578  C  CZ  . ARG A 1 75 ? -18.586 9.928   -5.156  1.00 42.35 ? 75  ARG A CZ  1 
ATOM   579  N  NH1 . ARG A 1 75 ? -18.860 9.122   -4.133  1.00 42.49 ? 75  ARG A NH1 1 
ATOM   580  N  NH2 . ARG A 1 75 ? -18.902 11.216  -5.080  1.00 43.22 ? 75  ARG A NH2 1 
ATOM   581  N  N   . ASP A 1 76 ? -16.672 4.655   -5.264  1.00 21.18 ? 76  ASP A N   1 
ATOM   582  C  CA  . ASP A 1 76 ? -16.809 4.601   -3.815  1.00 20.58 ? 76  ASP A CA  1 
ATOM   583  C  C   . ASP A 1 76 ? -15.570 4.001   -3.124  1.00 21.18 ? 76  ASP A C   1 
ATOM   584  O  O   . ASP A 1 76 ? -15.138 4.493   -2.080  1.00 19.63 ? 76  ASP A O   1 
ATOM   585  C  CB  . ASP A 1 76 ? -18.061 3.795   -3.427  1.00 20.72 ? 76  ASP A CB  1 
ATOM   586  C  CG  . ASP A 1 76 ? -19.344 4.615   -3.502  1.00 22.70 ? 76  ASP A CG  1 
ATOM   587  O  OD1 . ASP A 1 76 ? -19.294 5.815   -3.842  1.00 23.51 ? 76  ASP A OD1 1 
ATOM   588  O  OD2 . ASP A 1 76 ? -20.424 4.053   -3.215  1.00 26.79 ? 76  ASP A OD2 1 
ATOM   589  N  N   . CYS A 1 77 ? -15.010 2.946   -3.711  1.00 20.01 ? 77  CYS A N   1 
ATOM   590  C  CA  . CYS A 1 77 ? -13.846 2.286   -3.156  1.00 19.53 ? 77  CYS A CA  1 
ATOM   591  C  C   . CYS A 1 77 ? -12.630 3.185   -3.300  1.00 20.47 ? 77  CYS A C   1 
ATOM   592  O  O   . CYS A 1 77 ? -11.808 3.308   -2.377  1.00 16.71 ? 77  CYS A O   1 
ATOM   593  C  CB  . CYS A 1 77 ? -13.634 0.949   -3.879  1.00 19.17 ? 77  CYS A CB  1 
ATOM   594  S  SG  . CYS A 1 77 ? -12.274 -0.028  -3.252  1.00 19.01 ? 77  CYS A SG  1 
ATOM   595  N  N   . PHE A 1 78 ? -12.509 3.824   -4.455  1.00 19.06 ? 78  PHE A N   1 
ATOM   596  C  CA  . PHE A 1 78 ? -11.393 4.736   -4.671  1.00 20.59 ? 78  PHE A CA  1 
ATOM   597  C  C   . PHE A 1 78 ? -11.440 5.880   -3.651  1.00 19.32 ? 78  PHE A C   1 
ATOM   598  O  O   . PHE A 1 78 ? -10.423 6.183   -2.999  1.00 18.61 ? 78  PHE A O   1 
ATOM   599  C  CB  . PHE A 1 78 ? -11.452 5.314   -6.080  1.00 21.90 ? 78  PHE A CB  1 
ATOM   600  C  CG  . PHE A 1 78 ? -10.516 6.478   -6.294  1.00 22.77 ? 78  PHE A CG  1 
ATOM   601  C  CD1 . PHE A 1 78 ? -9.157  6.272   -6.498  1.00 24.03 ? 78  PHE A CD1 1 
ATOM   602  C  CD2 . PHE A 1 78 ? -10.998 7.777   -6.254  1.00 22.86 ? 78  PHE A CD2 1 
ATOM   603  C  CE1 . PHE A 1 78 ? -8.289  7.352   -6.654  1.00 22.99 ? 78  PHE A CE1 1 
ATOM   604  C  CE2 . PHE A 1 78 ? -10.139 8.859   -6.408  1.00 24.27 ? 78  PHE A CE2 1 
ATOM   605  C  CZ  . PHE A 1 78 ? -8.785  8.643   -6.608  1.00 21.77 ? 78  PHE A CZ  1 
ATOM   606  N  N   . GLY A 1 79 ? -12.611 6.493   -3.505  1.00 16.13 ? 79  GLY A N   1 
ATOM   607  C  CA  . GLY A 1 79 ? -12.772 7.616   -2.592  1.00 17.03 ? 79  GLY A CA  1 
ATOM   608  C  C   . GLY A 1 79 ? -12.426 7.245   -1.169  1.00 19.67 ? 79  GLY A C   1 
ATOM   609  O  O   . GLY A 1 79 ? -11.854 8.045   -0.409  1.00 16.39 ? 79  GLY A O   1 
ATOM   610  N  N   . CYS A 1 80 ? -12.816 6.023   -0.814  1.00 18.52 ? 80  CYS A N   1 
ATOM   611  C  CA  . CYS A 1 80 ? -12.578 5.451   0.502   1.00 21.29 ? 80  CYS A CA  1 
ATOM   612  C  C   . CYS A 1 80 ? -11.081 5.387   0.770   1.00 20.03 ? 80  CYS A C   1 
ATOM   613  O  O   . CYS A 1 80 ? -10.606 5.908   1.776   1.00 21.11 ? 80  CYS A O   1 
ATOM   614  C  CB  . CYS A 1 80 ? -13.151 4.035   0.556   1.00 21.15 ? 80  CYS A CB  1 
ATOM   615  S  SG  . CYS A 1 80 ? -13.139 3.327   2.177   1.00 30.52 ? 80  CYS A SG  1 
ATOM   616  N  N   . LEU A 1 81 ? -10.348 4.737   -0.121  1.00 18.71 ? 81  LEU A N   1 
ATOM   617  C  CA  . LEU A 1 81 ? -8.906  4.625   0.047   1.00 18.80 ? 81  LEU A CA  1 
ATOM   618  C  C   . LEU A 1 81 ? -8.191  5.984   -0.052  1.00 20.25 ? 81  LEU A C   1 
ATOM   619  O  O   . LEU A 1 81 ? -7.220  6.227   0.672   1.00 16.90 ? 81  LEU A O   1 
ATOM   620  C  CB  . LEU A 1 81 ? -8.325  3.644   -0.973  1.00 18.27 ? 81  LEU A CB  1 
ATOM   621  C  CG  . LEU A 1 81 ? -8.673  2.168   -0.746  1.00 18.94 ? 81  LEU A CG  1 
ATOM   622  C  CD1 . LEU A 1 81 ? -8.312  1.368   -1.984  1.00 17.26 ? 81  LEU A CD1 1 
ATOM   623  C  CD2 . LEU A 1 81 ? -7.937  1.627   0.500   1.00 17.79 ? 81  LEU A CD2 1 
ATOM   624  N  N   . ARG A 1 82 ? -8.664  6.878   -0.915  1.00 18.38 ? 82  ARG A N   1 
ATOM   625  C  CA  . ARG A 1 82 ? -8.013  8.177   -1.031  1.00 20.71 ? 82  ARG A CA  1 
ATOM   626  C  C   . ARG A 1 82 ? -8.093  8.939   0.285   1.00 20.95 ? 82  ARG A C   1 
ATOM   627  O  O   . ARG A 1 82 ? -7.077  9.447   0.797   1.00 19.68 ? 82  ARG A O   1 
ATOM   628  C  CB  . ARG A 1 82 ? -8.655  9.020   -2.130  1.00 23.32 ? 82  ARG A CB  1 
ATOM   629  C  CG  . ARG A 1 82 ? -7.966  10.355  -2.335  1.00 27.73 ? 82  ARG A CG  1 
ATOM   630  C  CD  . ARG A 1 82 ? -8.497  11.077  -3.560  1.00 31.86 ? 82  ARG A CD  1 
ATOM   631  N  NE  . ARG A 1 82 ? -9.917  11.408  -3.446  1.00 34.93 ? 82  ARG A NE  1 
ATOM   632  C  CZ  . ARG A 1 82 ? -10.643 11.957  -4.423  1.00 40.03 ? 82  ARG A CZ  1 
ATOM   633  N  NH1 . ARG A 1 82 ? -10.088 12.248  -5.600  1.00 40.23 ? 82  ARG A NH1 1 
ATOM   634  N  NH2 . ARG A 1 82 ? -11.936 12.207  -4.231  1.00 42.80 ? 82  ARG A NH2 1 
ATOM   635  N  N   . GLU A 1 83 ? -9.300  9.028   0.827   1.00 19.05 ? 83  GLU A N   1 
ATOM   636  C  CA  . GLU A 1 83 ? -9.509  9.721   2.088   1.00 21.28 ? 83  GLU A CA  1 
ATOM   637  C  C   . GLU A 1 83 ? -8.758  9.066   3.240   1.00 20.77 ? 83  GLU A C   1 
ATOM   638  O  O   . GLU A 1 83 ? -8.242  9.757   4.121   1.00 20.09 ? 83  GLU A O   1 
ATOM   639  C  CB  . GLU A 1 83 ? -10.995 9.793   2.426   1.00 20.22 ? 83  GLU A CB  1 
ATOM   640  C  CG  . GLU A 1 83 ? -11.546 11.173  2.213   1.00 27.38 ? 83  GLU A CG  1 
ATOM   641  C  CD  . GLU A 1 83 ? -13.042 11.263  2.403   1.00 28.39 ? 83  GLU A CD  1 
ATOM   642  O  OE1 . GLU A 1 83 ? -13.544 10.874  3.481   1.00 28.06 ? 83  GLU A OE1 1 
ATOM   643  O  OE2 . GLU A 1 83 ? -13.714 11.737  1.468   1.00 32.42 ? 83  GLU A OE2 1 
ATOM   644  N  N   . TRP A 1 84 ? -8.711  7.741   3.255   1.00 19.10 ? 84  TRP A N   1 
ATOM   645  C  CA  . TRP A 1 84 ? -7.998  7.068   4.329   1.00 18.59 ? 84  TRP A CA  1 
ATOM   646  C  C   . TRP A 1 84 ? -6.522  7.468   4.291   1.00 20.86 ? 84  TRP A C   1 
ATOM   647  O  O   . TRP A 1 84 ? -5.933  7.750   5.337   1.00 18.27 ? 84  TRP A O   1 
ATOM   648  C  CB  . TRP A 1 84 ? -8.102  5.547   4.213   1.00 18.64 ? 84  TRP A CB  1 
ATOM   649  C  CG  . TRP A 1 84 ? -7.457  4.815   5.384   1.00 13.32 ? 84  TRP A CG  1 
ATOM   650  C  CD1 . TRP A 1 84 ? -8.077  4.367   6.526   1.00 17.77 ? 84  TRP A CD1 1 
ATOM   651  C  CD2 . TRP A 1 84 ? -6.080  4.465   5.514   1.00 13.23 ? 84  TRP A CD2 1 
ATOM   652  N  NE1 . TRP A 1 84 ? -7.162  3.747   7.347   1.00 10.65 ? 84  TRP A NE1 1 
ATOM   653  C  CE2 . TRP A 1 84 ? -5.932  3.790   6.751   1.00 12.14 ? 84  TRP A CE2 1 
ATOM   654  C  CE3 . TRP A 1 84 ? -4.950  4.641   4.709   1.00 12.95 ? 84  TRP A CE3 1 
ATOM   655  C  CZ2 . TRP A 1 84 ? -4.706  3.311   7.190   1.00 10.99 ? 84  TRP A CZ2 1 
ATOM   656  C  CZ3 . TRP A 1 84 ? -3.741  4.164   5.147   1.00 12.50 ? 84  TRP A CZ3 1 
ATOM   657  C  CH2 . TRP A 1 84 ? -3.626  3.500   6.380   1.00 14.18 ? 84  TRP A CH2 1 
ATOM   658  N  N   . CYS A 1 85 ? -5.937  7.496   3.093   1.00 20.09 ? 85  CYS A N   1 
ATOM   659  C  CA  . CYS A 1 85 ? -4.526  7.845   2.938   1.00 21.91 ? 85  CYS A CA  1 
ATOM   660  C  C   . CYS A 1 85 ? -4.282  9.291   3.343   1.00 23.34 ? 85  CYS A C   1 
ATOM   661  O  O   . CYS A 1 85 ? -3.289  9.586   4.018   1.00 23.01 ? 85  CYS A O   1 
ATOM   662  C  CB  . CYS A 1 85 ? -4.047  7.618   1.501   1.00 19.98 ? 85  CYS A CB  1 
ATOM   663  S  SG  . CYS A 1 85 ? -3.792  5.879   1.076   1.00 20.30 ? 85  CYS A SG  1 
ATOM   664  N  N   . ASP A 1 86 ? -5.173  10.186  2.931   1.00 22.50 ? 86  ASP A N   1 
ATOM   665  C  CA  . ASP A 1 86 ? -5.025  11.593  3.297   1.00 23.83 ? 86  ASP A CA  1 
ATOM   666  C  C   . ASP A 1 86 ? -5.012  11.729  4.819   1.00 24.58 ? 86  ASP A C   1 
ATOM   667  O  O   . ASP A 1 86 ? -4.350  12.615  5.356   1.00 24.17 ? 86  ASP A O   1 
ATOM   668  C  CB  . ASP A 1 86 ? -6.167  12.440  2.735   1.00 23.61 ? 86  ASP A CB  1 
ATOM   669  C  CG  . ASP A 1 86 ? -6.074  12.640  1.209   1.00 23.70 ? 86  ASP A CG  1 
ATOM   670  O  OD1 . ASP A 1 86 ? -5.031  12.317  0.600   1.00 22.00 ? 86  ASP A OD1 1 
ATOM   671  O  OD2 . ASP A 1 86 ? -7.059  13.131  0.628   1.00 26.75 ? 86  ASP A OD2 1 
ATOM   672  N  N   . ALA A 1 87 ? -5.749  10.857  5.500   1.00 22.50 ? 87  ALA A N   1 
ATOM   673  C  CA  . ALA A 1 87 ? -5.838  10.890  6.952   1.00 23.54 ? 87  ALA A CA  1 
ATOM   674  C  C   . ALA A 1 87 ? -4.761  10.119  7.711   1.00 22.93 ? 87  ALA A C   1 
ATOM   675  O  O   . ALA A 1 87 ? -4.381  10.526  8.809   1.00 25.36 ? 87  ALA A O   1 
ATOM   676  C  CB  . ALA A 1 87 ? -7.204  10.399  7.401   1.00 22.11 ? 87  ALA A CB  1 
ATOM   677  N  N   . PHE A 1 88 ? -4.259  9.026   7.143   1.00 21.25 ? 88  PHE A N   1 
ATOM   678  C  CA  . PHE A 1 88 ? -3.285  8.205   7.861   1.00 20.61 ? 88  PHE A CA  1 
ATOM   679  C  C   . PHE A 1 88 ? -1.974  7.819   7.221   1.00 21.31 ? 88  PHE A C   1 
ATOM   680  O  O   . PHE A 1 88 ? -1.123  7.229   7.898   1.00 23.14 ? 88  PHE A O   1 
ATOM   681  C  CB  . PHE A 1 88 ? -3.974  6.917   8.344   1.00 18.77 ? 88  PHE A CB  1 
ATOM   682  C  CG  . PHE A 1 88 ? -5.188  7.169   9.175   1.00 19.62 ? 88  PHE A CG  1 
ATOM   683  C  CD1 . PHE A 1 88 ? -5.061  7.719   10.447  1.00 16.43 ? 88  PHE A CD1 1 
ATOM   684  C  CD2 . PHE A 1 88 ? -6.461  6.963   8.662   1.00 17.24 ? 88  PHE A CD2 1 
ATOM   685  C  CE1 . PHE A 1 88 ? -6.179  8.062   11.179  1.00 16.64 ? 88  PHE A CE1 1 
ATOM   686  C  CE2 . PHE A 1 88 ? -7.594  7.302   9.387   1.00 16.94 ? 88  PHE A CE2 1 
ATOM   687  C  CZ  . PHE A 1 88 ? -7.462  7.858   10.648  1.00 22.02 ? 88  PHE A CZ  1 
ATOM   688  N  N   . LEU A 1 89 ? -1.776  8.121   5.943   1.00 20.85 ? 89  LEU A N   1 
ATOM   689  C  CA  . LEU A 1 89 ? -0.524  7.727   5.296   1.00 21.43 ? 89  LEU A CA  1 
ATOM   690  C  C   . LEU A 1 89 ? 0.574   8.783   5.403   1.00 21.78 ? 89  LEU A C   1 
ATOM   691  O  O   . LEU A 1 89 ? 1.719   8.368   5.607   1.00 21.85 ? 89  LEU A O   1 
ATOM   692  C  CB  . LEU A 1 89 ? -0.754  7.384   3.824   1.00 19.84 ? 89  LEU A CB  1 
ATOM   693  C  CG  . LEU A 1 89 ? 0.432   7.018   2.930   1.00 18.12 ? 89  LEU A CG  1 
ATOM   694  C  CD1 . LEU A 1 89 ? 1.048   5.740   3.397   1.00 15.84 ? 89  LEU A CD1 1 
ATOM   695  C  CD2 . LEU A 1 89 ? -0.043  6.864   1.457   1.00 20.76 ? 89  LEU A CD2 1 
ATOM   696  O  OXT . LEU A 1 89 ? 0.281   9.991   5.258   1.00 23.06 ? 89  LEU A OXT 1 
ATOM   697  N  N   . THR B 1 2  ? 19.184  -2.604  17.080  1.00 40.62 ? 2   THR B N   1 
ATOM   698  C  CA  . THR B 1 2  ? 18.943  -3.464  15.921  1.00 40.02 ? 2   THR B CA  1 
ATOM   699  C  C   . THR B 1 2  ? 18.539  -2.615  14.710  1.00 38.01 ? 2   THR B C   1 
ATOM   700  O  O   . THR B 1 2  ? 18.256  -3.126  13.640  1.00 37.60 ? 2   THR B O   1 
ATOM   701  C  CB  . THR B 1 2  ? 17.792  -4.460  16.253  1.00 41.54 ? 2   THR B CB  1 
ATOM   702  O  OG1 . THR B 1 2  ? 17.433  -5.201  15.083  1.00 44.73 ? 2   THR B OG1 1 
ATOM   703  C  CG2 . THR B 1 2  ? 16.564  -3.705  16.762  1.00 41.11 ? 2   THR B CG2 1 
ATOM   704  N  N   . THR B 1 3  ? 18.544  -1.299  14.890  1.00 33.97 ? 3   THR B N   1 
ATOM   705  C  CA  . THR B 1 3  ? 18.144  -0.386  13.843  1.00 30.98 ? 3   THR B CA  1 
ATOM   706  C  C   . THR B 1 3  ? 19.011  0.867   13.740  1.00 27.96 ? 3   THR B C   1 
ATOM   707  O  O   . THR B 1 3  ? 19.720  1.226   14.657  1.00 25.88 ? 3   THR B O   1 
ATOM   708  C  CB  . THR B 1 3  ? 16.699  0.058   14.083  1.00 31.99 ? 3   THR B CB  1 
ATOM   709  O  OG1 . THR B 1 3  ? 16.600  0.697   15.361  1.00 33.42 ? 3   THR B OG1 1 
ATOM   710  C  CG2 . THR B 1 3  ? 15.761  -1.143  14.067  1.00 34.89 ? 3   THR B CG2 1 
ATOM   711  N  N   . SER B 1 4  ? 18.922  1.540   12.599  1.00 24.66 ? 4   SER B N   1 
ATOM   712  C  CA  . SER B 1 4  ? 19.658  2.785   12.351  1.00 22.00 ? 4   SER B CA  1 
ATOM   713  C  C   . SER B 1 4  ? 18.730  3.930   12.720  1.00 20.80 ? 4   SER B C   1 
ATOM   714  O  O   . SER B 1 4  ? 17.521  3.729   12.936  1.00 19.48 ? 4   SER B O   1 
ATOM   715  C  CB  . SER B 1 4  ? 19.990  2.914   10.865  1.00 22.18 ? 4   SER B CB  1 
ATOM   716  O  OG  . SER B 1 4  ? 18.782  2.924   10.117  1.00 20.71 ? 4   SER B OG  1 
ATOM   717  N  N   . GLN B 1 5  ? 19.273  5.143   12.805  1.00 15.77 ? 5   GLN B N   1 
ATOM   718  C  CA  . GLN B 1 5  ? 18.409  6.250   13.129  1.00 15.20 ? 5   GLN B CA  1 
ATOM   719  C  C   . GLN B 1 5  ? 17.535  6.589   11.915  1.00 11.48 ? 5   GLN B C   1 
ATOM   720  O  O   . GLN B 1 5  ? 16.492  7.188   12.090  1.00 11.79 ? 5   GLN B O   1 
ATOM   721  C  CB  . GLN B 1 5  ? 19.196  7.507   13.539  1.00 15.01 ? 5   GLN B CB  1 
ATOM   722  C  CG  . GLN B 1 5  ? 18.287  8.638   14.000  1.00 15.23 ? 5   GLN B CG  1 
ATOM   723  C  CD  . GLN B 1 5  ? 17.537  8.292   15.269  1.00 17.66 ? 5   GLN B CD  1 
ATOM   724  O  OE1 . GLN B 1 5  ? 18.112  7.714   16.185  1.00 19.72 ? 5   GLN B OE1 1 
ATOM   725  N  NE2 . GLN B 1 5  ? 16.263  8.650   15.336  1.00 16.26 ? 5   GLN B NE2 1 
ATOM   726  N  N   . LYS B 1 6  ? 17.973  6.231   10.710  1.00 14.79 ? 6   LYS B N   1 
ATOM   727  C  CA  . LYS B 1 6  ? 17.167  6.513   9.494   1.00 15.14 ? 6   LYS B CA  1 
ATOM   728  C  C   . LYS B 1 6  ? 15.869  5.716   9.648   1.00 14.02 ? 6   LYS B C   1 
ATOM   729  O  O   . LYS B 1 6  ? 14.769  6.202   9.359   1.00 12.43 ? 6   LYS B O   1 
ATOM   730  C  CB  . LYS B 1 6  ? 17.908  6.053   8.245   1.00 14.89 ? 6   LYS B CB  1 
ATOM   731  C  CG  . LYS B 1 6  ? 17.254  6.492   6.926   1.00 14.48 ? 6   LYS B CG  1 
ATOM   732  C  CD  . LYS B 1 6  ? 18.062  6.019   5.745   1.00 16.72 ? 6   LYS B CD  1 
ATOM   733  C  CE  . LYS B 1 6  ? 17.531  6.619   4.432   1.00 14.77 ? 6   LYS B CE  1 
ATOM   734  N  NZ  . LYS B 1 6  ? 18.258  6.005   3.288   1.00 15.94 ? 6   LYS B NZ  1 
ATOM   735  N  N   . HIS B 1 7  ? 16.033  4.484   10.117  1.00 14.72 ? 7   HIS B N   1 
ATOM   736  C  CA  . HIS B 1 7  ? 14.907  3.594   10.373  1.00 13.68 ? 7   HIS B CA  1 
ATOM   737  C  C   . HIS B 1 7  ? 13.984  4.239   11.378  1.00 14.54 ? 7   HIS B C   1 
ATOM   738  O  O   . HIS B 1 7  ? 12.802  4.452   11.131  1.00 15.01 ? 7   HIS B O   1 
ATOM   739  C  CB  . HIS B 1 7  ? 15.407  2.272   10.938  1.00 14.75 ? 7   HIS B CB  1 
ATOM   740  C  CG  . HIS B 1 7  ? 14.319  1.411   11.501  1.00 18.28 ? 7   HIS B CG  1 
ATOM   741  N  ND1 . HIS B 1 7  ? 13.857  0.284   10.865  1.00 19.98 ? 7   HIS B ND1 1 
ATOM   742  C  CD2 . HIS B 1 7  ? 13.584  1.535   12.635  1.00 18.90 ? 7   HIS B CD2 1 
ATOM   743  C  CE1 . HIS B 1 7  ? 12.888  -0.256  11.578  1.00 18.27 ? 7   HIS B CE1 1 
ATOM   744  N  NE2 . HIS B 1 7  ? 12.700  0.481   12.659  1.00 19.74 ? 7   HIS B NE2 1 
ATOM   745  N  N   . ARG B 1 8  ? 14.526  4.583   12.541  1.00 14.85 ? 8   ARG B N   1 
ATOM   746  C  CA  . ARG B 1 8  ? 13.692  5.177   13.566  1.00 13.19 ? 8   ARG B CA  1 
ATOM   747  C  C   . ARG B 1 8  ? 12.993  6.437   13.128  1.00 12.43 ? 8   ARG B C   1 
ATOM   748  O  O   . ARG B 1 8  ? 11.849  6.663   13.523  1.00 12.36 ? 8   ARG B O   1 
ATOM   749  C  CB  . ARG B 1 8  ? 14.511  5.438   14.851  1.00 17.31 ? 8   ARG B CB  1 
ATOM   750  C  CG  . ARG B 1 8  ? 14.947  4.170   15.589  1.00 16.17 ? 8   ARG B CG  1 
ATOM   751  C  CD  . ARG B 1 8  ? 15.669  4.514   16.897  1.00 20.15 ? 8   ARG B CD  1 
ATOM   752  N  NE  . ARG B 1 8  ? 16.989  5.089   16.657  1.00 20.91 ? 8   ARG B NE  1 
ATOM   753  C  CZ  . ARG B 1 8  ? 18.067  4.376   16.364  1.00 21.59 ? 8   ARG B CZ  1 
ATOM   754  N  NH1 . ARG B 1 8  ? 17.984  3.057   16.284  1.00 21.46 ? 8   ARG B NH1 1 
ATOM   755  N  NH2 . ARG B 1 8  ? 19.228  4.975   16.141  1.00 24.49 ? 8   ARG B NH2 1 
ATOM   756  N  N   . ASP B 1 9  ? 13.641  7.259   12.296  1.00 13.27 ? 9   ASP B N   1 
ATOM   757  C  CA  . ASP B 1 9  ? 12.990  8.486   11.849  1.00 14.71 ? 9   ASP B CA  1 
ATOM   758  C  C   . ASP B 1 9  ? 11.766  8.159   10.967  1.00 13.96 ? 9   ASP B C   1 
ATOM   759  O  O   . ASP B 1 9  ? 10.739  8.803   11.073  1.00 14.77 ? 9   ASP B O   1 
ATOM   760  C  CB  . ASP B 1 9  ? 13.934  9.362   11.014  1.00 15.44 ? 9   ASP B CB  1 
ATOM   761  C  CG  . ASP B 1 9  ? 15.104  9.935   11.836  1.00 19.62 ? 9   ASP B CG  1 
ATOM   762  O  OD1 . ASP B 1 9  ? 14.969  10.021  13.063  1.00 18.83 ? 9   ASP B OD1 1 
ATOM   763  O  OD2 . ASP B 1 9  ? 16.136  10.296  11.233  1.00 19.84 ? 9   ASP B OD2 1 
ATOM   764  N  N   . PHE B 1 10 ? 11.909  7.155   10.117  1.00 15.06 ? 10  PHE B N   1 
ATOM   765  C  CA  . PHE B 1 10 ? 10.828  6.767   9.193   1.00 14.76 ? 10  PHE B CA  1 
ATOM   766  C  C   . PHE B 1 10 ? 9.636   6.199   9.925   1.00 15.17 ? 10  PHE B C   1 
ATOM   767  O  O   . PHE B 1 10 ? 8.494   6.597   9.727   1.00 15.71 ? 10  PHE B O   1 
ATOM   768  C  CB  . PHE B 1 10 ? 11.330  5.710   8.219   1.00 14.58 ? 10  PHE B CB  1 
ATOM   769  C  CG  . PHE B 1 10 ? 10.385  5.477   7.078   1.00 17.77 ? 10  PHE B CG  1 
ATOM   770  C  CD1 . PHE B 1 10 ? 10.377  6.342   5.992   1.00 17.20 ? 10  PHE B CD1 1 
ATOM   771  C  CD2 . PHE B 1 10 ? 9.462   4.431   7.116   1.00 17.20 ? 10  PHE B CD2 1 
ATOM   772  C  CE1 . PHE B 1 10 ? 9.445   6.177   4.951   1.00 21.99 ? 10  PHE B CE1 1 
ATOM   773  C  CE2 . PHE B 1 10 ? 8.529   4.259   6.083   1.00 17.92 ? 10  PHE B CE2 1 
ATOM   774  C  CZ  . PHE B 1 10 ? 8.523   5.134   4.999   1.00 18.41 ? 10  PHE B CZ  1 
ATOM   775  N  N   . VAL B 1 11 ? 9.927   5.238   10.785  1.00 16.00 ? 11  VAL B N   1 
ATOM   776  C  CA  . VAL B 1 11 ? 8.910   4.571   11.567  1.00 15.30 ? 11  VAL B CA  1 
ATOM   777  C  C   . VAL B 1 11 ? 8.126   5.458   12.540  1.00 17.46 ? 11  VAL B C   1 
ATOM   778  O  O   . VAL B 1 11 ? 7.007   5.116   12.935  1.00 17.04 ? 11  VAL B O   1 
ATOM   779  C  CB  . VAL B 1 11 ? 9.575   3.398   12.310  1.00 13.48 ? 11  VAL B CB  1 
ATOM   780  C  CG1 . VAL B 1 11 ? 8.602   2.770   13.286  1.00 19.25 ? 11  VAL B CG1 1 
ATOM   781  C  CG2 . VAL B 1 11 ? 10.114  2.390   11.311  1.00 10.01 ? 11  VAL B CG2 1 
ATOM   782  N  N   . ALA B 1 12 ? 8.681   6.612   12.912  1.00 15.45 ? 12  ALA B N   1 
ATOM   783  C  CA  . ALA B 1 12 ? 8.014   7.502   13.865  1.00 15.85 ? 12  ALA B CA  1 
ATOM   784  C  C   . ALA B 1 12 ? 6.884   8.382   13.361  1.00 16.19 ? 12  ALA B C   1 
ATOM   785  O  O   . ALA B 1 12 ? 6.159   8.958   14.166  1.00 14.81 ? 12  ALA B O   1 
ATOM   786  C  CB  . ALA B 1 12 ? 9.076   8.425   14.549  1.00 15.83 ? 12  ALA B CB  1 
ATOM   787  N  N   . GLU B 1 13 ? 6.739   8.514   12.046  1.00 16.04 ? 13  GLU B N   1 
ATOM   788  C  CA  . GLU B 1 13 ? 5.723   9.416   11.512  1.00 17.66 ? 13  GLU B CA  1 
ATOM   789  C  C   . GLU B 1 13 ? 5.077   8.951   10.206  1.00 15.71 ? 13  GLU B C   1 
ATOM   790  O  O   . GLU B 1 13 ? 5.555   8.043   9.568   1.00 14.19 ? 13  GLU B O   1 
ATOM   791  C  CB  . GLU B 1 13 ? 6.380   10.770  11.234  1.00 15.29 ? 13  GLU B CB  1 
ATOM   792  C  CG  . GLU B 1 13 ? 7.581   10.609  10.310  1.00 17.31 ? 13  GLU B CG  1 
ATOM   793  C  CD  . GLU B 1 13 ? 8.419   11.898  10.159  1.00 20.12 ? 13  GLU B CD  1 
ATOM   794  O  OE1 . GLU B 1 13 ? 8.246   12.813  10.978  1.00 19.82 ? 13  GLU B OE1 1 
ATOM   795  O  OE2 . GLU B 1 13 ? 9.252   11.974  9.226   1.00 17.28 ? 13  GLU B OE2 1 
ATOM   796  N  N   . PRO B 1 14 ? 3.972   9.594   9.813   1.00 18.02 ? 14  PRO B N   1 
ATOM   797  C  CA  . PRO B 1 14 ? 3.314   9.215   8.564   1.00 19.12 ? 14  PRO B CA  1 
ATOM   798  C  C   . PRO B 1 14 ? 4.357   9.449   7.475   1.00 20.42 ? 14  PRO B C   1 
ATOM   799  O  O   . PRO B 1 14 ? 5.206   10.355  7.614   1.00 21.50 ? 14  PRO B O   1 
ATOM   800  C  CB  . PRO B 1 14 ? 2.139   10.192  8.488   1.00 18.84 ? 14  PRO B CB  1 
ATOM   801  C  CG  . PRO B 1 14 ? 1.824   10.452  9.939   1.00 22.58 ? 14  PRO B CG  1 
ATOM   802  C  CD  . PRO B 1 14 ? 3.200   10.620  10.530  1.00 16.15 ? 14  PRO B CD  1 
HETATM 803  N  N   . MSE B 1 15 ? 4.333   8.639   6.415   1.00 19.64 ? 15  MSE B N   1 
HETATM 804  C  CA  . MSE B 1 15 ? 5.309   8.780   5.347   1.00 19.66 ? 15  MSE B CA  1 
HETATM 805  C  C   . MSE B 1 15 ? 4.947   9.840   4.335   1.00 21.60 ? 15  MSE B C   1 
HETATM 806  O  O   . MSE B 1 15 ? 5.823   10.363  3.653   1.00 22.74 ? 15  MSE B O   1 
HETATM 807  C  CB  . MSE B 1 15 ? 5.595   7.435   4.640   1.00 18.38 ? 15  MSE B CB  1 
HETATM 808  C  CG  . MSE B 1 15 ? 4.446   6.731   3.828   1.00 14.67 ? 15  MSE B CG  1 
HETATM 809  SE SE  . MSE B 1 15 ? 5.126   5.246   3.070   1.00 21.52 ? 15  MSE B SE  1 
HETATM 810  C  CE  . MSE B 1 15 ? 4.989   4.138   4.622   1.00 15.20 ? 15  MSE B CE  1 
ATOM   811  N  N   . GLY B 1 16 ? 3.663   10.176  4.255   1.00 21.34 ? 16  GLY B N   1 
ATOM   812  C  CA  . GLY B 1 16 ? 3.227   11.182  3.305   1.00 21.64 ? 16  GLY B CA  1 
ATOM   813  C  C   . GLY B 1 16 ? 3.875   11.029  1.950   1.00 22.99 ? 16  GLY B C   1 
ATOM   814  O  O   . GLY B 1 16 ? 3.882   9.944   1.368   1.00 22.07 ? 16  GLY B O   1 
ATOM   815  N  N   . GLU B 1 17 ? 4.447   12.130  1.450   1.00 23.15 ? 17  GLU B N   1 
ATOM   816  C  CA  . GLU B 1 17 ? 5.103   12.161  0.151   1.00 23.47 ? 17  GLU B CA  1 
ATOM   817  C  C   . GLU B 1 17 ? 6.615   11.922  0.158   1.00 22.55 ? 17  GLU B C   1 
ATOM   818  O  O   . GLU B 1 17 ? 7.302   12.287  -0.791  1.00 19.82 ? 17  GLU B O   1 
ATOM   819  C  CB  . GLU B 1 17 ? 4.827   13.505  -0.523  1.00 27.13 ? 17  GLU B CB  1 
ATOM   820  C  CG  . GLU B 1 17 ? 3.381   13.740  -0.900  1.00 29.70 ? 17  GLU B CG  1 
ATOM   821  C  CD  . GLU B 1 17 ? 2.907   12.796  -1.987  1.00 33.38 ? 17  GLU B CD  1 
ATOM   822  O  OE1 . GLU B 1 17 ? 3.672   12.560  -2.947  1.00 35.52 ? 17  GLU B OE1 1 
ATOM   823  O  OE2 . GLU B 1 17 ? 1.761   12.305  -1.886  1.00 34.90 ? 17  GLU B OE2 1 
ATOM   824  N  N   . LYS B 1 18 ? 7.147   11.291  1.200   1.00 22.62 ? 18  LYS B N   1 
ATOM   825  C  CA  . LYS B 1 18 ? 8.597   11.064  1.241   1.00 22.56 ? 18  LYS B CA  1 
ATOM   826  C  C   . LYS B 1 18 ? 9.118   10.305  0.035   1.00 23.05 ? 18  LYS B C   1 
ATOM   827  O  O   . LYS B 1 18 ? 8.438   9.447   -0.516  1.00 24.00 ? 18  LYS B O   1 
ATOM   828  C  CB  . LYS B 1 18 ? 9.001   10.309  2.514   1.00 20.65 ? 18  LYS B CB  1 
ATOM   829  C  CG  . LYS B 1 18 ? 8.792   11.095  3.790   1.00 21.80 ? 18  LYS B CG  1 
ATOM   830  C  CD  . LYS B 1 18 ? 9.179   10.248  4.998   1.00 21.54 ? 18  LYS B CD  1 
ATOM   831  C  CE  . LYS B 1 18 ? 8.971   11.021  6.295   1.00 20.75 ? 18  LYS B CE  1 
ATOM   832  N  NZ  . LYS B 1 18 ? 9.371   10.162  7.435   1.00 18.55 ? 18  LYS B NZ  1 
ATOM   833  N  N   . PRO B 1 19 ? 10.344  10.626  -0.406  1.00 22.57 ? 19  PRO B N   1 
ATOM   834  C  CA  . PRO B 1 19 ? 10.925  9.938   -1.556  1.00 22.09 ? 19  PRO B CA  1 
ATOM   835  C  C   . PRO B 1 19 ? 11.302  8.553   -1.089  1.00 22.20 ? 19  PRO B C   1 
ATOM   836  O  O   . PRO B 1 19 ? 11.302  8.299   0.120   1.00 21.57 ? 19  PRO B O   1 
ATOM   837  C  CB  . PRO B 1 19 ? 12.142  10.791  -1.897  1.00 23.71 ? 19  PRO B CB  1 
ATOM   838  C  CG  . PRO B 1 19 ? 12.536  11.348  -0.576  1.00 22.09 ? 19  PRO B CG  1 
ATOM   839  C  CD  . PRO B 1 19 ? 11.220  11.720  0.052   1.00 22.36 ? 19  PRO B CD  1 
ATOM   840  N  N   . VAL B 1 20 ? 11.612  7.662   -2.027  1.00 21.83 ? 20  VAL B N   1 
ATOM   841  C  CA  . VAL B 1 20 ? 11.972  6.288   -1.659  1.00 21.81 ? 20  VAL B CA  1 
ATOM   842  C  C   . VAL B 1 20 ? 13.243  6.290   -0.833  1.00 20.42 ? 20  VAL B C   1 
ATOM   843  O  O   . VAL B 1 20 ? 13.443  5.408   0.002   1.00 15.52 ? 20  VAL B O   1 
ATOM   844  C  CB  . VAL B 1 20 ? 12.193  5.387   -2.892  1.00 24.46 ? 20  VAL B CB  1 
ATOM   845  C  CG1 . VAL B 1 20 ? 10.909  5.268   -3.653  1.00 25.32 ? 20  VAL B CG1 1 
ATOM   846  C  CG2 . VAL B 1 20 ? 13.265  5.952   -3.782  1.00 24.78 ? 20  VAL B CG2 1 
ATOM   847  N  N   . GLY B 1 21 ? 14.106  7.266   -1.094  1.00 17.53 ? 21  GLY B N   1 
ATOM   848  C  CA  . GLY B 1 21 ? 15.363  7.360   -0.362  1.00 17.54 ? 21  GLY B CA  1 
ATOM   849  C  C   . GLY B 1 21 ? 15.228  7.560   1.146   1.00 15.34 ? 21  GLY B C   1 
ATOM   850  O  O   . GLY B 1 21 ? 16.232  7.506   1.869   1.00 15.95 ? 21  GLY B O   1 
ATOM   851  N  N   . SER B 1 22 ? 14.019  7.830   1.622   1.00 16.66 ? 22  SER B N   1 
ATOM   852  C  CA  . SER B 1 22 ? 13.765  8.006   3.049   1.00 18.10 ? 22  SER B CA  1 
ATOM   853  C  C   . SER B 1 22 ? 13.693  6.653   3.751   1.00 18.44 ? 22  SER B C   1 
ATOM   854  O  O   . SER B 1 22 ? 13.717  6.583   4.972   1.00 17.78 ? 22  SER B O   1 
ATOM   855  C  CB  . SER B 1 22 ? 12.449  8.735   3.294   1.00 20.42 ? 22  SER B CB  1 
ATOM   856  O  OG  . SER B 1 22 ? 12.530  10.107  2.937   1.00 24.29 ? 22  SER B OG  1 
ATOM   857  N  N   . LEU B 1 23 ? 13.588  5.580   2.968   1.00 17.83 ? 23  LEU B N   1 
ATOM   858  C  CA  . LEU B 1 23 ? 13.497  4.221   3.508   1.00 16.46 ? 23  LEU B CA  1 
ATOM   859  C  C   . LEU B 1 23 ? 14.843  3.701   3.979   1.00 13.53 ? 23  LEU B C   1 
ATOM   860  O  O   . LEU B 1 23 ? 15.847  3.785   3.274   1.00 13.08 ? 23  LEU B O   1 
ATOM   861  C  CB  . LEU B 1 23 ? 12.919  3.250   2.436   1.00 14.21 ? 23  LEU B CB  1 
ATOM   862  C  CG  . LEU B 1 23 ? 11.422  3.348   2.113   1.00 17.79 ? 23  LEU B CG  1 
ATOM   863  C  CD1 . LEU B 1 23 ? 11.134  2.464   0.917   1.00 18.11 ? 23  LEU B CD1 1 
ATOM   864  C  CD2 . LEU B 1 23 ? 10.550  2.916   3.307   1.00 17.24 ? 23  LEU B CD2 1 
ATOM   865  N  N   . ALA B 1 24 ? 14.873  3.137   5.178   1.00 15.33 ? 24  ALA B N   1 
ATOM   866  C  CA  . ALA B 1 24 ? 16.123  2.593   5.676   1.00 15.21 ? 24  ALA B CA  1 
ATOM   867  C  C   . ALA B 1 24 ? 16.620  1.600   4.641   1.00 16.22 ? 24  ALA B C   1 
ATOM   868  O  O   . ALA B 1 24 ? 15.826  0.850   4.068   1.00 17.73 ? 24  ALA B O   1 
ATOM   869  C  CB  . ALA B 1 24 ? 15.899  1.901   7.043   1.00 12.65 ? 24  ALA B CB  1 
ATOM   870  N  N   . GLY B 1 25 ? 17.926  1.614   4.381   1.00 14.29 ? 25  GLY B N   1 
ATOM   871  C  CA  . GLY B 1 25 ? 18.538  0.705   3.430   1.00 18.36 ? 25  GLY B CA  1 
ATOM   872  C  C   . GLY B 1 25 ? 18.503  1.150   1.977   1.00 16.97 ? 25  GLY B C   1 
ATOM   873  O  O   . GLY B 1 25 ? 19.164  0.568   1.127   1.00 19.85 ? 25  GLY B O   1 
ATOM   874  N  N   . ILE B 1 26 ? 17.731  2.180   1.692   1.00 18.03 ? 26  ILE B N   1 
ATOM   875  C  CA  . ILE B 1 26 ? 17.640  2.657   0.321   1.00 15.79 ? 26  ILE B CA  1 
ATOM   876  C  C   . ILE B 1 26 ? 18.533  3.880   0.141   1.00 17.23 ? 26  ILE B C   1 
ATOM   877  O  O   . ILE B 1 26 ? 18.119  4.993   0.434   1.00 14.65 ? 26  ILE B O   1 
ATOM   878  C  CB  . ILE B 1 26 ? 16.195  3.039   -0.039  1.00 16.15 ? 26  ILE B CB  1 
ATOM   879  C  CG1 . ILE B 1 26 ? 15.279  1.815   0.084   1.00 13.75 ? 26  ILE B CG1 1 
ATOM   880  C  CG2 . ILE B 1 26 ? 16.147  3.576   -1.480  1.00 16.99 ? 26  ILE B CG2 1 
ATOM   881  C  CD1 . ILE B 1 26 ? 15.833  0.581   -0.567  1.00 13.98 ? 26  ILE B CD1 1 
ATOM   882  N  N   . GLY B 1 27 ? 19.749  3.651   -0.337  1.00 19.94 ? 27  GLY B N   1 
ATOM   883  C  CA  . GLY B 1 27 ? 20.675  4.747   -0.573  1.00 23.98 ? 27  GLY B CA  1 
ATOM   884  C  C   . GLY B 1 27 ? 20.447  5.364   -1.940  1.00 26.02 ? 27  GLY B C   1 
ATOM   885  O  O   . GLY B 1 27 ? 19.508  4.983   -2.652  1.00 24.90 ? 27  GLY B O   1 
ATOM   886  N  N   . GLU B 1 28 ? 21.310  6.304   -2.323  1.00 25.97 ? 28  GLU B N   1 
ATOM   887  C  CA  . GLU B 1 28 ? 21.175  6.986   -3.613  1.00 26.63 ? 28  GLU B CA  1 
ATOM   888  C  C   . GLU B 1 28 ? 21.180  6.061   -4.820  1.00 25.55 ? 28  GLU B C   1 
ATOM   889  O  O   . GLU B 1 28 ? 20.392  6.245   -5.743  1.00 27.05 ? 28  GLU B O   1 
ATOM   890  C  CB  . GLU B 1 28 ? 22.284  8.034   -3.781  1.00 28.55 ? 28  GLU B CB  1 
ATOM   891  C  CG  . GLU B 1 28 ? 22.157  9.205   -2.833  1.00 31.92 ? 28  GLU B CG  1 
ATOM   892  C  CD  . GLU B 1 28 ? 22.926  10.418  -3.325  1.00 32.19 ? 28  GLU B CD  1 
ATOM   893  O  OE1 . GLU B 1 28 ? 23.980  10.219  -3.965  1.00 32.81 ? 28  GLU B OE1 1 
ATOM   894  O  OE2 . GLU B 1 28 ? 22.477  11.555  -3.073  1.00 33.55 ? 28  GLU B OE2 1 
ATOM   895  N  N   . VAL B 1 29 ? 22.071  5.075   -4.818  1.00 23.98 ? 29  VAL B N   1 
ATOM   896  C  CA  . VAL B 1 29 ? 22.164  4.122   -5.911  1.00 25.25 ? 29  VAL B CA  1 
ATOM   897  C  C   . VAL B 1 29 ? 20.857  3.329   -6.079  1.00 25.05 ? 29  VAL B C   1 
ATOM   898  O  O   . VAL B 1 29 ? 20.283  3.289   -7.179  1.00 25.11 ? 29  VAL B O   1 
ATOM   899  C  CB  . VAL B 1 29 ? 23.333  3.146   -5.686  1.00 25.29 ? 29  VAL B CB  1 
ATOM   900  C  CG1 . VAL B 1 29 ? 23.260  1.998   -6.688  1.00 24.93 ? 29  VAL B CG1 1 
ATOM   901  C  CG2 . VAL B 1 29 ? 24.650  3.883   -5.849  1.00 27.13 ? 29  VAL B CG2 1 
ATOM   902  N  N   . LEU B 1 30 ? 20.382  2.716   -4.991  1.00 23.78 ? 30  LEU B N   1 
ATOM   903  C  CA  . LEU B 1 30 ? 19.137  1.940   -5.030  1.00 21.70 ? 30  LEU B CA  1 
ATOM   904  C  C   . LEU B 1 30 ? 17.955  2.836   -5.333  1.00 22.22 ? 30  LEU B C   1 
ATOM   905  O  O   . LEU B 1 30 ? 17.038  2.459   -6.073  1.00 20.71 ? 30  LEU B O   1 
ATOM   906  C  CB  . LEU B 1 30 ? 18.871  1.240   -3.681  1.00 20.70 ? 30  LEU B CB  1 
ATOM   907  C  CG  . LEU B 1 30 ? 19.858  0.173   -3.208  1.00 19.39 ? 30  LEU B CG  1 
ATOM   908  C  CD1 . LEU B 1 30 ? 19.192  -0.633  -2.099  1.00 18.66 ? 30  LEU B CD1 1 
ATOM   909  C  CD2 . LEU B 1 30 ? 20.242  -0.748  -4.340  1.00 19.57 ? 30  LEU B CD2 1 
ATOM   910  N  N   . GLY B 1 31 ? 17.966  4.025   -4.738  1.00 22.32 ? 31  GLY B N   1 
ATOM   911  C  CA  . GLY B 1 31 ? 16.888  4.964   -4.933  1.00 23.80 ? 31  GLY B CA  1 
ATOM   912  C  C   . GLY B 1 31 ? 16.706  5.338   -6.387  1.00 25.67 ? 31  GLY B C   1 
ATOM   913  O  O   . GLY B 1 31 ? 15.579  5.394   -6.867  1.00 25.93 ? 31  GLY B O   1 
ATOM   914  N  N   . LYS B 1 32 ? 17.805  5.602   -7.086  1.00 27.67 ? 32  LYS B N   1 
ATOM   915  C  CA  . LYS B 1 32 ? 17.737  5.972   -8.499  1.00 29.02 ? 32  LYS B CA  1 
ATOM   916  C  C   . LYS B 1 32 ? 17.115  4.825   -9.289  1.00 29.45 ? 32  LYS B C   1 
ATOM   917  O  O   . LYS B 1 32 ? 16.214  5.028   -10.112 1.00 29.65 ? 32  LYS B O   1 
ATOM   918  C  CB  . LYS B 1 32 ? 19.137  6.264   -9.059  1.00 31.00 ? 32  LYS B CB  1 
ATOM   919  N  N   . LYS B 1 33 ? 17.595  3.617   -9.021  1.00 28.24 ? 33  LYS B N   1 
ATOM   920  C  CA  . LYS B 1 33 ? 17.109  2.433   -9.708  1.00 26.75 ? 33  LYS B CA  1 
ATOM   921  C  C   . LYS B 1 33 ? 15.626  2.187   -9.480  1.00 26.02 ? 33  LYS B C   1 
ATOM   922  O  O   . LYS B 1 33 ? 14.907  1.788   -10.405 1.00 26.88 ? 33  LYS B O   1 
ATOM   923  C  CB  . LYS B 1 33 ? 17.945  1.222   -9.305  1.00 26.86 ? 33  LYS B CB  1 
ATOM   924  C  CG  . LYS B 1 33 ? 19.346  1.265   -9.885  1.00 26.40 ? 33  LYS B CG  1 
ATOM   925  C  CD  . LYS B 1 33 ? 20.134  -0.003  -9.601  1.00 29.07 ? 33  LYS B CD  1 
ATOM   926  C  CE  . LYS B 1 33 ? 21.530  0.067   -10.209 1.00 29.90 ? 33  LYS B CE  1 
ATOM   927  N  NZ  . LYS B 1 33 ? 22.295  -1.196  -10.008 1.00 31.75 ? 33  LYS B NZ  1 
ATOM   928  N  N   . LEU B 1 34 ? 15.157  2.429   -8.258  1.00 25.24 ? 34  LEU B N   1 
ATOM   929  C  CA  . LEU B 1 34 ? 13.748  2.259   -7.945  1.00 25.65 ? 34  LEU B CA  1 
ATOM   930  C  C   . LEU B 1 34 ? 12.933  3.326   -8.668  1.00 27.38 ? 34  LEU B C   1 
ATOM   931  O  O   . LEU B 1 34 ? 11.843  3.048   -9.180  1.00 26.83 ? 34  LEU B O   1 
ATOM   932  C  CB  . LEU B 1 34 ? 13.510  2.379   -6.444  1.00 23.52 ? 34  LEU B CB  1 
ATOM   933  C  CG  . LEU B 1 34 ? 13.909  1.151   -5.624  1.00 20.06 ? 34  LEU B CG  1 
ATOM   934  C  CD1 . LEU B 1 34 ? 13.838  1.478   -4.135  1.00 20.72 ? 34  LEU B CD1 1 
ATOM   935  C  CD2 . LEU B 1 34 ? 12.967  0.010   -5.977  1.00 20.97 ? 34  LEU B CD2 1 
ATOM   936  N  N   . GLU B 1 35 ? 13.456  4.548   -8.704  1.00 29.04 ? 35  GLU B N   1 
ATOM   937  C  CA  . GLU B 1 35 ? 12.748  5.633   -9.370  1.00 31.62 ? 35  GLU B CA  1 
ATOM   938  C  C   . GLU B 1 35 ? 12.586  5.341   -10.862 1.00 31.89 ? 35  GLU B C   1 
ATOM   939  O  O   . GLU B 1 35 ? 11.523  5.580   -11.424 1.00 32.73 ? 35  GLU B O   1 
ATOM   940  C  CB  . GLU B 1 35 ? 13.487  6.953   -9.193  1.00 31.61 ? 35  GLU B CB  1 
ATOM   941  C  CG  . GLU B 1 35 ? 13.702  7.373   -7.757  1.00 34.94 ? 35  GLU B CG  1 
ATOM   942  C  CD  . GLU B 1 35 ? 14.517  8.653   -7.667  1.00 35.45 ? 35  GLU B CD  1 
ATOM   943  O  OE1 . GLU B 1 35 ? 15.289  8.913   -8.614  1.00 35.75 ? 35  GLU B OE1 1 
ATOM   944  O  OE2 . GLU B 1 35 ? 14.399  9.380   -6.655  1.00 36.89 ? 35  GLU B OE2 1 
ATOM   945  N  N   . GLU B 1 36 ? 13.638  4.830   -11.492 1.00 33.52 ? 36  GLU B N   1 
ATOM   946  C  CA  . GLU B 1 36 ? 13.581  4.516   -12.921 1.00 35.35 ? 36  GLU B CA  1 
ATOM   947  C  C   . GLU B 1 36 ? 12.531  3.461   -13.222 1.00 35.80 ? 36  GLU B C   1 
ATOM   948  O  O   . GLU B 1 36 ? 12.034  3.388   -14.346 1.00 35.23 ? 36  GLU B O   1 
ATOM   949  C  CB  . GLU B 1 36 ? 14.931  4.016   -13.426 1.00 37.28 ? 36  GLU B CB  1 
ATOM   950  C  CG  . GLU B 1 36 ? 16.078  4.979   -13.204 1.00 41.56 ? 36  GLU B CG  1 
ATOM   951  C  CD  . GLU B 1 36 ? 17.399  4.449   -13.713 1.00 45.08 ? 36  GLU B CD  1 
ATOM   952  O  OE1 . GLU B 1 36 ? 17.812  3.345   -13.291 1.00 46.40 ? 36  GLU B OE1 1 
ATOM   953  O  OE2 . GLU B 1 36 ? 18.031  5.149   -14.532 1.00 47.21 ? 36  GLU B OE2 1 
ATOM   954  N  N   . ARG B 1 37 ? 12.197  2.647   -12.223 1.00 34.61 ? 37  ARG B N   1 
ATOM   955  C  CA  . ARG B 1 37 ? 11.197  1.593   -12.373 1.00 34.79 ? 37  ARG B CA  1 
ATOM   956  C  C   . ARG B 1 37 ? 9.817   2.060   -11.959 1.00 33.44 ? 37  ARG B C   1 
ATOM   957  O  O   . ARG B 1 37 ? 8.880   1.268   -11.872 1.00 33.35 ? 37  ARG B O   1 
ATOM   958  C  CB  . ARG B 1 37 ? 11.566  0.373   -11.531 1.00 36.74 ? 37  ARG B CB  1 
ATOM   959  C  CG  . ARG B 1 37 ? 12.746  -0.401  -12.057 1.00 39.85 ? 37  ARG B CG  1 
ATOM   960  C  CD  . ARG B 1 37 ? 12.295  -1.659  -12.769 1.00 43.07 ? 37  ARG B CD  1 
ATOM   961  N  NE  . ARG B 1 37 ? 13.389  -2.624  -12.844 1.00 47.14 ? 37  ARG B NE  1 
ATOM   962  C  CZ  . ARG B 1 37 ? 13.224  -3.934  -12.994 1.00 48.29 ? 37  ARG B CZ  1 
ATOM   963  N  NH1 . ARG B 1 37 ? 12.002  -4.446  -13.091 1.00 48.78 ? 37  ARG B NH1 1 
ATOM   964  N  NH2 . ARG B 1 37 ? 14.284  -4.734  -13.030 1.00 48.48 ? 37  ARG B NH2 1 
ATOM   965  N  N   . GLY B 1 38 ? 9.698   3.352   -11.681 1.00 31.66 ? 38  GLY B N   1 
ATOM   966  C  CA  . GLY B 1 38 ? 8.409   3.887   -11.294 1.00 30.78 ? 38  GLY B CA  1 
ATOM   967  C  C   . GLY B 1 38 ? 8.137   3.945   -9.802  1.00 30.06 ? 38  GLY B C   1 
ATOM   968  O  O   . GLY B 1 38 ? 7.049   4.342   -9.393  1.00 29.05 ? 38  GLY B O   1 
ATOM   969  N  N   . PHE B 1 39 ? 9.108   3.545   -8.988  1.00 29.41 ? 39  PHE B N   1 
ATOM   970  C  CA  . PHE B 1 39 ? 8.924   3.583   -7.540  1.00 30.30 ? 39  PHE B CA  1 
ATOM   971  C  C   . PHE B 1 39 ? 9.676   4.811   -7.034  1.00 31.01 ? 39  PHE B C   1 
ATOM   972  O  O   . PHE B 1 39 ? 10.808  4.712   -6.574  1.00 30.26 ? 39  PHE B O   1 
ATOM   973  C  CB  . PHE B 1 39 ? 9.467   2.301   -6.896  1.00 28.09 ? 39  PHE B CB  1 
ATOM   974  C  CG  . PHE B 1 39 ? 8.730   1.062   -7.316  1.00 29.42 ? 39  PHE B CG  1 
ATOM   975  C  CD1 . PHE B 1 39 ? 9.094   0.370   -8.464  1.00 29.61 ? 39  PHE B CD1 1 
ATOM   976  C  CD2 . PHE B 1 39 ? 7.644   0.607   -6.577  1.00 29.48 ? 39  PHE B CD2 1 
ATOM   977  C  CE1 . PHE B 1 39 ? 8.384   -0.757  -8.874  1.00 30.40 ? 39  PHE B CE1 1 
ATOM   978  C  CE2 . PHE B 1 39 ? 6.923   -0.521  -6.979  1.00 30.20 ? 39  PHE B CE2 1 
ATOM   979  C  CZ  . PHE B 1 39 ? 7.298   -1.200  -8.132  1.00 29.06 ? 39  PHE B CZ  1 
ATOM   980  N  N   . ASP B 1 40 ? 9.021   5.964   -7.131  1.00 32.37 ? 40  ASP B N   1 
ATOM   981  C  CA  . ASP B 1 40 ? 9.618   7.238   -6.745  1.00 34.39 ? 40  ASP B CA  1 
ATOM   982  C  C   . ASP B 1 40 ? 9.357   7.707   -5.323  1.00 32.80 ? 40  ASP B C   1 
ATOM   983  O  O   . ASP B 1 40 ? 10.210  8.385   -4.721  1.00 35.15 ? 40  ASP B O   1 
ATOM   984  C  CB  . ASP B 1 40 ? 9.166   8.331   -7.718  1.00 37.77 ? 40  ASP B CB  1 
ATOM   985  C  CG  . ASP B 1 40 ? 7.660   8.388   -7.867  1.00 40.00 ? 40  ASP B CG  1 
ATOM   986  O  OD1 . ASP B 1 40 ? 7.040   7.320   -8.056  1.00 41.44 ? 40  ASP B OD1 1 
ATOM   987  O  OD2 . ASP B 1 40 ? 7.092   9.501   -7.796  1.00 43.51 ? 40  ASP B OD2 1 
ATOM   988  N  N   . LYS B 1 41 ? 8.187   7.374   -4.789  1.00 28.56 ? 41  LYS B N   1 
ATOM   989  C  CA  . LYS B 1 41 ? 7.862   7.753   -3.420  1.00 25.90 ? 41  LYS B CA  1 
ATOM   990  C  C   . LYS B 1 41 ? 7.916   6.498   -2.563  1.00 23.87 ? 41  LYS B C   1 
ATOM   991  O  O   . LYS B 1 41 ? 7.713   5.385   -3.070  1.00 21.90 ? 41  LYS B O   1 
ATOM   992  C  CB  . LYS B 1 41 ? 6.465   8.351   -3.335  1.00 27.14 ? 41  LYS B CB  1 
ATOM   993  C  CG  . LYS B 1 41 ? 6.225   9.564   -4.201  1.00 32.25 ? 41  LYS B CG  1 
ATOM   994  C  CD  . LYS B 1 41 ? 7.022   10.749  -3.699  1.00 34.87 ? 41  LYS B CD  1 
ATOM   995  C  CE  . LYS B 1 41 ? 6.478   12.039  -4.279  1.00 36.53 ? 41  LYS B CE  1 
ATOM   996  N  NZ  . LYS B 1 41 ? 7.155   13.187  -3.620  1.00 40.21 ? 41  LYS B NZ  1 
ATOM   997  N  N   . ALA B 1 42 ? 8.178   6.667   -1.269  1.00 21.05 ? 42  ALA B N   1 
ATOM   998  C  CA  . ALA B 1 42 ? 8.233   5.515   -0.375  1.00 18.70 ? 42  ALA B CA  1 
ATOM   999  C  C   . ALA B 1 42 ? 6.884   4.799   -0.300  1.00 16.03 ? 42  ALA B C   1 
ATOM   1000 O  O   . ALA B 1 42 ? 6.841   3.600   -0.030  1.00 15.37 ? 42  ALA B O   1 
ATOM   1001 C  CB  . ALA B 1 42 ? 8.639   5.951   1.023   1.00 18.00 ? 42  ALA B CB  1 
ATOM   1002 N  N   . TYR B 1 43 ? 5.789   5.526   -0.488  1.00 16.27 ? 43  TYR B N   1 
ATOM   1003 C  CA  . TYR B 1 43 ? 4.474   4.897   -0.401  1.00 17.54 ? 43  TYR B CA  1 
ATOM   1004 C  C   . TYR B 1 43 ? 4.194   3.894   -1.514  1.00 16.65 ? 43  TYR B C   1 
ATOM   1005 O  O   . TYR B 1 43 ? 3.320   3.036   -1.356  1.00 15.27 ? 43  TYR B O   1 
ATOM   1006 C  CB  . TYR B 1 43 ? 3.346   5.947   -0.317  1.00 17.63 ? 43  TYR B CB  1 
ATOM   1007 C  CG  . TYR B 1 43 ? 3.005   6.675   -1.597  1.00 22.26 ? 43  TYR B CG  1 
ATOM   1008 C  CD1 . TYR B 1 43 ? 2.480   5.981   -2.695  1.00 22.18 ? 43  TYR B CD1 1 
ATOM   1009 C  CD2 . TYR B 1 43 ? 3.201   8.052   -1.724  1.00 21.45 ? 43  TYR B CD2 1 
ATOM   1010 C  CE1 . TYR B 1 43 ? 2.164   6.627   -3.871  1.00 25.12 ? 43  TYR B CE1 1 
ATOM   1011 C  CE2 . TYR B 1 43 ? 2.884   8.721   -2.922  1.00 22.88 ? 43  TYR B CE2 1 
ATOM   1012 C  CZ  . TYR B 1 43 ? 2.369   7.986   -3.990  1.00 25.57 ? 43  TYR B CZ  1 
ATOM   1013 O  OH  . TYR B 1 43 ? 2.081   8.574   -5.200  1.00 28.39 ? 43  TYR B OH  1 
ATOM   1014 N  N   . VAL B 1 44 ? 4.930   3.979   -2.613  1.00 16.38 ? 44  VAL B N   1 
ATOM   1015 C  CA  . VAL B 1 44 ? 4.725   3.058   -3.734  1.00 18.55 ? 44  VAL B CA  1 
ATOM   1016 C  C   . VAL B 1 44 ? 5.382   1.754   -3.339  1.00 17.39 ? 44  VAL B C   1 
ATOM   1017 O  O   . VAL B 1 44 ? 4.865   0.668   -3.610  1.00 16.59 ? 44  VAL B O   1 
ATOM   1018 C  CB  . VAL B 1 44 ? 5.359   3.591   -5.047  1.00 18.89 ? 44  VAL B CB  1 
ATOM   1019 C  CG1 . VAL B 1 44 ? 5.040   2.657   -6.206  1.00 20.69 ? 44  VAL B CG1 1 
ATOM   1020 C  CG2 . VAL B 1 44 ? 4.831   4.979   -5.352  1.00 20.79 ? 44  VAL B CG2 1 
ATOM   1021 N  N   . VAL B 1 45 ? 6.527   1.869   -2.675  1.00 16.15 ? 45  VAL B N   1 
ATOM   1022 C  CA  . VAL B 1 45 ? 7.237   0.702   -2.195  1.00 15.67 ? 45  VAL B CA  1 
ATOM   1023 C  C   . VAL B 1 45 ? 6.393   0.084   -1.069  1.00 15.85 ? 45  VAL B C   1 
ATOM   1024 O  O   . VAL B 1 45 ? 6.361   -1.137  -0.939  1.00 17.42 ? 45  VAL B O   1 
ATOM   1025 C  CB  . VAL B 1 45 ? 8.652   1.054   -1.689  1.00 15.03 ? 45  VAL B CB  1 
ATOM   1026 C  CG1 . VAL B 1 45 ? 9.331   -0.186  -1.154  1.00 16.14 ? 45  VAL B CG1 1 
ATOM   1027 C  CG2 . VAL B 1 45 ? 9.479   1.629   -2.834  1.00 16.51 ? 45  VAL B CG2 1 
ATOM   1028 N  N   . LEU B 1 46 ? 5.720   0.910   -0.262  1.00 14.09 ? 46  LEU B N   1 
ATOM   1029 C  CA  . LEU B 1 46 ? 4.833   0.383   0.793   1.00 15.73 ? 46  LEU B CA  1 
ATOM   1030 C  C   . LEU B 1 46 ? 3.759   -0.433  0.045   1.00 17.67 ? 46  LEU B C   1 
ATOM   1031 O  O   . LEU B 1 46 ? 3.340   -1.498  0.501   1.00 17.28 ? 46  LEU B O   1 
ATOM   1032 C  CB  . LEU B 1 46 ? 4.111   1.490   1.568   1.00 15.31 ? 46  LEU B CB  1 
ATOM   1033 C  CG  . LEU B 1 46 ? 2.980   0.987   2.501   1.00 14.89 ? 46  LEU B CG  1 
ATOM   1034 C  CD1 . LEU B 1 46 ? 3.556   0.121   3.609   1.00 17.26 ? 46  LEU B CD1 1 
ATOM   1035 C  CD2 . LEU B 1 46 ? 2.200   2.133   3.105   1.00 14.41 ? 46  LEU B CD2 1 
ATOM   1036 N  N   . GLY B 1 47 ? 3.334   0.098   -1.100  1.00 16.64 ? 47  GLY B N   1 
ATOM   1037 C  CA  . GLY B 1 47 ? 2.335   -0.564  -1.927  1.00 17.61 ? 47  GLY B CA  1 
ATOM   1038 C  C   . GLY B 1 47 ? 2.737   -1.973  -2.287  1.00 16.04 ? 47  GLY B C   1 
ATOM   1039 O  O   . GLY B 1 47 ? 1.949   -2.914  -2.102  1.00 19.27 ? 47  GLY B O   1 
ATOM   1040 N  N   . GLN B 1 48 ? 3.962   -2.145  -2.783  1.00 17.13 ? 48  GLN B N   1 
ATOM   1041 C  CA  . GLN B 1 48 ? 4.434   -3.463  -3.161  1.00 17.64 ? 48  GLN B CA  1 
ATOM   1042 C  C   . GLN B 1 48 ? 4.521   -4.372  -1.930  1.00 19.12 ? 48  GLN B C   1 
ATOM   1043 O  O   . GLN B 1 48 ? 4.184   -5.549  -2.002  1.00 19.29 ? 48  GLN B O   1 
ATOM   1044 C  CB  . GLN B 1 48 ? 5.793   -3.377  -3.856  1.00 18.23 ? 48  GLN B CB  1 
ATOM   1045 C  CG  . GLN B 1 48 ? 6.255   -4.688  -4.469  1.00 22.37 ? 48  GLN B CG  1 
ATOM   1046 C  CD  . GLN B 1 48 ? 5.375   -5.123  -5.636  1.00 23.70 ? 48  GLN B CD  1 
ATOM   1047 O  OE1 . GLN B 1 48 ? 4.625   -4.318  -6.195  1.00 26.25 ? 48  GLN B OE1 1 
ATOM   1048 N  NE2 . GLN B 1 48 ? 5.479   -6.386  -6.019  1.00 24.36 ? 48  GLN B NE2 1 
ATOM   1049 N  N   . PHE B 1 49 ? 4.975   -3.821  -0.806  1.00 16.67 ? 49  PHE B N   1 
ATOM   1050 C  CA  . PHE B 1 49 ? 5.058   -4.574  0.449   1.00 16.50 ? 49  PHE B CA  1 
ATOM   1051 C  C   . PHE B 1 49 ? 3.669   -5.139  0.794   1.00 15.26 ? 49  PHE B C   1 
ATOM   1052 O  O   . PHE B 1 49 ? 3.529   -6.306  1.168   1.00 19.78 ? 49  PHE B O   1 
ATOM   1053 C  CB  . PHE B 1 49 ? 5.517   -3.618  1.562   1.00 15.89 ? 49  PHE B CB  1 
ATOM   1054 C  CG  . PHE B 1 49 ? 5.518   -4.212  2.949   1.00 12.56 ? 49  PHE B CG  1 
ATOM   1055 C  CD1 . PHE B 1 49 ? 6.541   -5.068  3.349   1.00 18.62 ? 49  PHE B CD1 1 
ATOM   1056 C  CD2 . PHE B 1 49 ? 4.559   -3.836  3.878   1.00 12.75 ? 49  PHE B CD2 1 
ATOM   1057 C  CE1 . PHE B 1 49 ? 6.611   -5.543  4.686   1.00 14.95 ? 49  PHE B CE1 1 
ATOM   1058 C  CE2 . PHE B 1 49 ? 4.615   -4.305  5.207   1.00 13.23 ? 49  PHE B CE2 1 
ATOM   1059 C  CZ  . PHE B 1 49 ? 5.661   -5.165  5.598   1.00 13.12 ? 49  PHE B CZ  1 
ATOM   1060 N  N   . LEU B 1 50 ? 2.648   -4.311  0.656   1.00 14.46 ? 50  LEU B N   1 
ATOM   1061 C  CA  . LEU B 1 50 ? 1.292   -4.725  0.983   1.00 11.51 ? 50  LEU B CA  1 
ATOM   1062 C  C   . LEU B 1 50 ? 0.670   -5.666  -0.041  1.00 16.03 ? 50  LEU B C   1 
ATOM   1063 O  O   . LEU B 1 50 ? -0.148  -6.511  0.321   1.00 13.92 ? 50  LEU B O   1 
ATOM   1064 C  CB  . LEU B 1 50 ? 0.410   -3.513  1.165   1.00 11.25 ? 50  LEU B CB  1 
ATOM   1065 C  CG  . LEU B 1 50 ? 0.839   -2.601  2.336   1.00 13.21 ? 50  LEU B CG  1 
ATOM   1066 C  CD1 . LEU B 1 50 ? 0.013   -1.365  2.337   1.00 12.05 ? 50  LEU B CD1 1 
ATOM   1067 C  CD2 . LEU B 1 50 ? 0.664   -3.360  3.666   1.00 12.58 ? 50  LEU B CD2 1 
ATOM   1068 N  N   . VAL B 1 51 ? 1.065   -5.512  -1.299  1.00 15.37 ? 51  VAL B N   1 
ATOM   1069 C  CA  . VAL B 1 51 ? 0.543   -6.358  -2.374  1.00 18.99 ? 51  VAL B CA  1 
ATOM   1070 C  C   . VAL B 1 51 ? 1.127   -7.744  -2.221  1.00 18.41 ? 51  VAL B C   1 
ATOM   1071 O  O   . VAL B 1 51 ? 0.545   -8.726  -2.671  1.00 18.17 ? 51  VAL B O   1 
ATOM   1072 C  CB  . VAL B 1 51 ? 0.908   -5.747  -3.755  1.00 18.63 ? 51  VAL B CB  1 
ATOM   1073 C  CG1 . VAL B 1 51 ? 0.877   -6.783  -4.851  1.00 22.77 ? 51  VAL B CG1 1 
ATOM   1074 C  CG2 . VAL B 1 51 ? -0.061  -4.618  -4.049  1.00 16.44 ? 51  VAL B CG2 1 
ATOM   1075 N  N   . LEU B 1 52 ? 2.285   -7.812  -1.566  1.00 15.87 ? 52  LEU B N   1 
ATOM   1076 C  CA  . LEU B 1 52 ? 2.947   -9.070  -1.315  1.00 16.08 ? 52  LEU B CA  1 
ATOM   1077 C  C   . LEU B 1 52 ? 2.612   -9.569  0.086   1.00 16.44 ? 52  LEU B C   1 
ATOM   1078 O  O   . LEU B 1 52 ? 3.333   -10.398 0.639   1.00 17.58 ? 52  LEU B O   1 
ATOM   1079 C  CB  . LEU B 1 52 ? 4.459   -8.920  -1.449  1.00 16.99 ? 52  LEU B CB  1 
ATOM   1080 C  CG  . LEU B 1 52 ? 4.978   -8.660  -2.850  1.00 18.05 ? 52  LEU B CG  1 
ATOM   1081 C  CD1 . LEU B 1 52 ? 6.485   -8.464  -2.822  1.00 17.18 ? 52  LEU B CD1 1 
ATOM   1082 C  CD2 . LEU B 1 52 ? 4.586   -9.820  -3.764  1.00 19.27 ? 52  LEU B CD2 1 
ATOM   1083 N  N   . LYS B 1 53 ? 1.546   -9.021  0.648   1.00 16.86 ? 53  LYS B N   1 
ATOM   1084 C  CA  . LYS B 1 53 ? 1.037   -9.389  1.972   1.00 19.89 ? 53  LYS B CA  1 
ATOM   1085 C  C   . LYS B 1 53 ? 2.050   -9.346  3.103   1.00 20.54 ? 53  LYS B C   1 
ATOM   1086 O  O   . LYS B 1 53 ? 2.028   -10.193 4.000   1.00 21.39 ? 53  LYS B O   1 
ATOM   1087 C  CB  . LYS B 1 53 ? 0.394   -10.777 1.899   1.00 19.75 ? 53  LYS B CB  1 
ATOM   1088 C  CG  . LYS B 1 53 ? -0.763  -10.856 0.880   1.00 23.44 ? 53  LYS B CG  1 
ATOM   1089 C  CD  . LYS B 1 53 ? -1.463  -12.224 0.904   1.00 26.69 ? 53  LYS B CD  1 
ATOM   1090 C  CE  . LYS B 1 53 ? -2.696  -12.234 -0.013  1.00 31.49 ? 53  LYS B CE  1 
ATOM   1091 N  NZ  . LYS B 1 53 ? -3.360  -13.566 -0.049  1.00 31.61 ? 53  LYS B NZ  1 
ATOM   1092 N  N   . LYS B 1 54 ? 2.938   -8.357  3.049   1.00 19.98 ? 54  LYS B N   1 
ATOM   1093 C  CA  . LYS B 1 54 ? 3.949   -8.162  4.078   1.00 20.87 ? 54  LYS B CA  1 
ATOM   1094 C  C   . LYS B 1 54 ? 4.932   -9.320  4.195   1.00 21.16 ? 54  LYS B C   1 
ATOM   1095 O  O   . LYS B 1 54 ? 5.640   -9.436  5.198   1.00 23.89 ? 54  LYS B O   1 
ATOM   1096 C  CB  . LYS B 1 54 ? 3.254   -7.930  5.415   1.00 17.25 ? 54  LYS B CB  1 
ATOM   1097 C  CG  . LYS B 1 54 ? 2.243   -6.802  5.422   1.00 16.59 ? 54  LYS B CG  1 
ATOM   1098 C  CD  . LYS B 1 54 ? 1.539   -6.763  6.760   1.00 15.97 ? 54  LYS B CD  1 
ATOM   1099 C  CE  . LYS B 1 54 ? 0.484   -5.685  6.840   1.00 14.77 ? 54  LYS B CE  1 
ATOM   1100 N  NZ  . LYS B 1 54 ? -0.314  -5.817  8.092   1.00 17.89 ? 54  LYS B NZ  1 
ATOM   1101 N  N   . ASP B 1 55 ? 5.001   -10.168 3.171   1.00 21.60 ? 55  ASP B N   1 
ATOM   1102 C  CA  . ASP B 1 55 ? 5.894   -11.310 3.210   1.00 20.77 ? 55  ASP B CA  1 
ATOM   1103 C  C   . ASP B 1 55 ? 7.351   -10.942 3.085   1.00 20.98 ? 55  ASP B C   1 
ATOM   1104 O  O   . ASP B 1 55 ? 7.798   -10.459 2.040   1.00 21.18 ? 55  ASP B O   1 
ATOM   1105 C  CB  . ASP B 1 55 ? 5.587   -12.306 2.106   1.00 23.15 ? 55  ASP B CB  1 
ATOM   1106 C  CG  . ASP B 1 55 ? 6.273   -13.632 2.347   1.00 23.83 ? 55  ASP B CG  1 
ATOM   1107 O  OD1 . ASP B 1 55 ? 5.771   -14.395 3.194   1.00 28.12 ? 55  ASP B OD1 1 
ATOM   1108 O  OD2 . ASP B 1 55 ? 7.314   -13.906 1.725   1.00 22.91 ? 55  ASP B OD2 1 
ATOM   1109 N  N   . GLU B 1 56 ? 8.109   -11.218 4.132   1.00 21.75 ? 56  GLU B N   1 
ATOM   1110 C  CA  . GLU B 1 56 ? 9.528   -10.898 4.123   1.00 22.09 ? 56  GLU B CA  1 
ATOM   1111 C  C   . GLU B 1 56 ? 10.320  -11.455 2.946   1.00 22.28 ? 56  GLU B C   1 
ATOM   1112 O  O   . GLU B 1 56 ? 10.935  -10.696 2.196   1.00 22.65 ? 56  GLU B O   1 
ATOM   1113 C  CB  . GLU B 1 56 ? 10.187  -11.341 5.434   1.00 23.12 ? 56  GLU B CB  1 
ATOM   1114 C  CG  . GLU B 1 56 ? 11.702  -11.198 5.396   1.00 21.88 ? 56  GLU B CG  1 
ATOM   1115 C  CD  . GLU B 1 56 ? 12.363  -11.429 6.736   1.00 26.06 ? 56  GLU B CD  1 
ATOM   1116 O  OE1 . GLU B 1 56 ? 11.699  -11.968 7.648   1.00 26.67 ? 56  GLU B OE1 1 
ATOM   1117 O  OE2 . GLU B 1 56 ? 13.555  -11.072 6.868   1.00 25.37 ? 56  GLU B OE2 1 
ATOM   1118 N  N   . ASP B 1 57 ? 10.310  -12.770 2.759   1.00 21.37 ? 57  ASP B N   1 
ATOM   1119 C  CA  . ASP B 1 57 ? 11.088  -13.348 1.674   1.00 21.93 ? 57  ASP B CA  1 
ATOM   1120 C  C   . ASP B 1 57 ? 10.712  -12.788 0.294   1.00 21.66 ? 57  ASP B C   1 
ATOM   1121 O  O   . ASP B 1 57 ? 11.587  -12.348 -0.440  1.00 21.90 ? 57  ASP B O   1 
ATOM   1122 C  CB  . ASP B 1 57 ? 10.984  -14.885 1.677   1.00 23.32 ? 57  ASP B CB  1 
ATOM   1123 C  CG  . ASP B 1 57 ? 11.473  -15.498 2.983   1.00 26.79 ? 57  ASP B CG  1 
ATOM   1124 O  OD1 . ASP B 1 57 ? 12.132  -14.784 3.776   1.00 26.37 ? 57  ASP B OD1 1 
ATOM   1125 O  OD2 . ASP B 1 57 ? 11.209  -16.703 3.220   1.00 27.93 ? 57  ASP B OD2 1 
ATOM   1126 N  N   . LEU B 1 58 ? 9.425   -12.793 -0.046  1.00 21.45 ? 58  LEU B N   1 
ATOM   1127 C  CA  . LEU B 1 58 ? 8.986   -12.271 -1.340  1.00 21.04 ? 58  LEU B CA  1 
ATOM   1128 C  C   . LEU B 1 58 ? 9.293   -10.782 -1.527  1.00 19.86 ? 58  LEU B C   1 
ATOM   1129 O  O   . LEU B 1 58 ? 9.756   -10.362 -2.595  1.00 19.01 ? 58  LEU B O   1 
ATOM   1130 C  CB  . LEU B 1 58 ? 7.486   -12.500 -1.522  1.00 22.00 ? 58  LEU B CB  1 
ATOM   1131 C  CG  . LEU B 1 58 ? 7.064   -13.971 -1.550  1.00 22.88 ? 58  LEU B CG  1 
ATOM   1132 C  CD1 . LEU B 1 58 ? 5.614   -14.069 -1.998  1.00 23.68 ? 58  LEU B CD1 1 
ATOM   1133 C  CD2 . LEU B 1 58 ? 7.965   -14.760 -2.492  1.00 21.85 ? 58  LEU B CD2 1 
ATOM   1134 N  N   . PHE B 1 59 ? 9.041   -9.982  -0.501  1.00 19.53 ? 59  PHE B N   1 
ATOM   1135 C  CA  . PHE B 1 59 ? 9.328   -8.545  -0.620  1.00 18.28 ? 59  PHE B CA  1 
ATOM   1136 C  C   . PHE B 1 59 ? 10.818  -8.314  -0.793  1.00 19.04 ? 59  PHE B C   1 
ATOM   1137 O  O   . PHE B 1 59 ? 11.242  -7.579  -1.691  1.00 19.24 ? 59  PHE B O   1 
ATOM   1138 C  CB  . PHE B 1 59 ? 8.859   -7.772  0.613   1.00 18.06 ? 59  PHE B CB  1 
ATOM   1139 C  CG  . PHE B 1 59 ? 9.248   -6.310  0.586   1.00 17.25 ? 59  PHE B CG  1 
ATOM   1140 C  CD1 . PHE B 1 59 ? 8.543   -5.402  -0.202  1.00 17.27 ? 59  PHE B CD1 1 
ATOM   1141 C  CD2 . PHE B 1 59 ? 10.363  -5.863  1.286   1.00 18.55 ? 59  PHE B CD2 1 
ATOM   1142 C  CE1 . PHE B 1 59 ? 8.938   -4.055  -0.296  1.00 17.66 ? 59  PHE B CE1 1 
ATOM   1143 C  CE2 . PHE B 1 59 ? 10.774  -4.522  1.203   1.00 17.36 ? 59  PHE B CE2 1 
ATOM   1144 C  CZ  . PHE B 1 59 ? 10.057  -3.617  0.405   1.00 16.65 ? 59  PHE B CZ  1 
ATOM   1145 N  N   . ARG B 1 60 ? 11.625  -8.928  0.072   1.00 18.77 ? 60  ARG B N   1 
ATOM   1146 C  CA  . ARG B 1 60 ? 13.071  -8.741  0.002   1.00 20.23 ? 60  ARG B CA  1 
ATOM   1147 C  C   . ARG B 1 60 ? 13.615  -9.244  -1.320  1.00 20.94 ? 60  ARG B C   1 
ATOM   1148 O  O   . ARG B 1 60 ? 14.523  -8.649  -1.914  1.00 21.73 ? 60  ARG B O   1 
ATOM   1149 C  CB  . ARG B 1 60 ? 13.768  -9.433  1.191   1.00 19.56 ? 60  ARG B CB  1 
ATOM   1150 C  CG  . ARG B 1 60 ? 13.439  -8.777  2.519   1.00 20.22 ? 60  ARG B CG  1 
ATOM   1151 C  CD  . ARG B 1 60 ? 14.196  -9.415  3.704   1.00 22.08 ? 60  ARG B CD  1 
ATOM   1152 N  NE  . ARG B 1 60 ? 15.643  -9.455  3.506   1.00 21.95 ? 60  ARG B NE  1 
ATOM   1153 C  CZ  . ARG B 1 60 ? 16.487  -10.114 4.298   1.00 24.38 ? 60  ARG B CZ  1 
ATOM   1154 N  NH1 . ARG B 1 60 ? 16.023  -10.785 5.350   1.00 21.26 ? 60  ARG B NH1 1 
ATOM   1155 N  NH2 . ARG B 1 60 ? 17.790  -10.123 4.027   1.00 23.65 ? 60  ARG B NH2 1 
ATOM   1156 N  N   . GLU B 1 61 ? 13.048  -10.332 -1.817  1.00 20.49 ? 61  GLU B N   1 
ATOM   1157 C  CA  . GLU B 1 61 ? 13.512  -10.852 -3.088  1.00 20.74 ? 61  GLU B CA  1 
ATOM   1158 C  C   . GLU B 1 61 ? 13.063  -9.930  -4.220  1.00 20.28 ? 61  GLU B C   1 
ATOM   1159 O  O   . GLU B 1 61 ? 13.779  -9.760  -5.215  1.00 21.63 ? 61  GLU B O   1 
ATOM   1160 C  CB  . GLU B 1 61 ? 13.002  -12.285 -3.272  1.00 21.54 ? 61  GLU B CB  1 
ATOM   1161 C  CG  . GLU B 1 61 ? 13.781  -13.271 -2.391  1.00 21.50 ? 61  GLU B CG  1 
ATOM   1162 C  CD  . GLU B 1 61 ? 13.008  -14.547 -2.097  1.00 23.61 ? 61  GLU B CD  1 
ATOM   1163 O  OE1 . GLU B 1 61 ? 12.037  -14.848 -2.832  1.00 19.37 ? 61  GLU B OE1 1 
ATOM   1164 O  OE2 . GLU B 1 61 ? 13.383  -15.246 -1.126  1.00 20.57 ? 61  GLU B OE2 1 
ATOM   1165 N  N   . TRP B 1 62 ? 11.893  -9.325  -4.058  1.00 20.76 ? 62  TRP B N   1 
ATOM   1166 C  CA  . TRP B 1 62 ? 11.364  -8.399  -5.056  1.00 21.20 ? 62  TRP B CA  1 
ATOM   1167 C  C   . TRP B 1 62 ? 12.276  -7.169  -5.109  1.00 21.08 ? 62  TRP B C   1 
ATOM   1168 O  O   . TRP B 1 62 ? 12.603  -6.670  -6.187  1.00 17.09 ? 62  TRP B O   1 
ATOM   1169 C  CB  . TRP B 1 62 ? 9.949   -7.949  -4.683  1.00 20.75 ? 62  TRP B CB  1 
ATOM   1170 C  CG  . TRP B 1 62 ? 9.505   -6.716  -5.457  1.00 22.90 ? 62  TRP B CG  1 
ATOM   1171 C  CD1 . TRP B 1 62 ? 9.009   -6.679  -6.735  1.00 24.07 ? 62  TRP B CD1 1 
ATOM   1172 C  CD2 . TRP B 1 62 ? 9.627   -5.342  -5.038  1.00 24.00 ? 62  TRP B CD2 1 
ATOM   1173 N  NE1 . TRP B 1 62 ? 8.818   -5.371  -7.135  1.00 22.67 ? 62  TRP B NE1 1 
ATOM   1174 C  CE2 . TRP B 1 62 ? 9.190   -4.532  -6.118  1.00 24.17 ? 62  TRP B CE2 1 
ATOM   1175 C  CE3 . TRP B 1 62 ? 10.070  -4.714  -3.859  1.00 22.66 ? 62  TRP B CE3 1 
ATOM   1176 C  CZ2 . TRP B 1 62 ? 9.181   -3.126  -6.050  1.00 24.18 ? 62  TRP B CZ2 1 
ATOM   1177 C  CZ3 . TRP B 1 62 ? 10.059  -3.316  -3.793  1.00 23.11 ? 62  TRP B CZ3 1 
ATOM   1178 C  CH2 . TRP B 1 62 ? 9.619   -2.542  -4.882  1.00 25.55 ? 62  TRP B CH2 1 
ATOM   1179 N  N   . LEU B 1 63 ? 12.683  -6.693  -3.935  1.00 20.70 ? 63  LEU B N   1 
ATOM   1180 C  CA  . LEU B 1 63 ? 13.546  -5.522  -3.872  1.00 20.45 ? 63  LEU B CA  1 
ATOM   1181 C  C   . LEU B 1 63 ? 14.863  -5.835  -4.555  1.00 21.53 ? 63  LEU B C   1 
ATOM   1182 O  O   . LEU B 1 63 ? 15.359  -5.040  -5.369  1.00 20.41 ? 63  LEU B O   1 
ATOM   1183 C  CB  . LEU B 1 63 ? 13.753  -5.101  -2.421  1.00 19.88 ? 63  LEU B CB  1 
ATOM   1184 C  CG  . LEU B 1 63 ? 14.444  -3.756  -2.178  1.00 24.68 ? 63  LEU B CG  1 
ATOM   1185 C  CD1 . LEU B 1 63 ? 13.593  -2.575  -2.668  1.00 21.43 ? 63  LEU B CD1 1 
ATOM   1186 C  CD2 . LEU B 1 63 ? 14.702  -3.643  -0.679  1.00 22.45 ? 63  LEU B CD2 1 
ATOM   1187 N  N   . LYS B 1 64 ? 15.423  -7.002  -4.265  1.00 19.92 ? 64  LYS B N   1 
ATOM   1188 C  CA  . LYS B 1 64 ? 16.675  -7.398  -4.889  1.00 22.78 ? 64  LYS B CA  1 
ATOM   1189 C  C   . LYS B 1 64 ? 16.593  -7.455  -6.414  1.00 24.79 ? 64  LYS B C   1 
ATOM   1190 O  O   . LYS B 1 64 ? 17.505  -7.015  -7.120  1.00 24.35 ? 64  LYS B O   1 
ATOM   1191 C  CB  . LYS B 1 64 ? 17.124  -8.766  -4.377  1.00 23.60 ? 64  LYS B CB  1 
ATOM   1192 C  CG  . LYS B 1 64 ? 18.319  -9.283  -5.144  1.00 25.36 ? 64  LYS B CG  1 
ATOM   1193 C  CD  . LYS B 1 64 ? 18.880  -10.568 -4.619  1.00 29.81 ? 64  LYS B CD  1 
ATOM   1194 C  CE  . LYS B 1 64 ? 20.029  -11.007 -5.502  1.00 30.50 ? 64  LYS B CE  1 
ATOM   1195 N  NZ  . LYS B 1 64 ? 20.750  -12.202 -4.978  1.00 35.00 ? 64  LYS B NZ  1 
ATOM   1196 N  N   . ASP B 1 65 ? 15.500  -8.019  -6.915  1.00 26.11 ? 65  ASP B N   1 
ATOM   1197 C  CA  . ASP B 1 65 ? 15.303  -8.174  -8.350  1.00 27.90 ? 65  ASP B CA  1 
ATOM   1198 C  C   . ASP B 1 65 ? 15.028  -6.828  -9.039  1.00 26.40 ? 65  ASP B C   1 
ATOM   1199 O  O   . ASP B 1 65 ? 15.397  -6.622  -10.193 1.00 27.41 ? 65  ASP B O   1 
ATOM   1200 C  CB  . ASP B 1 65 ? 14.125  -9.128  -8.616  1.00 30.04 ? 65  ASP B CB  1 
ATOM   1201 C  CG  . ASP B 1 65 ? 14.338  -10.544 -8.032  1.00 34.60 ? 65  ASP B CG  1 
ATOM   1202 O  OD1 . ASP B 1 65 ? 15.459  -10.883 -7.581  1.00 35.19 ? 65  ASP B OD1 1 
ATOM   1203 O  OD2 . ASP B 1 65 ? 13.356  -11.327 -8.039  1.00 34.93 ? 65  ASP B OD2 1 
ATOM   1204 N  N   . THR B 1 66 ? 14.382  -5.929  -8.312  1.00 24.98 ? 66  THR B N   1 
ATOM   1205 C  CA  . THR B 1 66 ? 14.011  -4.620  -8.821  1.00 25.42 ? 66  THR B CA  1 
ATOM   1206 C  C   . THR B 1 66 ? 15.111  -3.561  -8.821  1.00 25.40 ? 66  THR B C   1 
ATOM   1207 O  O   . THR B 1 66 ? 15.224  -2.795  -9.773  1.00 25.48 ? 66  THR B O   1 
ATOM   1208 C  CB  . THR B 1 66 ? 12.794  -4.117  -8.047  1.00 25.36 ? 66  THR B CB  1 
ATOM   1209 O  OG1 . THR B 1 66 ? 11.740  -5.075  -8.195  1.00 25.99 ? 66  THR B OG1 1 
ATOM   1210 C  CG2 . THR B 1 66 ? 12.312  -2.767  -8.575  1.00 25.50 ? 66  THR B CG2 1 
ATOM   1211 N  N   . CYS B 1 67 ? 15.926  -3.509  -7.769  1.00 24.52 ? 67  CYS B N   1 
ATOM   1212 C  CA  . CYS B 1 67 ? 16.993  -2.511  -7.711  1.00 22.96 ? 67  CYS B CA  1 
ATOM   1213 C  C   . CYS B 1 67 ? 18.349  -3.080  -7.329  1.00 22.73 ? 67  CYS B C   1 
ATOM   1214 O  O   . CYS B 1 67 ? 19.316  -2.346  -7.178  1.00 21.75 ? 67  CYS B O   1 
ATOM   1215 C  CB  . CYS B 1 67 ? 16.604  -1.366  -6.761  1.00 19.86 ? 67  CYS B CB  1 
ATOM   1216 S  SG  . CYS B 1 67 ? 16.336  -1.813  -5.017  1.00 19.33 ? 67  CYS B SG  1 
ATOM   1217 N  N   . GLY B 1 68 ? 18.417  -4.399  -7.169  1.00 22.99 ? 68  GLY B N   1 
ATOM   1218 C  CA  . GLY B 1 68 ? 19.679  -5.031  -6.821  1.00 21.74 ? 68  GLY B CA  1 
ATOM   1219 C  C   . GLY B 1 68 ? 20.140  -4.822  -5.387  1.00 22.68 ? 68  GLY B C   1 
ATOM   1220 O  O   . GLY B 1 68 ? 21.332  -4.879  -5.111  1.00 21.65 ? 68  GLY B O   1 
ATOM   1221 N  N   . ALA B 1 69 ? 19.208  -4.556  -4.481  1.00 21.23 ? 69  ALA B N   1 
ATOM   1222 C  CA  . ALA B 1 69 ? 19.549  -4.379  -3.070  1.00 22.68 ? 69  ALA B CA  1 
ATOM   1223 C  C   . ALA B 1 69 ? 20.188  -5.659  -2.558  1.00 24.44 ? 69  ALA B C   1 
ATOM   1224 O  O   . ALA B 1 69 ? 19.785  -6.760  -2.961  1.00 23.91 ? 69  ALA B O   1 
ATOM   1225 C  CB  . ALA B 1 69 ? 18.301  -4.079  -2.267  1.00 21.67 ? 69  ALA B CB  1 
ATOM   1226 N  N   . ASN B 1 70 ? 21.185  -5.536  -1.674  1.00 24.09 ? 70  ASN B N   1 
ATOM   1227 C  CA  . ASN B 1 70 ? 21.810  -6.734  -1.126  1.00 23.52 ? 70  ASN B CA  1 
ATOM   1228 C  C   . ASN B 1 70 ? 21.051  -7.195  0.111   1.00 20.56 ? 70  ASN B C   1 
ATOM   1229 O  O   . ASN B 1 70 ? 20.063  -6.577  0.515   1.00 18.56 ? 70  ASN B O   1 
ATOM   1230 C  CB  . ASN B 1 70 ? 23.303  -6.513  -0.792  1.00 24.82 ? 70  ASN B CB  1 
ATOM   1231 C  CG  . ASN B 1 70 ? 23.551  -5.339  0.159   1.00 26.04 ? 70  ASN B CG  1 
ATOM   1232 O  OD1 . ASN B 1 70 ? 22.773  -5.065  1.078   1.00 25.24 ? 70  ASN B OD1 1 
ATOM   1233 N  ND2 . ASN B 1 70 ? 24.672  -4.654  -0.051  1.00 27.55 ? 70  ASN B ND2 1 
ATOM   1234 N  N   . ALA B 1 71 ? 21.524  -8.279  0.717   1.00 21.72 ? 71  ALA B N   1 
ATOM   1235 C  CA  . ALA B 1 71 ? 20.876  -8.836  1.900   1.00 20.75 ? 71  ALA B CA  1 
ATOM   1236 C  C   . ALA B 1 71 ? 20.599  -7.813  2.986   1.00 19.27 ? 71  ALA B C   1 
ATOM   1237 O  O   . ALA B 1 71 ? 19.494  -7.735  3.506   1.00 20.63 ? 71  ALA B O   1 
ATOM   1238 C  CB  . ALA B 1 71 ? 21.717  -9.983  2.460   1.00 22.85 ? 71  ALA B CB  1 
ATOM   1239 N  N   . LYS B 1 72 ? 21.598  -7.009  3.329   1.00 21.10 ? 72  LYS B N   1 
ATOM   1240 C  CA  . LYS B 1 72 ? 21.419  -6.020  4.383   1.00 19.70 ? 72  LYS B CA  1 
ATOM   1241 C  C   . LYS B 1 72 ? 20.464  -4.903  4.009   1.00 16.54 ? 72  LYS B C   1 
ATOM   1242 O  O   . LYS B 1 72 ? 19.642  -4.483  4.820   1.00 15.30 ? 72  LYS B O   1 
ATOM   1243 C  CB  . LYS B 1 72 ? 22.779  -5.435  4.793   1.00 22.81 ? 72  LYS B CB  1 
ATOM   1244 C  CG  . LYS B 1 72 ? 22.711  -4.365  5.895   1.00 23.86 ? 72  LYS B CG  1 
ATOM   1245 C  CD  . LYS B 1 72 ? 22.212  -4.926  7.221   1.00 24.58 ? 72  LYS B CD  1 
ATOM   1246 C  CE  . LYS B 1 72 ? 22.581  -4.025  8.400   1.00 28.74 ? 72  LYS B CE  1 
ATOM   1247 N  NZ  . LYS B 1 72 ? 21.795  -2.780  8.515   1.00 28.56 ? 72  LYS B NZ  1 
ATOM   1248 N  N   . GLN B 1 73 ? 20.579  -4.404  2.782   1.00 18.92 ? 73  GLN B N   1 
ATOM   1249 C  CA  . GLN B 1 73 ? 19.711  -3.321  2.345   1.00 17.89 ? 73  GLN B CA  1 
ATOM   1250 C  C   . GLN B 1 73 ? 18.257  -3.767  2.288   1.00 17.41 ? 73  GLN B C   1 
ATOM   1251 O  O   . GLN B 1 73 ? 17.376  -3.015  2.672   1.00 15.82 ? 73  GLN B O   1 
ATOM   1252 C  CB  . GLN B 1 73 ? 20.154  -2.793  0.980   1.00 21.76 ? 73  GLN B CB  1 
ATOM   1253 C  CG  . GLN B 1 73 ? 21.577  -2.243  0.989   1.00 22.69 ? 73  GLN B CG  1 
ATOM   1254 C  CD  . GLN B 1 73 ? 22.071  -1.900  -0.397  1.00 24.57 ? 73  GLN B CD  1 
ATOM   1255 O  OE1 . GLN B 1 73 ? 22.034  -2.733  -1.301  1.00 23.71 ? 73  GLN B OE1 1 
ATOM   1256 N  NE2 . GLN B 1 73 ? 22.553  -0.660  -0.570  1.00 27.05 ? 73  GLN B NE2 1 
ATOM   1257 N  N   . SER B 1 74 ? 18.009  -4.998  1.839   1.00 19.31 ? 74  SER B N   1 
ATOM   1258 C  CA  . SER B 1 74 ? 16.626  -5.480  1.771   1.00 18.41 ? 74  SER B CA  1 
ATOM   1259 C  C   . SER B 1 74 ? 16.105  -5.701  3.184   1.00 17.41 ? 74  SER B C   1 
ATOM   1260 O  O   . SER B 1 74 ? 14.952  -5.423  3.480   1.00 15.90 ? 74  SER B O   1 
ATOM   1261 C  CB  . SER B 1 74 ? 16.532  -6.768  0.941   1.00 19.59 ? 74  SER B CB  1 
ATOM   1262 O  OG  . SER B 1 74 ? 17.114  -7.877  1.593   1.00 23.33 ? 74  SER B OG  1 
ATOM   1263 N  N   . ARG B 1 75 ? 16.970  -6.193  4.060   1.00 19.37 ? 75  ARG B N   1 
ATOM   1264 C  CA  . ARG B 1 75 ? 16.593  -6.424  5.449   1.00 19.35 ? 75  ARG B CA  1 
ATOM   1265 C  C   . ARG B 1 75 ? 16.162  -5.108  6.079   1.00 17.67 ? 75  ARG B C   1 
ATOM   1266 O  O   . ARG B 1 75 ? 15.085  -5.008  6.667   1.00 16.57 ? 75  ARG B O   1 
ATOM   1267 C  CB  . ARG B 1 75 ? 17.785  -7.034  6.207   1.00 21.78 ? 75  ARG B CB  1 
ATOM   1268 C  CG  . ARG B 1 75 ? 17.580  -7.215  7.695   1.00 26.85 ? 75  ARG B CG  1 
ATOM   1269 C  CD  . ARG B 1 75 ? 18.037  -5.980  8.461   1.00 28.00 ? 75  ARG B CD  1 
ATOM   1270 N  NE  . ARG B 1 75 ? 17.867  -6.146  9.903   1.00 29.94 ? 75  ARG B NE  1 
ATOM   1271 C  CZ  . ARG B 1 75 ? 18.260  -5.264  10.819  1.00 32.35 ? 75  ARG B CZ  1 
ATOM   1272 N  NH1 . ARG B 1 75 ? 18.857  -4.130  10.456  1.00 29.99 ? 75  ARG B NH1 1 
ATOM   1273 N  NH2 . ARG B 1 75 ? 18.060  -5.518  12.102  1.00 32.01 ? 75  ARG B NH2 1 
ATOM   1274 N  N   . ASP B 1 76 ? 16.995  -4.075  5.930   1.00 19.92 ? 76  ASP B N   1 
ATOM   1275 C  CA  . ASP B 1 76 ? 16.680  -2.773  6.510   1.00 17.58 ? 76  ASP B CA  1 
ATOM   1276 C  C   . ASP B 1 76 ? 15.394  -2.177  5.955   1.00 16.61 ? 76  ASP B C   1 
ATOM   1277 O  O   . ASP B 1 76 ? 14.568  -1.683  6.713   1.00 15.77 ? 76  ASP B O   1 
ATOM   1278 C  CB  . ASP B 1 76 ? 17.851  -1.781  6.310   1.00 19.80 ? 76  ASP B CB  1 
ATOM   1279 C  CG  . ASP B 1 76 ? 19.100  -2.173  7.093   1.00 23.00 ? 76  ASP B CG  1 
ATOM   1280 O  OD1 . ASP B 1 76 ? 18.973  -2.959  8.068   1.00 19.01 ? 76  ASP B OD1 1 
ATOM   1281 O  OD2 . ASP B 1 76 ? 20.213  -1.692  6.744   1.00 22.29 ? 76  ASP B OD2 1 
ATOM   1282 N  N   . CYS B 1 77 ? 15.211  -2.245  4.633   1.00 16.04 ? 77  CYS B N   1 
ATOM   1283 C  CA  . CYS B 1 77 ? 14.002  -1.683  4.017   1.00 15.07 ? 77  CYS B CA  1 
ATOM   1284 C  C   . CYS B 1 77 ? 12.758  -2.439  4.527   1.00 15.08 ? 77  CYS B C   1 
ATOM   1285 O  O   . CYS B 1 77 ? 11.792  -1.826  4.967   1.00 14.67 ? 77  CYS B O   1 
ATOM   1286 C  CB  . CYS B 1 77 ? 14.099  -1.768  2.485   1.00 16.08 ? 77  CYS B CB  1 
ATOM   1287 S  SG  . CYS B 1 77 ? 12.742  -0.923  1.614   1.00 18.54 ? 77  CYS B SG  1 
ATOM   1288 N  N   . PHE B 1 78 ? 12.802  -3.769  4.482   1.00 15.50 ? 78  PHE B N   1 
ATOM   1289 C  CA  . PHE B 1 78 ? 11.692  -4.578  4.969   1.00 16.22 ? 78  PHE B CA  1 
ATOM   1290 C  C   . PHE B 1 78 ? 11.329  -4.248  6.421   1.00 15.51 ? 78  PHE B C   1 
ATOM   1291 O  O   . PHE B 1 78 ? 10.165  -3.987  6.746   1.00 14.08 ? 78  PHE B O   1 
ATOM   1292 C  CB  . PHE B 1 78 ? 12.045  -6.063  4.875   1.00 17.62 ? 78  PHE B CB  1 
ATOM   1293 C  CG  . PHE B 1 78 ? 11.082  -6.949  5.605   1.00 19.09 ? 78  PHE B CG  1 
ATOM   1294 C  CD1 . PHE B 1 78 ? 9.785   -7.124  5.132   1.00 20.68 ? 78  PHE B CD1 1 
ATOM   1295 C  CD2 . PHE B 1 78 ? 11.453  -7.567  6.795   1.00 20.47 ? 78  PHE B CD2 1 
ATOM   1296 C  CE1 . PHE B 1 78 ? 8.852   -7.897  5.836   1.00 18.69 ? 78  PHE B CE1 1 
ATOM   1297 C  CE2 . PHE B 1 78 ? 10.527  -8.343  7.515   1.00 20.10 ? 78  PHE B CE2 1 
ATOM   1298 C  CZ  . PHE B 1 78 ? 9.223   -8.507  7.031   1.00 19.93 ? 78  PHE B CZ  1 
ATOM   1299 N  N   . GLY B 1 79 ? 12.335  -4.258  7.297   1.00 16.63 ? 79  GLY B N   1 
ATOM   1300 C  CA  . GLY B 1 79 ? 12.083  -3.958  8.691   1.00 15.34 ? 79  GLY B CA  1 
ATOM   1301 C  C   . GLY B 1 79 ? 11.454  -2.597  8.860   1.00 14.08 ? 79  GLY B C   1 
ATOM   1302 O  O   . GLY B 1 79 ? 10.579  -2.384  9.691   1.00 15.21 ? 79  GLY B O   1 
ATOM   1303 N  N   . CYS B 1 80 ? 11.900  -1.664  8.029   1.00 14.87 ? 80  CYS B N   1 
ATOM   1304 C  CA  . CYS B 1 80 ? 11.397  -0.306  8.063   1.00 16.70 ? 80  CYS B CA  1 
ATOM   1305 C  C   . CYS B 1 80 ? 9.906   -0.241  7.729   1.00 13.51 ? 80  CYS B C   1 
ATOM   1306 O  O   . CYS B 1 80 ? 9.115   0.396   8.414   1.00 13.07 ? 80  CYS B O   1 
ATOM   1307 C  CB  . CYS B 1 80 ? 12.186  0.525   7.043   1.00 21.14 ? 80  CYS B CB  1 
ATOM   1308 S  SG  . CYS B 1 80 ? 12.036  2.249   7.334   1.00 29.12 ? 80  CYS B SG  1 
ATOM   1309 N  N   . LEU B 1 81 ? 9.520   -0.891  6.637   1.00 15.86 ? 81  LEU B N   1 
ATOM   1310 C  CA  . LEU B 1 81 ? 8.120   -0.890  6.252   1.00 13.23 ? 81  LEU B CA  1 
ATOM   1311 C  C   . LEU B 1 81 ? 7.309   -1.722  7.248   1.00 10.51 ? 81  LEU B C   1 
ATOM   1312 O  O   . LEU B 1 81 ? 6.195   -1.358  7.596   1.00 13.10 ? 81  LEU B O   1 
ATOM   1313 C  CB  . LEU B 1 81 ? 7.974   -1.453  4.841   1.00 11.82 ? 81  LEU B CB  1 
ATOM   1314 C  CG  . LEU B 1 81 ? 8.414   -0.478  3.737   1.00 15.33 ? 81  LEU B CG  1 
ATOM   1315 C  CD1 . LEU B 1 81 ? 8.640   -1.233  2.435   1.00 16.57 ? 81  LEU B CD1 1 
ATOM   1316 C  CD2 . LEU B 1 81 ? 7.362   0.617   3.596   1.00 14.04 ? 81  LEU B CD2 1 
ATOM   1317 N  N   . ARG B 1 82 ? 7.858   -2.837  7.703   1.00 14.95 ? 82  ARG B N   1 
ATOM   1318 C  CA  . ARG B 1 82 ? 7.103   -3.651  8.660   1.00 14.68 ? 82  ARG B CA  1 
ATOM   1319 C  C   . ARG B 1 82 ? 6.765   -2.889  9.929   1.00 14.77 ? 82  ARG B C   1 
ATOM   1320 O  O   . ARG B 1 82 ? 5.628   -2.905  10.385  1.00 12.11 ? 82  ARG B O   1 
ATOM   1321 C  CB  . ARG B 1 82 ? 7.861   -4.926  9.014   1.00 18.65 ? 82  ARG B CB  1 
ATOM   1322 C  CG  . ARG B 1 82 ? 7.105   -5.795  10.005  1.00 21.29 ? 82  ARG B CG  1 
ATOM   1323 C  CD  . ARG B 1 82 ? 7.865   -7.076  10.288  1.00 26.78 ? 82  ARG B CD  1 
ATOM   1324 N  NE  . ARG B 1 82 ? 9.191   -6.809  10.831  1.00 30.78 ? 82  ARG B NE  1 
ATOM   1325 C  CZ  . ARG B 1 82 ? 9.406   -6.351  12.056  1.00 33.68 ? 82  ARG B CZ  1 
ATOM   1326 N  NH1 . ARG B 1 82 ? 8.381   -6.123  12.867  1.00 35.85 ? 82  ARG B NH1 1 
ATOM   1327 N  NH2 . ARG B 1 82 ? 10.645  -6.095  12.462  1.00 35.23 ? 82  ARG B NH2 1 
ATOM   1328 N  N   . GLU B 1 83 ? 7.752   -2.222  10.528  1.00 15.22 ? 83  GLU B N   1 
ATOM   1329 C  CA  . GLU B 1 83 ? 7.461   -1.480  11.748  1.00 13.69 ? 83  GLU B CA  1 
ATOM   1330 C  C   . GLU B 1 83 ? 6.552   -0.296  11.534  1.00 12.42 ? 83  GLU B C   1 
ATOM   1331 O  O   . GLU B 1 83 ? 5.713   0.011   12.371  1.00 12.35 ? 83  GLU B O   1 
ATOM   1332 C  CB  . GLU B 1 83 ? 8.762   -1.047  12.436  1.00 17.51 ? 83  GLU B CB  1 
ATOM   1333 C  CG  . GLU B 1 83 ? 9.404   -2.210  13.124  1.00 21.94 ? 83  GLU B CG  1 
ATOM   1334 C  CD  . GLU B 1 83 ? 10.590  -1.828  13.979  1.00 25.80 ? 83  GLU B CD  1 
ATOM   1335 O  OE1 . GLU B 1 83 ? 10.624  -0.683  14.489  1.00 21.79 ? 83  GLU B OE1 1 
ATOM   1336 O  OE2 . GLU B 1 83 ? 11.463  -2.700  14.148  1.00 28.55 ? 83  GLU B OE2 1 
ATOM   1337 N  N   . TRP B 1 84 ? 6.705   0.397   10.413  1.00 11.27 ? 84  TRP B N   1 
ATOM   1338 C  CA  . TRP B 1 84 ? 5.814   1.520   10.131  1.00 13.06 ? 84  TRP B CA  1 
ATOM   1339 C  C   . TRP B 1 84 ? 4.346   1.019   10.104  1.00 10.81 ? 84  TRP B C   1 
ATOM   1340 O  O   . TRP B 1 84 ? 3.437   1.673   10.633  1.00 11.22 ? 84  TRP B O   1 
ATOM   1341 C  CB  . TRP B 1 84 ? 6.164   2.149   8.763   1.00 11.02 ? 84  TRP B CB  1 
ATOM   1342 C  CG  . TRP B 1 84 ? 5.364   3.395   8.482   1.00 15.80 ? 84  TRP B CG  1 
ATOM   1343 C  CD1 . TRP B 1 84 ? 5.707   4.678   8.807   1.00 15.79 ? 84  TRP B CD1 1 
ATOM   1344 C  CD2 . TRP B 1 84 ? 4.033   3.461   7.939   1.00 18.05 ? 84  TRP B CD2 1 
ATOM   1345 N  NE1 . TRP B 1 84 ? 4.671   5.536   8.514   1.00 18.23 ? 84  TRP B NE1 1 
ATOM   1346 C  CE2 . TRP B 1 84 ? 3.631   4.817   7.981   1.00 16.80 ? 84  TRP B CE2 1 
ATOM   1347 C  CE3 . TRP B 1 84 ? 3.137   2.499   7.424   1.00 17.88 ? 84  TRP B CE3 1 
ATOM   1348 C  CZ2 . TRP B 1 84 ? 2.369   5.245   7.533   1.00 14.92 ? 84  TRP B CZ2 1 
ATOM   1349 C  CZ3 . TRP B 1 84 ? 1.882   2.923   6.973   1.00 16.06 ? 84  TRP B CZ3 1 
ATOM   1350 C  CH2 . TRP B 1 84 ? 1.508   4.283   7.030   1.00 16.16 ? 84  TRP B CH2 1 
ATOM   1351 N  N   . CYS B 1 85 ? 4.114   -0.142  9.487   1.00 14.93 ? 85  CYS B N   1 
ATOM   1352 C  CA  . CYS B 1 85 ? 2.753   -0.683  9.399   1.00 14.88 ? 85  CYS B CA  1 
ATOM   1353 C  C   . CYS B 1 85 ? 2.210   -1.043  10.776  1.00 14.75 ? 85  CYS B C   1 
ATOM   1354 O  O   . CYS B 1 85 ? 1.055   -0.754  11.081  1.00 16.75 ? 85  CYS B O   1 
ATOM   1355 C  CB  . CYS B 1 85 ? 2.715   -1.892  8.441   1.00 15.41 ? 85  CYS B CB  1 
ATOM   1356 S  SG  . CYS B 1 85 ? 2.823   -1.355  6.678   1.00 13.36 ? 85  CYS B SG  1 
ATOM   1357 N  N   . ASP B 1 86 ? 3.051   -1.643  11.619  1.00 19.03 ? 86  ASP B N   1 
ATOM   1358 C  CA  . ASP B 1 86 ? 2.632   -1.987  12.979  1.00 19.14 ? 86  ASP B CA  1 
ATOM   1359 C  C   . ASP B 1 86 ? 2.162   -0.705  13.644  1.00 18.57 ? 86  ASP B C   1 
ATOM   1360 O  O   . ASP B 1 86 ? 1.218   -0.692  14.418  1.00 19.63 ? 86  ASP B O   1 
ATOM   1361 C  CB  . ASP B 1 86 ? 3.803   -2.515  13.833  1.00 21.37 ? 86  ASP B CB  1 
ATOM   1362 C  CG  . ASP B 1 86 ? 4.276   -3.896  13.438  1.00 24.84 ? 86  ASP B CG  1 
ATOM   1363 O  OD1 . ASP B 1 86 ? 3.509   -4.663  12.826  1.00 25.02 ? 86  ASP B OD1 1 
ATOM   1364 O  OD2 . ASP B 1 86 ? 5.442   -4.221  13.764  1.00 25.95 ? 86  ASP B OD2 1 
ATOM   1365 N  N   . ALA B 1 87 ? 2.828   0.397   13.329  1.00 19.28 ? 87  ALA B N   1 
ATOM   1366 C  CA  . ALA B 1 87 ? 2.490   1.655   13.974  1.00 18.72 ? 87  ALA B CA  1 
ATOM   1367 C  C   . ALA B 1 87 ? 1.322   2.470   13.434  1.00 18.40 ? 87  ALA B C   1 
ATOM   1368 O  O   . ALA B 1 87 ? 0.597   3.093   14.210  1.00 19.42 ? 87  ALA B O   1 
ATOM   1369 C  CB  . ALA B 1 87 ? 3.742   2.530   14.038  1.00 21.00 ? 87  ALA B CB  1 
ATOM   1370 N  N   . PHE B 1 88 ? 1.129   2.455   12.112  1.00 17.89 ? 88  PHE B N   1 
ATOM   1371 C  CA  . PHE B 1 88 ? 0.098   3.269   11.491  1.00 15.11 ? 88  PHE B CA  1 
ATOM   1372 C  C   . PHE B 1 88 ? -0.965  2.569   10.624  1.00 14.89 ? 88  PHE B C   1 
ATOM   1373 O  O   . PHE B 1 88 ? -2.004  3.142   10.386  1.00 13.39 ? 88  PHE B O   1 
ATOM   1374 C  CB  . PHE B 1 88 ? 0.757   4.331   10.605  1.00 16.37 ? 88  PHE B CB  1 
ATOM   1375 C  CG  . PHE B 1 88 ? 1.715   5.218   11.352  1.00 16.81 ? 88  PHE B CG  1 
ATOM   1376 C  CD1 . PHE B 1 88 ? 1.246   6.315   12.042  1.00 17.93 ? 88  PHE B CD1 1 
ATOM   1377 C  CD2 . PHE B 1 88 ? 3.062   4.909   11.407  1.00 18.38 ? 88  PHE B CD2 1 
ATOM   1378 C  CE1 . PHE B 1 88 ? 2.118   7.101   12.805  1.00 19.09 ? 88  PHE B CE1 1 
ATOM   1379 C  CE2 . PHE B 1 88 ? 3.934   5.687   12.166  1.00 18.17 ? 88  PHE B CE2 1 
ATOM   1380 C  CZ  . PHE B 1 88 ? 3.453   6.775   12.857  1.00 16.89 ? 88  PHE B CZ  1 
ATOM   1381 N  N   . LEU B 1 89 ? -0.695  1.367   10.157  1.00 15.05 ? 89  LEU B N   1 
ATOM   1382 C  CA  . LEU B 1 89 ? -1.668  0.696   9.269   1.00 17.70 ? 89  LEU B CA  1 
ATOM   1383 C  C   . LEU B 1 89 ? -2.942  0.225   9.975   1.00 20.08 ? 89  LEU B C   1 
ATOM   1384 O  O   . LEU B 1 89 ? -4.045  0.451   9.420   1.00 20.59 ? 89  LEU B O   1 
ATOM   1385 C  CB  . LEU B 1 89 ? -0.968  -0.455  8.536   1.00 18.49 ? 89  LEU B CB  1 
ATOM   1386 C  CG  . LEU B 1 89 ? -1.726  -1.121  7.364   1.00 18.96 ? 89  LEU B CG  1 
ATOM   1387 C  CD1 . LEU B 1 89 ? -2.193  -0.076  6.347   1.00 17.68 ? 89  LEU B CD1 1 
ATOM   1388 C  CD2 . LEU B 1 89 ? -0.804  -2.091  6.680   1.00 19.02 ? 89  LEU B CD2 1 
ATOM   1389 O  OXT . LEU B 1 89 ? -2.849  -0.356  11.077  1.00 20.16 ? 89  LEU B OXT 1 
HETATM 1390 O  O   . HOH C 2 .  ? -16.056 0.161   6.648   1.00 20.79 ? 90  HOH A O   1 
HETATM 1391 O  O   . HOH C 2 .  ? -16.530 6.190   -0.701  1.00 13.05 ? 91  HOH A O   1 
HETATM 1392 O  O   . HOH C 2 .  ? -10.252 10.446  9.117   1.00 13.15 ? 92  HOH A O   1 
HETATM 1393 O  O   . HOH C 2 .  ? -21.921 -6.144  -6.991  1.00 15.84 ? 93  HOH A O   1 
HETATM 1394 O  O   . HOH C 2 .  ? -10.165 1.377   8.753   1.00 14.93 ? 94  HOH A O   1 
HETATM 1395 O  O   . HOH C 2 .  ? -6.817  -4.706  5.925   1.00 16.82 ? 95  HOH A O   1 
HETATM 1396 O  O   . HOH C 2 .  ? -18.939 -8.632  -10.101 1.00 26.44 ? 96  HOH A O   1 
HETATM 1397 O  O   . HOH C 2 .  ? -14.885 -9.359  2.882   1.00 21.77 ? 97  HOH A O   1 
HETATM 1398 O  O   . HOH C 2 .  ? -4.750  9.964   -1.100  1.00 31.23 ? 98  HOH A O   1 
HETATM 1399 O  O   . HOH C 2 .  ? -20.482 -4.504  -10.649 1.00 18.14 ? 99  HOH A O   1 
HETATM 1400 O  O   . HOH C 2 .  ? -22.612 2.607   -11.447 1.00 22.01 ? 100 HOH A O   1 
HETATM 1401 O  O   . HOH C 2 .  ? -20.937 -6.365  -4.403  1.00 20.31 ? 101 HOH A O   1 
HETATM 1402 O  O   . HOH C 2 .  ? -19.290 6.337   -0.263  1.00 35.04 ? 102 HOH A O   1 
HETATM 1403 O  O   . HOH C 2 .  ? -14.607 3.079   12.597  1.00 31.12 ? 103 HOH A O   1 
HETATM 1404 O  O   . HOH C 2 .  ? -11.445 9.281   14.022  1.00 28.26 ? 104 HOH A O   1 
HETATM 1405 O  O   . HOH C 2 .  ? -15.161 9.168   9.023   1.00 23.93 ? 105 HOH A O   1 
HETATM 1406 O  O   . HOH C 2 .  ? -14.614 -0.252  8.864   1.00 20.01 ? 106 HOH A O   1 
HETATM 1407 O  O   . HOH C 2 .  ? -2.090  10.802  10.435  1.00 36.18 ? 107 HOH A O   1 
HETATM 1408 O  O   . HOH C 2 .  ? -5.446  -0.402  -14.452 1.00 29.15 ? 108 HOH A O   1 
HETATM 1409 O  O   . HOH C 2 .  ? -4.574  11.145  -3.435  1.00 34.22 ? 109 HOH A O   1 
HETATM 1410 O  O   . HOH C 2 .  ? -21.335 -7.071  -9.728  1.00 19.52 ? 110 HOH A O   1 
HETATM 1411 O  O   . HOH C 2 .  ? -20.301 1.440   -14.736 1.00 28.67 ? 111 HOH A O   1 
HETATM 1412 O  O   . HOH C 2 .  ? -3.907  -7.515  -9.914  1.00 36.40 ? 112 HOH A O   1 
HETATM 1413 O  O   . HOH C 2 .  ? -5.634  10.039  -5.813  1.00 32.55 ? 113 HOH A O   1 
HETATM 1414 O  O   . HOH C 2 .  ? -18.272 -0.983  7.978   1.00 29.49 ? 114 HOH A O   1 
HETATM 1415 O  O   . HOH C 2 .  ? -21.428 1.167   -4.158  1.00 35.62 ? 115 HOH A O   1 
HETATM 1416 O  O   . HOH C 2 .  ? -6.176  10.416  -9.791  1.00 24.47 ? 116 HOH A O   1 
HETATM 1417 O  O   . HOH C 2 .  ? 1.451   12.544  6.138   1.00 26.15 ? 117 HOH A O   1 
HETATM 1418 O  O   . HOH C 2 .  ? 0.596   -5.154  -9.018  1.00 34.69 ? 118 HOH A O   1 
HETATM 1419 O  O   . HOH C 2 .  ? -18.810 -6.963  1.848   1.00 32.14 ? 119 HOH A O   1 
HETATM 1420 O  O   . HOH C 2 .  ? -17.028 -9.302  1.176   1.00 29.28 ? 120 HOH A O   1 
HETATM 1421 O  O   . HOH C 2 .  ? -6.718  9.800   -13.128 1.00 35.49 ? 121 HOH A O   1 
HETATM 1422 O  O   . HOH C 2 .  ? -2.478  10.651  0.388   1.00 31.30 ? 122 HOH A O   1 
HETATM 1423 O  O   . HOH C 2 .  ? -15.643 10.653  6.096   1.00 45.81 ? 123 HOH A O   1 
HETATM 1424 O  O   . HOH C 2 .  ? -18.092 -3.290  -14.739 1.00 42.35 ? 124 HOH A O   1 
HETATM 1425 O  O   . HOH C 2 .  ? -9.351  12.319  5.069   1.00 24.20 ? 125 HOH A O   1 
HETATM 1426 O  O   . HOH C 2 .  ? 1.441   -8.756  10.068  1.00 31.14 ? 126 HOH A O   1 
HETATM 1427 O  O   . HOH C 2 .  ? -23.021 0.012   -5.902  1.00 25.75 ? 127 HOH A O   1 
HETATM 1428 O  O   . HOH C 2 .  ? -0.836  -8.456  8.517   1.00 31.46 ? 128 HOH A O   1 
HETATM 1429 O  O   . HOH C 2 .  ? -7.640  12.168  -6.853  1.00 31.62 ? 129 HOH A O   1 
HETATM 1430 O  O   . HOH C 2 .  ? -2.288  12.501  -3.177  1.00 32.07 ? 130 HOH A O   1 
HETATM 1431 O  O   . HOH C 2 .  ? -16.257 8.933   -2.007  1.00 38.50 ? 131 HOH A O   1 
HETATM 1432 O  O   . HOH C 2 .  ? -9.496  14.092  3.162   1.00 32.43 ? 132 HOH A O   1 
HETATM 1433 O  O   . HOH C 2 .  ? -22.154 -0.527  -15.142 1.00 40.89 ? 133 HOH A O   1 
HETATM 1434 O  O   . HOH C 2 .  ? -15.055 2.360   -13.255 1.00 33.28 ? 134 HOH A O   1 
HETATM 1435 O  O   . HOH C 2 .  ? -0.464  9.359   -9.611  1.00 39.73 ? 135 HOH A O   1 
HETATM 1436 O  O   . HOH C 2 .  ? -15.971 -9.990  5.450   1.00 50.46 ? 136 HOH A O   1 
HETATM 1437 O  O   . HOH C 2 .  ? -18.345 7.655   -11.783 1.00 45.44 ? 137 HOH A O   1 
HETATM 1438 O  O   . HOH C 2 .  ? -13.219 10.606  10.064  1.00 24.09 ? 138 HOH A O   1 
HETATM 1439 O  O   . HOH C 2 .  ? -7.643  -0.805  13.315  1.00 47.29 ? 139 HOH A O   1 
HETATM 1440 O  O   . HOH C 2 .  ? -14.515 8.996   -5.028  1.00 41.73 ? 140 HOH A O   1 
HETATM 1441 O  O   . HOH C 2 .  ? -6.143  -3.445  -14.771 1.00 46.23 ? 141 HOH A O   1 
HETATM 1442 O  O   . HOH C 2 .  ? -15.671 11.363  -0.285  1.00 37.02 ? 142 HOH A O   1 
HETATM 1443 O  O   . HOH C 2 .  ? -3.891  7.252   -15.475 1.00 46.54 ? 143 HOH A O   1 
HETATM 1444 O  O   . HOH C 2 .  ? 4.704   1.747   -9.890  1.00 45.51 ? 144 HOH A O   1 
HETATM 1445 O  O   . HOH C 2 .  ? -15.733 4.746   -14.509 1.00 37.90 ? 145 HOH A O   1 
HETATM 1446 O  O   . HOH C 2 .  ? -20.683 -1.859  -0.154  1.00 35.93 ? 146 HOH A O   1 
HETATM 1447 O  O   . HOH C 2 .  ? -0.431  10.636  -6.270  1.00 45.67 ? 147 HOH A O   1 
HETATM 1448 O  O   . HOH C 2 .  ? -3.880  14.156  7.611   1.00 17.56 ? 148 HOH A O   1 
HETATM 1449 O  O   . HOH C 2 .  ? -11.135 12.220  7.016   1.00 23.49 ? 149 HOH A O   1 
HETATM 1450 O  O   . HOH C 2 .  ? 0.238   -3.166  -11.412 1.00 35.95 ? 150 HOH A O   1 
HETATM 1451 O  O   . HOH C 2 .  ? -8.584  12.299  -9.524  1.00 42.93 ? 151 HOH A O   1 
HETATM 1452 O  O   . HOH C 2 .  ? -23.396 1.167   -13.801 1.00 27.39 ? 152 HOH A O   1 
HETATM 1453 O  O   . HOH C 2 .  ? -21.577 -3.659  -12.851 1.00 35.98 ? 153 HOH A O   1 
HETATM 1454 O  O   . HOH C 2 .  ? -22.292 -0.063  1.633   1.00 31.61 ? 154 HOH A O   1 
HETATM 1455 O  O   . HOH C 2 .  ? -21.805 2.908   -1.471  1.00 32.49 ? 155 HOH A O   1 
HETATM 1456 O  O   . HOH C 2 .  ? -6.814  -7.644  -12.880 1.00 44.86 ? 156 HOH A O   1 
HETATM 1457 O  O   . HOH C 2 .  ? -20.619 1.528   0.201   1.00 22.39 ? 157 HOH A O   1 
HETATM 1458 O  O   . HOH C 2 .  ? -3.546  -14.671 2.386   1.00 41.78 ? 158 HOH A O   1 
HETATM 1459 O  O   . HOH C 2 .  ? -13.744 0.805   16.137  1.00 38.52 ? 159 HOH A O   1 
HETATM 1460 O  O   . HOH C 2 .  ? 0.556   13.629  8.299   1.00 47.03 ? 160 HOH A O   1 
HETATM 1461 O  O   . HOH C 2 .  ? -19.116 -12.796 -6.250  1.00 23.97 ? 161 HOH A O   1 
HETATM 1462 O  O   . HOH C 2 .  ? -22.415 5.357   -11.530 1.00 31.71 ? 162 HOH A O   1 
HETATM 1463 O  O   . HOH C 2 .  ? -20.133 7.896   10.896  1.00 32.10 ? 163 HOH A O   1 
HETATM 1464 O  O   . HOH C 2 .  ? -20.981 -5.813  2.789   1.00 35.30 ? 164 HOH A O   1 
HETATM 1465 O  O   . HOH C 2 .  ? -20.705 -2.485  -14.839 1.00 39.07 ? 165 HOH A O   1 
HETATM 1466 O  O   . HOH C 2 .  ? -3.061  -11.443 3.668   1.00 34.17 ? 166 HOH A O   1 
HETATM 1467 O  O   . HOH C 2 .  ? -20.405 11.422  -1.954  1.00 37.75 ? 167 HOH A O   1 
HETATM 1468 O  O   . HOH C 2 .  ? -23.352 -6.982  -0.062  1.00 33.02 ? 168 HOH A O   1 
HETATM 1469 O  O   . HOH C 2 .  ? -5.354  8.984   -17.014 1.00 42.45 ? 169 HOH A O   1 
HETATM 1470 O  O   . HOH C 2 .  ? -23.292 8.185   10.619  1.00 40.94 ? 170 HOH A O   1 
HETATM 1471 O  O   . HOH C 2 .  ? -23.176 -0.517  -17.547 1.00 36.91 ? 171 HOH A O   1 
HETATM 1472 O  O   . HOH C 2 .  ? -3.359  -1.723  -13.509 1.00 49.82 ? 172 HOH A O   1 
HETATM 1473 O  O   . HOH C 2 .  ? -7.097  -5.074  12.894  1.00 38.55 ? 173 HOH A O   1 
HETATM 1474 O  O   . HOH C 2 .  ? -10.987 3.755   -14.719 1.00 32.65 ? 174 HOH A O   1 
HETATM 1475 O  O   . HOH C 2 .  ? -16.859 9.709   -11.349 1.00 48.34 ? 175 HOH A O   1 
HETATM 1476 O  O   . HOH C 2 .  ? -10.339 -11.400 6.501   1.00 44.45 ? 176 HOH A O   1 
HETATM 1477 O  O   . HOH C 2 .  ? -0.512  10.788  2.787   1.00 26.75 ? 177 HOH A O   1 
HETATM 1478 O  O   . HOH C 2 .  ? -19.517 13.692  2.061   1.00 31.31 ? 178 HOH A O   1 
HETATM 1479 O  O   . HOH C 2 .  ? -20.630 -3.516  -4.036  1.00 36.73 ? 179 HOH A O   1 
HETATM 1480 O  O   . HOH C 2 .  ? -14.042 10.376  -7.698  1.00 41.16 ? 180 HOH A O   1 
HETATM 1481 O  O   . HOH C 2 .  ? -3.750  11.243  -8.753  1.00 41.12 ? 181 HOH A O   1 
HETATM 1482 O  O   . HOH C 2 .  ? -2.179  14.063  -0.332  1.00 52.35 ? 182 HOH A O   1 
HETATM 1483 O  O   . HOH C 2 .  ? -1.442  11.305  6.465   1.00 33.55 ? 183 HOH A O   1 
HETATM 1484 O  O   . HOH C 2 .  ? -2.490  -4.603  11.490  1.00 41.26 ? 184 HOH A O   1 
HETATM 1485 O  O   . HOH C 2 .  ? -2.994  -10.410 7.339   1.00 49.16 ? 185 HOH A O   1 
HETATM 1486 O  O   . HOH C 2 .  ? -17.752 11.156  4.818   1.00 26.68 ? 186 HOH A O   1 
HETATM 1487 O  O   . HOH C 2 .  ? -21.661 -1.730  -2.535  1.00 41.62 ? 187 HOH A O   1 
HETATM 1488 O  O   . HOH C 2 .  ? -11.999 7.135   -13.503 1.00 33.54 ? 188 HOH A O   1 
HETATM 1489 O  O   . HOH C 2 .  ? -13.088 5.133   -14.258 1.00 44.97 ? 189 HOH A O   1 
HETATM 1490 O  O   . HOH C 2 .  ? -20.340 6.937   -10.249 1.00 38.83 ? 190 HOH A O   1 
HETATM 1491 O  O   . HOH C 2 .  ? -13.496 10.852  13.201  1.00 41.13 ? 191 HOH A O   1 
HETATM 1492 O  O   . HOH C 2 .  ? -11.807 14.863  7.114   1.00 37.67 ? 192 HOH A O   1 
HETATM 1493 O  O   . HOH C 2 .  ? -10.982 -9.829  2.955   1.00 35.13 ? 193 HOH A O   1 
HETATM 1494 O  O   . HOH C 2 .  ? -14.871 -3.326  9.260   1.00 41.25 ? 194 HOH A O   1 
HETATM 1495 O  O   . HOH C 2 .  ? -1.695  -6.931  11.929  1.00 43.17 ? 195 HOH A O   1 
HETATM 1496 O  O   . HOH C 2 .  ? -16.595 -0.141  -13.755 1.00 38.56 ? 196 HOH A O   1 
HETATM 1497 O  O   . HOH C 2 .  ? -24.946 6.501   7.020   1.00 32.01 ? 197 HOH A O   1 
HETATM 1498 O  O   . HOH C 2 .  ? -1.415  12.313  8.864   1.00 35.97 ? 198 HOH A O   1 
HETATM 1499 O  O   . HOH C 2 .  ? -11.702 12.689  -8.740  0.50 47.42 ? 199 HOH A O   1 
HETATM 1500 O  O   . HOH C 2 .  ? -13.341 11.786  5.617   1.00 33.16 ? 200 HOH A O   1 
HETATM 1501 O  O   . HOH D 2 .  ? 14.349  7.829   7.135   1.00 10.79 ? 90  HOH B O   1 
HETATM 1502 O  O   . HOH D 2 .  ? 7.632   8.043   7.363   1.00 19.74 ? 91  HOH B O   1 
HETATM 1503 O  O   . HOH D 2 .  ? 17.986  -0.205  10.333  1.00 19.40 ? 92  HOH B O   1 
HETATM 1504 O  O   . HOH D 2 .  ? 5.944   8.450   0.229   1.00 18.68 ? 93  HOH B O   1 
HETATM 1505 O  O   . HOH D 2 .  ? 15.386  -1.394  9.450   1.00 19.56 ? 94  HOH B O   1 
HETATM 1506 O  O   . HOH D 2 .  ? 9.481   -11.753 -4.959  1.00 21.99 ? 95  HOH B O   1 
HETATM 1507 O  O   . HOH D 2 .  ? 4.012   -7.414  9.814   1.00 19.95 ? 96  HOH B O   1 
HETATM 1508 O  O   . HOH D 2 .  ? 10.842  5.377   15.868  1.00 21.37 ? 97  HOH B O   1 
HETATM 1509 O  O   . HOH D 2 .  ? 16.160  9.928   7.037   1.00 16.05 ? 98  HOH B O   1 
HETATM 1510 O  O   . HOH D 2 .  ? -2.647  -4.514  8.589   1.00 23.14 ? 99  HOH B O   1 
HETATM 1511 O  O   . HOH D 2 .  ? 22.184  2.542   -2.276  1.00 22.90 ? 100 HOH B O   1 
HETATM 1512 O  O   . HOH D 2 .  ? 14.853  9.021   -3.174  1.00 26.56 ? 101 HOH B O   1 
HETATM 1513 O  O   . HOH D 2 .  ? 10.888  11.410  12.502  1.00 16.36 ? 102 HOH B O   1 
HETATM 1514 O  O   . HOH D 2 .  ? 1.320   9.641   0.583   1.00 38.35 ? 103 HOH B O   1 
HETATM 1515 O  O   . HOH D 2 .  ? 3.821   -4.744  9.631   1.00 20.38 ? 104 HOH B O   1 
HETATM 1516 O  O   . HOH D 2 .  ? 12.025  9.759   7.316   1.00 27.29 ? 105 HOH B O   1 
HETATM 1517 O  O   . HOH D 2 .  ? 0.996   -4.503  9.925   1.00 26.32 ? 106 HOH B O   1 
HETATM 1518 O  O   . HOH D 2 .  ? -1.943  4.542   14.393  1.00 30.00 ? 107 HOH B O   1 
HETATM 1519 O  O   . HOH D 2 .  ? -4.734  -1.038  12.969  1.00 33.83 ? 108 HOH B O   1 
HETATM 1520 O  O   . HOH D 2 .  ? 21.883  -1.908  -7.421  1.00 25.65 ? 109 HOH B O   1 
HETATM 1521 O  O   . HOH D 2 .  ? 5.451   -9.057  7.850   1.00 32.48 ? 110 HOH B O   1 
HETATM 1522 O  O   . HOH D 2 .  ? 18.644  7.533   -0.666  1.00 31.00 ? 111 HOH B O   1 
HETATM 1523 O  O   . HOH D 2 .  ? 23.548  0.334   -3.133  1.00 31.95 ? 112 HOH B O   1 
HETATM 1524 O  O   . HOH D 2 .  ? -1.993  6.114   10.574  1.00 24.30 ? 113 HOH B O   1 
HETATM 1525 O  O   . HOH D 2 .  ? 17.645  7.833   -3.329  1.00 26.74 ? 114 HOH B O   1 
HETATM 1526 O  O   . HOH D 2 .  ? 11.488  2.401   15.943  1.00 38.30 ? 115 HOH B O   1 
HETATM 1527 O  O   . HOH D 2 .  ? 17.452  -9.972  -0.602  1.00 39.29 ? 116 HOH B O   1 
HETATM 1528 O  O   . HOH D 2 .  ? 7.047   -12.771 6.652   1.00 27.08 ? 117 HOH B O   1 
HETATM 1529 O  O   . HOH D 2 .  ? 23.488  -1.318  -5.387  1.00 27.55 ? 118 HOH B O   1 
HETATM 1530 O  O   . HOH D 2 .  ? 21.369  -1.203  4.341   1.00 22.39 ? 119 HOH B O   1 
HETATM 1531 O  O   . HOH D 2 .  ? 7.524   -4.907  -9.717  1.00 33.72 ? 120 HOH B O   1 
HETATM 1532 O  O   . HOH D 2 .  ? 8.711   -14.891 4.401   1.00 40.11 ? 121 HOH B O   1 
HETATM 1533 O  O   . HOH D 2 .  ? 23.554  -3.035  -3.482  1.00 37.83 ? 122 HOH B O   1 
HETATM 1534 O  O   . HOH D 2 .  ? 6.256   4.893   15.597  1.00 37.66 ? 123 HOH B O   1 
HETATM 1535 O  O   . HOH D 2 .  ? 23.793  -9.689  -0.109  1.00 41.48 ? 124 HOH B O   1 
HETATM 1536 O  O   . HOH D 2 .  ? 24.470  -7.411  2.939   1.00 33.83 ? 125 HOH B O   1 
HETATM 1537 O  O   . HOH D 2 .  ? 6.356   8.825   17.103  1.00 25.55 ? 126 HOH B O   1 
HETATM 1538 O  O   . HOH D 2 .  ? -2.540  6.704   13.124  1.00 22.65 ? 127 HOH B O   1 
HETATM 1539 O  O   . HOH D 2 .  ? 15.201  -3.718  10.862  1.00 24.12 ? 128 HOH B O   1 
HETATM 1540 O  O   . HOH D 2 .  ? 1.930   -12.856 4.379   1.00 26.91 ? 129 HOH B O   1 
HETATM 1541 O  O   . HOH D 2 .  ? 19.618  -10.574 6.150   1.00 29.27 ? 130 HOH B O   1 
HETATM 1542 O  O   . HOH D 2 .  ? 3.383   -4.576  -8.374  1.00 28.63 ? 131 HOH B O   1 
HETATM 1543 O  O   . HOH D 2 .  ? 24.047  -1.901  4.200   1.00 39.08 ? 132 HOH B O   1 
HETATM 1544 O  O   . HOH D 2 .  ? 6.673   -2.600  15.697  1.00 32.56 ? 133 HOH B O   1 
HETATM 1545 O  O   . HOH D 2 .  ? 22.020  -7.803  -5.070  1.00 35.56 ? 134 HOH B O   1 
HETATM 1546 O  O   . HOH D 2 .  ? 15.899  11.095  -1.601  1.00 40.16 ? 135 HOH B O   1 
HETATM 1547 O  O   . HOH D 2 .  ? 6.942   -11.008 9.013   1.00 26.42 ? 136 HOH B O   1 
HETATM 1548 O  O   . HOH D 2 .  ? 0.092   11.301  -3.374  1.00 31.18 ? 137 HOH B O   1 
HETATM 1549 O  O   . HOH D 2 .  ? 25.918  -9.754  -2.205  1.00 49.30 ? 138 HOH B O   1 
HETATM 1550 O  O   . HOH D 2 .  ? 6.543   0.096   15.152  1.00 39.22 ? 139 HOH B O   1 
HETATM 1551 O  O   . HOH D 2 .  ? 7.488   -16.772 1.288   1.00 25.31 ? 140 HOH B O   1 
HETATM 1552 O  O   . HOH D 2 .  ? 8.508   5.510   16.888  1.00 25.12 ? 141 HOH B O   1 
HETATM 1553 O  O   . HOH D 2 .  ? 14.394  -6.275  9.289   1.00 33.88 ? 142 HOH B O   1 
HETATM 1554 O  O   . HOH D 2 .  ? 5.326   13.264  7.392   1.00 32.00 ? 143 HOH B O   1 
HETATM 1555 O  O   . HOH D 2 .  ? 4.854   -6.979  12.330  1.00 28.62 ? 144 HOH B O   1 
HETATM 1556 O  O   . HOH D 2 .  ? 13.601  -4.414  12.909  1.00 50.33 ? 145 HOH B O   1 
HETATM 1557 O  O   . HOH D 2 .  ? 0.517   -10.074 6.435   1.00 30.45 ? 146 HOH B O   1 
HETATM 1558 O  O   . HOH D 2 .  ? 19.974  3.956   3.277   1.00 33.67 ? 147 HOH B O   1 
HETATM 1559 O  O   . HOH D 2 .  ? 16.368  10.608  4.025   1.00 38.59 ? 148 HOH B O   1 
HETATM 1560 O  O   . HOH D 2 .  ? 18.815  -12.554 1.152   1.00 36.80 ? 149 HOH B O   1 
HETATM 1561 O  O   . HOH D 2 .  ? 10.924  -14.220 -5.027  1.00 22.17 ? 150 HOH B O   1 
HETATM 1562 O  O   . HOH D 2 .  ? 14.091  -13.116 3.607   1.00 21.98 ? 151 HOH B O   1 
HETATM 1563 O  O   . HOH D 2 .  ? 11.931  11.988  9.304   1.00 22.99 ? 152 HOH B O   1 
HETATM 1564 O  O   . HOH D 2 .  ? 21.591  3.354   15.679  1.00 21.86 ? 153 HOH B O   1 
HETATM 1565 O  O   . HOH D 2 .  ? 12.667  11.582  5.100   1.00 33.62 ? 154 HOH B O   1 
HETATM 1566 O  O   . HOH D 2 .  ? 7.057   14.892  11.243  1.00 31.07 ? 155 HOH B O   1 
HETATM 1567 O  O   . HOH D 2 .  ? 2.626   -13.059 -0.203  1.00 29.10 ? 156 HOH B O   1 
HETATM 1568 O  O   . HOH D 2 .  ? 19.368  1.152   8.241   1.00 31.14 ? 157 HOH B O   1 
HETATM 1569 O  O   . HOH D 2 .  ? 15.994  -13.471 -5.344  1.00 29.60 ? 158 HOH B O   1 
HETATM 1570 O  O   . HOH D 2 .  ? 22.850  14.469  -2.256  1.00 42.22 ? 159 HOH B O   1 
HETATM 1571 O  O   . HOH D 2 .  ? 13.364  -13.729 -6.658  1.00 34.11 ? 160 HOH B O   1 
HETATM 1572 O  O   . HOH D 2 .  ? 17.515  12.309  12.677  1.00 35.71 ? 161 HOH B O   1 
HETATM 1573 O  O   . HOH D 2 .  ? 20.455  7.844   3.123   1.00 36.02 ? 162 HOH B O   1 
HETATM 1574 O  O   . HOH D 2 .  ? 7.029   -12.014 -5.979  1.00 32.11 ? 163 HOH B O   1 
HETATM 1575 O  O   . HOH D 2 .  ? 19.743  -9.331  -1.750  1.00 32.23 ? 164 HOH B O   1 
HETATM 1576 O  O   . HOH D 2 .  ? 8.501   -1.091  -13.128 1.00 38.38 ? 165 HOH B O   1 
HETATM 1577 O  O   . HOH D 2 .  ? 14.861  11.310  1.870   1.00 35.93 ? 166 HOH B O   1 
HETATM 1578 O  O   . HOH D 2 .  ? 2.838   -13.862 7.189   1.00 32.90 ? 167 HOH B O   1 
HETATM 1579 O  O   . HOH D 2 .  ? -2.722  1.185   14.231  1.00 38.87 ? 168 HOH B O   1 
HETATM 1580 O  O   . HOH D 2 .  ? 12.780  -1.892  16.525  1.00 42.87 ? 169 HOH B O   1 
HETATM 1581 O  O   . HOH D 2 .  ? 20.711  7.977   17.594  1.00 37.90 ? 170 HOH B O   1 
HETATM 1582 O  O   . HOH D 2 .  ? 3.217   -11.261 7.786   1.00 47.42 ? 171 HOH B O   1 
HETATM 1583 O  O   . HOH D 2 .  ? 20.438  -1.421  11.047  1.00 36.68 ? 172 HOH B O   1 
HETATM 1584 O  O   . HOH D 2 .  ? 26.167  -1.834  -1.528  1.00 41.92 ? 173 HOH B O   1 
HETATM 1585 O  O   . HOH D 2 .  ? 17.144  9.964   -7.035  1.00 39.74 ? 174 HOH B O   1 
HETATM 1586 O  O   . HOH D 2 .  ? 24.079  4.399   -1.814  1.00 40.44 ? 175 HOH B O   1 
HETATM 1587 O  O   . HOH D 2 .  ? 22.454  1.624   1.584   1.00 35.74 ? 176 HOH B O   1 
HETATM 1588 O  O   . HOH D 2 .  ? 10.163  14.071  8.026   1.00 35.55 ? 177 HOH B O   1 
HETATM 1589 O  O   . HOH D 2 .  ? 27.934  -4.125  -0.493  1.00 49.55 ? 178 HOH B O   1 
HETATM 1590 O  O   . HOH D 2 .  ? 17.731  -10.992 -8.802  1.00 38.77 ? 179 HOH B O   1 
HETATM 1591 O  O   . HOH D 2 .  ? 12.600  9.738   -5.167  1.00 43.02 ? 180 HOH B O   1 
HETATM 1592 O  O   . HOH D 2 .  ? 23.391  -4.828  -7.506  1.00 47.67 ? 181 HOH B O   1 
HETATM 1593 O  O   . HOH D 2 .  ? -5.057  -15.619 -0.328  1.00 44.54 ? 182 HOH B O   1 
HETATM 1594 O  O   . HOH D 2 .  ? 17.397  -13.641 -3.161  1.00 38.61 ? 183 HOH B O   1 
HETATM 1595 O  O   . HOH D 2 .  ? 21.327  -8.715  6.689   1.00 44.77 ? 184 HOH B O   1 
HETATM 1596 O  O   . HOH D 2 .  ? 6.813   16.566  8.690   1.00 41.30 ? 185 HOH B O   1 
HETATM 1597 O  O   . HOH D 2 .  ? 15.478  -13.537 1.231   1.00 36.21 ? 186 HOH B O   1 
HETATM 1598 O  O   . HOH D 2 .  ? 17.900  9.771   9.534   1.00 37.57 ? 187 HOH B O   1 
HETATM 1599 O  O   . HOH D 2 .  ? 25.081  -5.421  -4.191  1.00 40.82 ? 188 HOH B O   1 
HETATM 1600 O  O   . HOH D 2 .  ? 21.951  -4.382  -10.130 1.00 48.22 ? 189 HOH B O   1 
HETATM 1601 O  O   . HOH D 2 .  ? 15.092  9.736   -11.546 1.00 47.94 ? 190 HOH B O   1 
HETATM 1602 O  O   . HOH D 2 .  ? 14.997  12.191  6.703   1.00 42.07 ? 191 HOH B O   1 
HETATM 1603 O  O   . HOH D 2 .  ? 8.584   3.618   18.713  1.00 40.41 ? 192 HOH B O   1 
HETATM 1604 O  O   . HOH D 2 .  ? 4.050   -7.375  -8.477  1.00 50.49 ? 193 HOH B O   1 
HETATM 1605 O  O   . HOH D 2 .  ? 15.927  -12.321 8.100   1.00 32.91 ? 194 HOH B O   1 
HETATM 1606 O  O   . HOH D 2 .  ? 8.825   -10.130 11.097  1.00 43.83 ? 195 HOH B O   1 
HETATM 1607 O  O   . HOH D 2 .  ? 18.853  8.584   -5.721  1.00 44.40 ? 196 HOH B O   1 
HETATM 1608 O  O   . HOH D 2 .  ? 27.368  1.088   -6.437  1.00 38.00 ? 197 HOH B O   1 
HETATM 1609 O  O   . HOH D 2 .  ? -1.160  -15.482 -0.772  1.00 40.54 ? 198 HOH B O   1 
HETATM 1610 O  O   . HOH D 2 .  ? 1.219   -5.244  12.584  1.00 39.60 ? 199 HOH B O   1 
HETATM 1611 O  O   . HOH D 2 .  ? 3.134   11.409  -5.303  1.00 43.78 ? 200 HOH B O   1 
HETATM 1612 O  O   . HOH D 2 .  ? 12.288  -6.897  10.883  1.00 39.71 ? 201 HOH B O   1 
HETATM 1613 O  O   . HOH D 2 .  ? 25.679  -1.031  -7.180  1.00 35.13 ? 202 HOH B O   1 
HETATM 1614 O  O   . HOH D 2 .  ? 21.622  12.696  -5.345  1.00 42.68 ? 203 HOH B O   1 
HETATM 1615 O  O   . HOH D 2 .  ? 25.074  8.800   -2.266  1.00 35.07 ? 204 HOH B O   1 
HETATM 1616 O  O   . HOH D 2 .  ? 10.822  -10.821 -7.335  1.00 34.10 ? 205 HOH B O   1 
HETATM 1617 O  O   . HOH D 2 .  ? 9.378   0.684   16.010  1.00 34.49 ? 206 HOH B O   1 
# 
